data_2YSX
#
_entry.id   2YSX
#
_entity_poly.entity_id   1
_entity_poly.type   'polypeptide(L)'
_entity_poly.pdbx_seq_one_letter_code
;GSSGSSGMVPCWNHGNITRSKAEELLSRTGKDGSFLVRASESISRAYALCVLYRNCVYTYRILPNEDDKFTVQASEGVSM
RFFTKLDQLIEFYKKENMGLVTHLQYPVPLEEEDTGDDP
;
_entity_poly.pdbx_strand_id   A
#
# COMPACT_ATOMS: atom_id res chain seq x y z
N GLY A 1 17.95 -13.04 -6.38
CA GLY A 1 16.90 -12.66 -5.44
C GLY A 1 16.07 -11.50 -5.94
N SER A 2 15.47 -11.65 -7.12
CA SER A 2 14.66 -10.60 -7.71
C SER A 2 13.28 -11.13 -8.08
N SER A 3 12.43 -10.25 -8.59
CA SER A 3 11.07 -10.62 -8.99
C SER A 3 10.50 -9.62 -9.99
N GLY A 4 9.32 -9.93 -10.51
CA GLY A 4 8.68 -9.06 -11.47
C GLY A 4 7.50 -9.71 -12.16
N SER A 5 6.72 -8.91 -12.88
CA SER A 5 5.55 -9.42 -13.59
C SER A 5 5.32 -8.64 -14.89
N SER A 6 4.74 -9.32 -15.88
CA SER A 6 4.45 -8.69 -17.17
C SER A 6 3.10 -7.98 -17.14
N GLY A 7 3.09 -6.73 -17.58
CA GLY A 7 1.85 -5.96 -17.61
C GLY A 7 1.95 -4.68 -16.81
N MET A 8 1.08 -3.73 -17.12
CA MET A 8 1.07 -2.45 -16.41
C MET A 8 1.16 -2.65 -14.90
N VAL A 9 1.62 -1.63 -14.19
CA VAL A 9 1.76 -1.69 -12.74
C VAL A 9 1.38 -0.37 -12.10
N PRO A 10 0.81 -0.45 -10.88
CA PRO A 10 0.41 0.74 -10.12
C PRO A 10 1.59 1.55 -9.62
N CYS A 11 1.32 2.55 -8.79
CA CYS A 11 2.36 3.40 -8.24
C CYS A 11 2.39 3.31 -6.71
N TRP A 12 1.32 2.76 -6.14
CA TRP A 12 1.22 2.62 -4.70
C TRP A 12 1.97 1.38 -4.22
N ASN A 13 2.38 0.54 -5.16
CA ASN A 13 3.11 -0.68 -4.84
C ASN A 13 4.61 -0.46 -4.96
N HIS A 14 5.14 0.41 -4.10
CA HIS A 14 6.56 0.71 -4.11
C HIS A 14 7.40 -0.56 -4.24
N GLY A 15 7.40 -1.37 -3.18
CA GLY A 15 8.16 -2.61 -3.21
C GLY A 15 8.92 -2.86 -1.92
N ASN A 16 10.08 -3.49 -2.04
CA ASN A 16 10.91 -3.79 -0.87
C ASN A 16 11.64 -2.53 -0.40
N ILE A 17 11.12 -1.89 0.64
CA ILE A 17 11.73 -0.69 1.19
C ILE A 17 11.75 -0.73 2.70
N THR A 18 12.64 0.06 3.29
CA THR A 18 12.77 0.12 4.75
C THR A 18 11.66 0.97 5.36
N ARG A 19 11.48 0.85 6.67
CA ARG A 19 10.46 1.60 7.37
C ARG A 19 10.62 3.11 7.13
N SER A 20 11.73 3.65 7.59
CA SER A 20 12.02 5.08 7.43
C SER A 20 11.48 5.58 6.10
N LYS A 21 11.64 4.78 5.05
CA LYS A 21 11.18 5.15 3.72
C LYS A 21 9.66 5.27 3.69
N ALA A 22 8.97 4.20 4.08
CA ALA A 22 7.51 4.20 4.11
C ALA A 22 6.97 5.55 4.56
N GLU A 23 7.37 5.98 5.75
CA GLU A 23 6.92 7.25 6.30
C GLU A 23 7.47 8.42 5.49
N GLU A 24 8.78 8.41 5.29
CA GLU A 24 9.45 9.47 4.52
C GLU A 24 8.57 9.93 3.36
N LEU A 25 8.22 8.99 2.48
CA LEU A 25 7.38 9.30 1.33
C LEU A 25 6.12 10.04 1.75
N LEU A 26 5.30 9.39 2.58
CA LEU A 26 4.06 10.00 3.06
C LEU A 26 4.28 11.44 3.47
N SER A 27 5.27 11.67 4.33
CA SER A 27 5.58 13.01 4.80
C SER A 27 5.55 14.02 3.66
N ARG A 28 6.29 13.71 2.59
CA ARG A 28 6.34 14.59 1.42
C ARG A 28 4.96 15.11 1.07
N THR A 29 4.07 14.22 0.66
CA THR A 29 2.71 14.59 0.29
C THR A 29 2.05 15.40 1.39
N GLY A 30 1.90 14.79 2.57
CA GLY A 30 1.28 15.48 3.69
C GLY A 30 -0.22 15.63 3.52
N LYS A 31 -0.84 14.66 2.87
CA LYS A 31 -2.28 14.70 2.63
C LYS A 31 -3.00 13.74 3.57
N ASP A 32 -4.24 14.10 3.93
CA ASP A 32 -5.04 13.26 4.82
C ASP A 32 -5.72 12.15 4.06
N GLY A 33 -4.99 11.54 3.13
CA GLY A 33 -5.54 10.45 2.34
C GLY A 33 -4.48 9.72 1.54
N SER A 34 -3.23 9.82 1.98
CA SER A 34 -2.13 9.16 1.29
C SER A 34 -1.96 7.73 1.78
N PHE A 35 -1.44 6.87 0.90
CA PHE A 35 -1.22 5.47 1.24
C PHE A 35 -0.18 4.84 0.32
N LEU A 36 0.34 3.69 0.74
CA LEU A 36 1.35 2.99 -0.05
C LEU A 36 1.53 1.56 0.46
N VAL A 37 2.22 0.74 -0.33
CA VAL A 37 2.47 -0.65 0.04
C VAL A 37 3.95 -1.00 -0.11
N ARG A 38 4.39 -2.00 0.65
CA ARG A 38 5.78 -2.43 0.61
C ARG A 38 5.92 -3.88 1.07
N ALA A 39 7.05 -4.49 0.74
CA ALA A 39 7.30 -5.88 1.12
C ALA A 39 7.81 -5.97 2.55
N SER A 40 7.08 -6.69 3.40
CA SER A 40 7.45 -6.85 4.80
C SER A 40 8.84 -7.48 4.92
N GLU A 41 9.73 -6.81 5.64
CA GLU A 41 11.08 -7.31 5.83
C GLU A 41 11.07 -8.68 6.50
N SER A 42 10.41 -8.77 7.65
CA SER A 42 10.32 -10.02 8.39
C SER A 42 9.98 -11.18 7.46
N ILE A 43 8.79 -11.11 6.86
CA ILE A 43 8.34 -12.16 5.95
C ILE A 43 7.94 -11.57 4.60
N SER A 44 8.54 -12.08 3.53
CA SER A 44 8.25 -11.60 2.19
C SER A 44 6.83 -11.97 1.78
N ARG A 45 6.41 -13.19 2.11
CA ARG A 45 5.08 -13.66 1.78
C ARG A 45 4.02 -12.67 2.24
N ALA A 46 4.39 -11.82 3.19
CA ALA A 46 3.47 -10.82 3.72
C ALA A 46 3.79 -9.44 3.16
N TYR A 47 2.85 -8.51 3.31
CA TYR A 47 3.03 -7.15 2.82
C TYR A 47 2.84 -6.14 3.94
N ALA A 48 3.03 -4.86 3.63
CA ALA A 48 2.87 -3.80 4.61
C ALA A 48 2.20 -2.57 3.99
N LEU A 49 1.01 -2.26 4.47
CA LEU A 49 0.26 -1.11 3.95
C LEU A 49 0.34 0.06 4.92
N CYS A 50 0.90 1.16 4.47
CA CYS A 50 1.05 2.36 5.29
C CYS A 50 0.01 3.40 4.91
N VAL A 51 -0.65 3.97 5.92
CA VAL A 51 -1.68 4.98 5.69
C VAL A 51 -1.45 6.19 6.58
N LEU A 52 -1.27 7.35 5.94
CA LEU A 52 -1.03 8.60 6.68
C LEU A 52 -2.35 9.26 7.05
N TYR A 53 -2.40 9.84 8.24
CA TYR A 53 -3.60 10.51 8.72
C TYR A 53 -3.30 11.38 9.93
N ARG A 54 -3.73 12.64 9.87
CA ARG A 54 -3.49 13.58 10.97
C ARG A 54 -2.04 13.53 11.42
N ASN A 55 -1.13 13.35 10.47
CA ASN A 55 0.29 13.28 10.79
C ASN A 55 0.61 12.04 11.59
N CYS A 56 0.16 10.89 11.10
CA CYS A 56 0.40 9.62 11.77
C CYS A 56 0.42 8.47 10.77
N VAL A 57 1.50 7.71 10.76
CA VAL A 57 1.64 6.57 9.85
C VAL A 57 1.11 5.29 10.48
N TYR A 58 0.09 4.71 9.86
CA TYR A 58 -0.51 3.48 10.37
C TYR A 58 -0.17 2.30 9.46
N THR A 59 0.79 1.49 9.90
CA THR A 59 1.21 0.32 9.13
C THR A 59 0.26 -0.84 9.33
N TYR A 60 0.06 -1.63 8.27
CA TYR A 60 -0.83 -2.77 8.34
C TYR A 60 -0.18 -4.01 7.74
N ARG A 61 0.02 -5.03 8.56
CA ARG A 61 0.65 -6.27 8.12
C ARG A 61 -0.35 -7.15 7.38
N ILE A 62 0.05 -7.68 6.24
CA ILE A 62 -0.82 -8.53 5.44
C ILE A 62 -0.25 -9.94 5.33
N LEU A 63 -0.77 -10.84 6.17
CA LEU A 63 -0.31 -12.23 6.18
C LEU A 63 -1.10 -13.06 5.16
N PRO A 64 -0.42 -14.04 4.54
CA PRO A 64 -1.03 -14.92 3.54
C PRO A 64 -2.03 -15.89 4.17
N ASN A 65 -2.94 -16.41 3.36
CA ASN A 65 -3.95 -17.35 3.84
C ASN A 65 -3.75 -18.73 3.21
N GLU A 66 -4.45 -19.72 3.75
CA GLU A 66 -4.35 -21.08 3.24
C GLU A 66 -4.35 -21.10 1.71
N ASP A 67 -5.13 -20.21 1.11
CA ASP A 67 -5.23 -20.12 -0.33
C ASP A 67 -4.33 -19.00 -0.87
N ASP A 68 -3.18 -18.83 -0.24
CA ASP A 68 -2.22 -17.81 -0.65
C ASP A 68 -2.95 -16.52 -1.03
N LYS A 69 -3.78 -16.03 -0.12
CA LYS A 69 -4.53 -14.80 -0.34
C LYS A 69 -4.10 -13.71 0.63
N PHE A 70 -4.01 -12.48 0.13
CA PHE A 70 -3.60 -11.35 0.95
C PHE A 70 -4.80 -10.76 1.69
N THR A 71 -4.81 -10.88 3.01
CA THR A 71 -5.89 -10.36 3.84
C THR A 71 -5.35 -9.60 5.04
N VAL A 72 -5.71 -8.32 5.12
CA VAL A 72 -5.26 -7.48 6.23
C VAL A 72 -5.66 -8.08 7.57
N GLN A 73 -4.66 -8.31 8.43
CA GLN A 73 -4.91 -8.89 9.75
C GLN A 73 -5.24 -7.79 10.77
N ALA A 74 -6.03 -6.82 10.35
CA ALA A 74 -6.42 -5.71 11.22
C ALA A 74 -7.55 -6.12 12.14
N SER A 75 -8.73 -6.32 11.58
CA SER A 75 -9.91 -6.71 12.35
C SER A 75 -9.69 -8.07 13.01
N GLU A 76 -10.68 -8.50 13.80
CA GLU A 76 -10.59 -9.78 14.50
C GLU A 76 -10.72 -10.94 13.51
N GLY A 77 -11.94 -11.13 13.00
CA GLY A 77 -12.17 -12.21 12.06
C GLY A 77 -13.62 -12.27 11.60
N VAL A 78 -14.29 -11.13 11.62
CA VAL A 78 -15.69 -11.05 11.20
C VAL A 78 -15.86 -10.11 10.01
N SER A 79 -15.30 -8.92 10.13
CA SER A 79 -15.39 -7.92 9.07
C SER A 79 -14.11 -7.88 8.25
N MET A 80 -13.68 -9.04 7.75
CA MET A 80 -12.47 -9.13 6.95
C MET A 80 -12.72 -9.91 5.67
N ARG A 81 -12.26 -9.38 4.55
CA ARG A 81 -12.44 -10.03 3.25
C ARG A 81 -11.18 -10.82 2.88
N PHE A 82 -11.23 -11.47 1.72
CA PHE A 82 -10.10 -12.25 1.23
C PHE A 82 -9.92 -12.07 -0.27
N PHE A 83 -8.76 -11.58 -0.67
CA PHE A 83 -8.46 -11.37 -2.08
C PHE A 83 -7.17 -12.08 -2.48
N THR A 84 -7.15 -12.61 -3.70
CA THR A 84 -5.99 -13.32 -4.20
C THR A 84 -4.96 -12.36 -4.78
N LYS A 85 -5.44 -11.20 -5.25
CA LYS A 85 -4.56 -10.19 -5.83
C LYS A 85 -4.38 -9.02 -4.88
N LEU A 86 -3.22 -8.37 -4.96
CA LEU A 86 -2.93 -7.23 -4.11
C LEU A 86 -3.76 -6.02 -4.50
N ASP A 87 -3.66 -5.61 -5.76
CA ASP A 87 -4.42 -4.47 -6.26
C ASP A 87 -5.90 -4.62 -5.96
N GLN A 88 -6.42 -5.82 -6.15
CA GLN A 88 -7.83 -6.10 -5.89
C GLN A 88 -8.17 -5.86 -4.43
N LEU A 89 -7.17 -5.97 -3.57
CA LEU A 89 -7.36 -5.77 -2.14
C LEU A 89 -7.34 -4.29 -1.78
N ILE A 90 -6.42 -3.56 -2.39
CA ILE A 90 -6.29 -2.12 -2.14
C ILE A 90 -7.56 -1.38 -2.56
N GLU A 91 -7.90 -1.46 -3.84
CA GLU A 91 -9.09 -0.79 -4.35
C GLU A 91 -10.27 -0.98 -3.41
N PHE A 92 -10.55 -2.24 -3.06
CA PHE A 92 -11.66 -2.55 -2.16
C PHE A 92 -11.62 -1.66 -0.91
N TYR A 93 -10.41 -1.43 -0.42
CA TYR A 93 -10.23 -0.61 0.78
C TYR A 93 -10.14 0.87 0.40
N LYS A 94 -10.80 1.25 -0.68
CA LYS A 94 -10.80 2.63 -1.14
C LYS A 94 -11.89 3.44 -0.45
N LYS A 95 -12.92 2.75 0.03
CA LYS A 95 -14.02 3.40 0.72
C LYS A 95 -13.68 3.65 2.20
N GLU A 96 -14.48 4.48 2.85
CA GLU A 96 -14.27 4.79 4.26
C GLU A 96 -15.16 3.93 5.16
N ASN A 97 -14.88 3.97 6.46
CA ASN A 97 -15.66 3.20 7.43
C ASN A 97 -15.46 1.70 7.20
N MET A 98 -14.21 1.30 7.02
CA MET A 98 -13.89 -0.11 6.79
C MET A 98 -13.05 -0.66 7.94
N GLY A 99 -11.78 -0.27 7.99
CA GLY A 99 -10.90 -0.74 9.04
C GLY A 99 -9.70 0.17 9.24
N LEU A 100 -9.16 0.67 8.13
CA LEU A 100 -8.00 1.55 8.18
C LEU A 100 -8.36 2.89 8.83
N VAL A 101 -7.34 3.69 9.12
CA VAL A 101 -7.55 5.00 9.73
C VAL A 101 -8.22 5.96 8.76
N THR A 102 -7.71 6.02 7.53
CA THR A 102 -8.25 6.90 6.51
C THR A 102 -8.46 6.16 5.20
N HIS A 103 -9.39 6.64 4.39
CA HIS A 103 -9.68 6.03 3.09
C HIS A 103 -8.66 6.44 2.04
N LEU A 104 -8.12 5.47 1.32
CA LEU A 104 -7.14 5.73 0.29
C LEU A 104 -7.64 6.80 -0.68
N GLN A 105 -7.03 7.99 -0.62
CA GLN A 105 -7.41 9.09 -1.49
C GLN A 105 -6.56 9.09 -2.76
N TYR A 106 -5.26 9.23 -2.60
CA TYR A 106 -4.35 9.25 -3.74
C TYR A 106 -3.13 8.37 -3.47
N PRO A 107 -2.82 7.49 -4.43
CA PRO A 107 -1.68 6.57 -4.34
C PRO A 107 -0.35 7.30 -4.45
N VAL A 108 0.20 7.67 -3.29
CA VAL A 108 1.49 8.37 -3.26
C VAL A 108 2.47 7.76 -4.23
N PRO A 109 3.02 8.60 -5.13
CA PRO A 109 3.99 8.17 -6.13
C PRO A 109 5.34 7.78 -5.52
N LEU A 110 6.12 7.01 -6.26
CA LEU A 110 7.43 6.57 -5.78
C LEU A 110 8.37 7.76 -5.60
N GLU A 111 9.59 7.48 -5.14
CA GLU A 111 10.58 8.53 -4.92
C GLU A 111 11.67 8.49 -5.99
N GLU A 112 11.31 8.87 -7.20
CA GLU A 112 12.26 8.88 -8.32
C GLU A 112 12.78 10.28 -8.59
N GLU A 113 14.03 10.36 -9.02
CA GLU A 113 14.65 11.65 -9.32
C GLU A 113 13.89 12.39 -10.42
N ASP A 114 13.23 13.48 -10.06
CA ASP A 114 12.46 14.26 -11.01
C ASP A 114 13.15 15.61 -11.27
N THR A 115 13.54 15.83 -12.53
CA THR A 115 14.21 17.07 -12.91
C THR A 115 13.50 17.72 -14.09
N GLY A 116 12.65 18.69 -13.79
CA GLY A 116 11.92 19.39 -14.84
C GLY A 116 12.53 20.74 -15.17
N ASP A 117 12.95 20.90 -16.43
CA ASP A 117 13.56 22.15 -16.88
C ASP A 117 12.53 23.28 -16.88
N ASP A 118 11.64 23.26 -17.86
CA ASP A 118 10.61 24.29 -17.98
C ASP A 118 9.38 23.91 -17.18
N PRO A 119 8.63 24.93 -16.73
CA PRO A 119 7.40 24.73 -15.94
C PRO A 119 6.28 24.13 -16.76
N GLY A 1 12.39 -19.15 -16.62
CA GLY A 1 12.52 -18.24 -17.73
C GLY A 1 13.35 -17.02 -17.39
N SER A 2 12.91 -15.85 -17.87
CA SER A 2 13.63 -14.61 -17.62
C SER A 2 12.65 -13.48 -17.32
N SER A 3 12.84 -12.81 -16.19
CA SER A 3 11.98 -11.71 -15.79
C SER A 3 12.71 -10.37 -15.92
N GLY A 4 12.02 -9.39 -16.50
CA GLY A 4 12.61 -8.08 -16.68
C GLY A 4 11.82 -7.22 -17.66
N SER A 5 10.51 -7.14 -17.44
CA SER A 5 9.63 -6.36 -18.30
C SER A 5 8.77 -5.40 -17.47
N SER A 6 8.33 -4.32 -18.10
CA SER A 6 7.50 -3.34 -17.42
C SER A 6 6.08 -3.33 -17.99
N GLY A 7 5.16 -3.97 -17.28
CA GLY A 7 3.79 -4.03 -17.72
C GLY A 7 2.84 -3.32 -16.79
N MET A 8 1.54 -3.56 -16.96
CA MET A 8 0.52 -2.94 -16.13
C MET A 8 0.75 -3.28 -14.65
N VAL A 9 1.47 -2.42 -13.95
CA VAL A 9 1.75 -2.63 -12.54
C VAL A 9 1.30 -1.44 -11.70
N PRO A 10 0.92 -1.71 -10.44
CA PRO A 10 0.47 -0.67 -9.51
C PRO A 10 1.60 0.26 -9.08
N CYS A 11 1.27 1.53 -8.88
CA CYS A 11 2.26 2.53 -8.46
C CYS A 11 2.30 2.64 -6.95
N TRP A 12 1.35 2.00 -6.28
CA TRP A 12 1.28 2.03 -4.83
C TRP A 12 2.00 0.83 -4.22
N ASN A 13 2.72 0.10 -5.06
CA ASN A 13 3.46 -1.07 -4.60
C ASN A 13 4.96 -0.91 -4.85
N HIS A 14 5.64 -0.24 -3.91
CA HIS A 14 7.07 -0.02 -4.03
C HIS A 14 7.84 -1.33 -3.99
N GLY A 15 7.74 -2.04 -2.87
CA GLY A 15 8.43 -3.32 -2.74
C GLY A 15 9.29 -3.37 -1.48
N ASN A 16 10.44 -4.02 -1.59
CA ASN A 16 11.36 -4.15 -0.46
C ASN A 16 12.09 -2.83 -0.20
N ILE A 17 11.59 -2.06 0.76
CA ILE A 17 12.20 -0.79 1.11
C ILE A 17 12.30 -0.62 2.63
N THR A 18 13.26 0.19 3.06
CA THR A 18 13.46 0.44 4.48
C THR A 18 12.26 1.17 5.08
N ARG A 19 12.17 1.14 6.41
CA ARG A 19 11.08 1.81 7.12
C ARG A 19 11.05 3.30 6.80
N SER A 20 12.21 3.94 6.95
CA SER A 20 12.32 5.37 6.69
C SER A 20 11.73 5.73 5.33
N LYS A 21 12.12 4.98 4.30
CA LYS A 21 11.62 5.22 2.95
C LYS A 21 10.10 5.37 2.96
N ALA A 22 9.40 4.31 3.33
CA ALA A 22 7.94 4.32 3.37
C ALA A 22 7.43 5.60 4.02
N GLU A 23 8.17 6.10 5.00
CA GLU A 23 7.79 7.31 5.72
C GLU A 23 8.11 8.56 4.87
N GLU A 24 9.40 8.83 4.69
CA GLU A 24 9.83 9.98 3.92
C GLU A 24 8.91 10.20 2.72
N LEU A 25 8.40 9.11 2.17
CA LEU A 25 7.51 9.17 1.01
C LEU A 25 6.18 9.82 1.38
N LEU A 26 5.61 9.39 2.50
CA LEU A 26 4.34 9.93 2.97
C LEU A 26 4.51 11.37 3.45
N SER A 27 5.48 11.59 4.33
CA SER A 27 5.74 12.91 4.88
C SER A 27 5.76 13.95 3.76
N ARG A 28 6.44 13.63 2.67
CA ARG A 28 6.55 14.54 1.53
C ARG A 28 5.17 15.06 1.13
N THR A 29 4.36 14.17 0.56
CA THR A 29 3.02 14.53 0.11
C THR A 29 2.32 15.40 1.16
N GLY A 30 2.18 14.88 2.36
CA GLY A 30 1.52 15.61 3.43
C GLY A 30 0.04 15.82 3.17
N LYS A 31 -0.68 14.72 2.97
CA LYS A 31 -2.11 14.79 2.71
C LYS A 31 -2.86 13.75 3.54
N ASP A 32 -3.99 14.15 4.11
CA ASP A 32 -4.80 13.24 4.92
C ASP A 32 -5.54 12.24 4.04
N GLY A 33 -4.88 11.12 3.76
CA GLY A 33 -5.48 10.09 2.93
C GLY A 33 -4.45 9.26 2.19
N SER A 34 -3.24 9.78 2.10
CA SER A 34 -2.15 9.09 1.42
C SER A 34 -2.02 7.65 1.92
N PHE A 35 -1.46 6.78 1.07
CA PHE A 35 -1.28 5.38 1.43
C PHE A 35 -0.38 4.68 0.41
N LEU A 36 0.23 3.58 0.83
CA LEU A 36 1.11 2.80 -0.04
C LEU A 36 1.27 1.37 0.46
N VAL A 37 2.06 0.59 -0.25
CA VAL A 37 2.29 -0.81 0.13
C VAL A 37 3.76 -1.17 0.00
N ARG A 38 4.26 -1.97 0.93
CA ARG A 38 5.66 -2.40 0.92
C ARG A 38 5.80 -3.82 1.46
N ALA A 39 7.01 -4.35 1.38
CA ALA A 39 7.28 -5.70 1.86
C ALA A 39 7.73 -5.68 3.31
N SER A 40 6.93 -6.31 4.18
CA SER A 40 7.23 -6.36 5.60
C SER A 40 8.65 -6.86 5.83
N GLU A 41 9.07 -6.88 7.10
CA GLU A 41 10.41 -7.34 7.46
C GLU A 41 10.36 -8.74 8.05
N SER A 42 9.38 -8.97 8.92
CA SER A 42 9.24 -10.27 9.57
C SER A 42 9.11 -11.38 8.54
N ILE A 43 8.01 -11.36 7.78
CA ILE A 43 7.77 -12.36 6.75
C ILE A 43 7.65 -11.72 5.37
N SER A 44 8.70 -11.89 4.56
CA SER A 44 8.71 -11.33 3.21
C SER A 44 7.37 -11.54 2.52
N ARG A 45 6.96 -12.80 2.43
CA ARG A 45 5.69 -13.14 1.78
C ARG A 45 4.59 -12.16 2.20
N ALA A 46 4.68 -11.67 3.43
CA ALA A 46 3.69 -10.72 3.95
C ALA A 46 3.89 -9.34 3.34
N TYR A 47 2.95 -8.44 3.61
CA TYR A 47 3.02 -7.07 3.09
C TYR A 47 2.73 -6.06 4.19
N ALA A 48 2.71 -4.78 3.81
CA ALA A 48 2.43 -3.70 4.76
C ALA A 48 1.78 -2.52 4.06
N LEU A 49 0.51 -2.28 4.38
CA LEU A 49 -0.24 -1.18 3.78
C LEU A 49 -0.20 0.05 4.68
N CYS A 50 0.74 0.96 4.40
CA CYS A 50 0.88 2.18 5.19
C CYS A 50 -0.21 3.17 4.85
N VAL A 51 -0.50 4.07 5.78
CA VAL A 51 -1.54 5.09 5.58
C VAL A 51 -1.27 6.32 6.42
N LEU A 52 -1.02 7.45 5.76
CA LEU A 52 -0.75 8.70 6.45
C LEU A 52 -2.05 9.39 6.86
N TYR A 53 -2.15 9.73 8.14
CA TYR A 53 -3.34 10.40 8.65
C TYR A 53 -3.02 11.18 9.91
N ARG A 54 -3.29 12.48 9.88
CA ARG A 54 -3.02 13.36 11.03
C ARG A 54 -1.56 13.27 11.45
N ASN A 55 -0.67 13.40 10.47
CA ASN A 55 0.77 13.34 10.74
C ASN A 55 1.14 12.05 11.47
N CYS A 56 0.57 10.94 11.00
CA CYS A 56 0.84 9.64 11.60
C CYS A 56 0.87 8.54 10.54
N VAL A 57 1.82 7.62 10.68
CA VAL A 57 1.96 6.52 9.73
C VAL A 57 1.34 5.24 10.28
N TYR A 58 0.23 4.83 9.67
CA TYR A 58 -0.47 3.61 10.08
C TYR A 58 -0.01 2.41 9.26
N THR A 59 0.73 1.50 9.89
CA THR A 59 1.22 0.31 9.21
C THR A 59 0.23 -0.84 9.36
N TYR A 60 -0.23 -1.36 8.22
CA TYR A 60 -1.18 -2.46 8.21
C TYR A 60 -0.54 -3.73 7.67
N ARG A 61 -0.04 -4.58 8.57
CA ARG A 61 0.60 -5.82 8.19
C ARG A 61 -0.42 -6.79 7.56
N ILE A 62 -0.03 -7.43 6.47
CA ILE A 62 -0.90 -8.38 5.79
C ILE A 62 -0.24 -9.75 5.68
N LEU A 63 -0.82 -10.74 6.36
CA LEU A 63 -0.29 -12.09 6.33
C LEU A 63 -0.90 -12.90 5.19
N PRO A 64 -0.08 -13.76 4.56
CA PRO A 64 -0.53 -14.60 3.45
C PRO A 64 -1.50 -15.69 3.90
N ASN A 65 -2.38 -16.09 3.00
CA ASN A 65 -3.37 -17.13 3.29
C ASN A 65 -3.03 -18.42 2.56
N GLU A 66 -3.67 -19.52 2.98
CA GLU A 66 -3.44 -20.81 2.36
C GLU A 66 -3.48 -20.71 0.84
N ASP A 67 -4.35 -19.84 0.33
CA ASP A 67 -4.49 -19.64 -1.10
C ASP A 67 -3.62 -18.48 -1.57
N ASP A 68 -2.48 -18.30 -0.93
CA ASP A 68 -1.55 -17.22 -1.29
C ASP A 68 -2.31 -15.92 -1.52
N LYS A 69 -3.43 -15.77 -0.84
CA LYS A 69 -4.25 -14.56 -0.97
C LYS A 69 -3.66 -13.42 -0.15
N PHE A 70 -4.37 -12.29 -0.12
CA PHE A 70 -3.92 -11.13 0.63
C PHE A 70 -5.09 -10.50 1.39
N THR A 71 -5.06 -10.63 2.71
CA THR A 71 -6.10 -10.07 3.56
C THR A 71 -5.52 -9.37 4.78
N VAL A 72 -5.87 -8.10 4.95
CA VAL A 72 -5.37 -7.31 6.07
C VAL A 72 -6.05 -7.73 7.38
N GLN A 73 -5.30 -7.68 8.47
CA GLN A 73 -5.82 -8.05 9.78
C GLN A 73 -6.11 -6.82 10.62
N ALA A 74 -7.24 -6.18 10.37
CA ALA A 74 -7.62 -4.98 11.11
C ALA A 74 -8.55 -5.33 12.27
N SER A 75 -9.79 -5.73 11.93
CA SER A 75 -10.77 -6.09 12.95
C SER A 75 -10.97 -7.60 13.01
N GLU A 76 -11.41 -8.09 14.16
CA GLU A 76 -11.64 -9.52 14.33
C GLU A 76 -13.09 -9.88 14.02
N GLY A 77 -13.33 -11.16 13.77
CA GLY A 77 -14.67 -11.62 13.45
C GLY A 77 -14.76 -13.13 13.34
N VAL A 78 -15.26 -13.61 12.21
CA VAL A 78 -15.39 -15.04 11.98
C VAL A 78 -14.80 -15.44 10.63
N SER A 79 -15.29 -14.81 9.56
CA SER A 79 -14.81 -15.11 8.22
C SER A 79 -14.42 -13.83 7.48
N MET A 80 -13.23 -13.83 6.90
CA MET A 80 -12.73 -12.67 6.18
C MET A 80 -12.65 -12.96 4.68
N ARG A 81 -12.52 -11.90 3.88
CA ARG A 81 -12.44 -12.04 2.44
C ARG A 81 -10.99 -12.23 1.99
N PHE A 82 -10.80 -12.90 0.85
CA PHE A 82 -9.48 -13.14 0.32
C PHE A 82 -9.40 -12.73 -1.15
N PHE A 83 -8.54 -11.75 -1.43
CA PHE A 83 -8.37 -11.27 -2.80
C PHE A 83 -7.16 -11.91 -3.46
N THR A 84 -7.29 -12.23 -4.74
CA THR A 84 -6.20 -12.85 -5.49
C THR A 84 -5.16 -11.83 -5.93
N LYS A 85 -5.63 -10.61 -6.18
CA LYS A 85 -4.73 -9.53 -6.59
C LYS A 85 -4.64 -8.45 -5.52
N LEU A 86 -3.41 -8.12 -5.12
CA LEU A 86 -3.18 -7.10 -4.10
C LEU A 86 -3.96 -5.83 -4.42
N ASP A 87 -4.08 -5.53 -5.70
CA ASP A 87 -4.80 -4.34 -6.14
C ASP A 87 -6.28 -4.43 -5.80
N GLN A 88 -6.89 -5.57 -6.16
CA GLN A 88 -8.30 -5.79 -5.89
C GLN A 88 -8.63 -5.51 -4.43
N LEU A 89 -7.62 -5.61 -3.57
CA LEU A 89 -7.81 -5.37 -2.15
C LEU A 89 -7.77 -3.88 -1.84
N ILE A 90 -6.80 -3.19 -2.42
CA ILE A 90 -6.66 -1.75 -2.20
C ILE A 90 -8.01 -1.04 -2.34
N GLU A 91 -8.68 -1.27 -3.46
CA GLU A 91 -9.97 -0.66 -3.72
C GLU A 91 -10.97 -1.04 -2.64
N PHE A 92 -11.02 -2.32 -2.29
CA PHE A 92 -11.93 -2.82 -1.27
C PHE A 92 -11.79 -2.01 0.02
N TYR A 93 -10.59 -1.50 0.26
CA TYR A 93 -10.33 -0.71 1.46
C TYR A 93 -10.45 0.78 1.18
N LYS A 94 -11.33 1.13 0.24
CA LYS A 94 -11.53 2.52 -0.13
C LYS A 94 -12.66 3.14 0.70
N LYS A 95 -13.54 2.28 1.21
CA LYS A 95 -14.67 2.75 2.02
C LYS A 95 -14.18 3.37 3.32
N GLU A 96 -14.70 4.56 3.64
CA GLU A 96 -14.31 5.26 4.86
C GLU A 96 -14.75 4.49 6.10
N ASN A 97 -16.03 4.13 6.14
CA ASN A 97 -16.58 3.39 7.27
C ASN A 97 -15.89 2.03 7.41
N MET A 98 -16.20 1.12 6.49
CA MET A 98 -15.61 -0.21 6.51
C MET A 98 -14.26 -0.23 5.80
N GLY A 99 -13.25 0.36 6.43
CA GLY A 99 -11.93 0.41 5.84
C GLY A 99 -10.84 0.53 6.89
N LEU A 100 -10.11 1.64 6.87
CA LEU A 100 -9.03 1.88 7.82
C LEU A 100 -9.16 3.26 8.45
N VAL A 101 -8.20 3.59 9.31
CA VAL A 101 -8.19 4.88 9.99
C VAL A 101 -8.75 5.98 9.09
N THR A 102 -8.35 5.96 7.81
CA THR A 102 -8.81 6.96 6.85
C THR A 102 -8.83 6.38 5.45
N HIS A 103 -9.92 6.63 4.72
CA HIS A 103 -10.07 6.13 3.37
C HIS A 103 -8.86 6.49 2.52
N LEU A 104 -8.76 5.87 1.35
CA LEU A 104 -7.64 6.12 0.45
C LEU A 104 -7.99 7.17 -0.59
N GLN A 105 -7.19 8.23 -0.65
CA GLN A 105 -7.42 9.31 -1.60
C GLN A 105 -6.50 9.19 -2.80
N TYR A 106 -5.20 9.38 -2.56
CA TYR A 106 -4.21 9.29 -3.63
C TYR A 106 -3.17 8.22 -3.32
N PRO A 107 -2.99 7.28 -4.27
CA PRO A 107 -2.02 6.19 -4.12
C PRO A 107 -0.58 6.68 -4.18
N VAL A 108 -0.02 7.01 -3.02
CA VAL A 108 1.35 7.49 -2.95
C VAL A 108 2.25 6.74 -3.93
N PRO A 109 2.52 7.38 -5.08
CA PRO A 109 3.37 6.80 -6.12
C PRO A 109 4.83 6.72 -5.71
N LEU A 110 5.63 6.01 -6.49
CA LEU A 110 7.06 5.86 -6.21
C LEU A 110 7.74 7.22 -6.16
N GLU A 111 9.02 7.22 -5.80
CA GLU A 111 9.80 8.46 -5.73
C GLU A 111 10.51 8.73 -7.04
N GLU A 112 9.82 9.46 -7.93
CA GLU A 112 10.39 9.80 -9.23
C GLU A 112 11.36 10.97 -9.11
N GLU A 113 12.65 10.68 -9.21
CA GLU A 113 13.67 11.71 -9.11
C GLU A 113 13.65 12.63 -10.34
N ASP A 114 14.13 13.85 -10.17
CA ASP A 114 14.16 14.83 -11.26
C ASP A 114 15.58 15.31 -11.51
N THR A 115 15.96 15.36 -12.78
CA THR A 115 17.30 15.80 -13.16
C THR A 115 17.36 17.33 -13.27
N GLY A 116 18.06 17.95 -12.32
CA GLY A 116 18.19 19.39 -12.32
C GLY A 116 17.73 20.01 -11.02
N ASP A 117 16.71 20.85 -11.09
CA ASP A 117 16.17 21.52 -9.91
C ASP A 117 15.44 20.51 -9.01
N ASP A 118 15.70 20.59 -7.71
CA ASP A 118 15.07 19.70 -6.75
C ASP A 118 14.17 20.48 -5.79
N PRO A 119 13.02 19.87 -5.42
CA PRO A 119 12.06 20.49 -4.51
C PRO A 119 12.60 20.60 -3.08
N GLY A 1 11.19 6.53 -16.93
CA GLY A 1 10.91 5.64 -18.04
C GLY A 1 11.00 4.18 -17.66
N SER A 2 9.96 3.42 -17.99
CA SER A 2 9.92 2.00 -17.67
C SER A 2 10.20 1.15 -18.91
N SER A 3 11.47 0.81 -19.13
CA SER A 3 11.86 0.02 -20.28
C SER A 3 11.28 -1.40 -20.19
N GLY A 4 11.55 -2.07 -19.07
CA GLY A 4 11.05 -3.41 -18.88
C GLY A 4 9.65 -3.44 -18.30
N SER A 5 8.66 -3.26 -19.17
CA SER A 5 7.27 -3.25 -18.74
C SER A 5 6.49 -4.40 -19.37
N SER A 6 6.39 -5.51 -18.66
CA SER A 6 5.69 -6.68 -19.16
C SER A 6 4.44 -6.96 -18.32
N GLY A 7 3.57 -5.96 -18.23
CA GLY A 7 2.35 -6.12 -17.45
C GLY A 7 2.09 -4.94 -16.53
N MET A 8 0.82 -4.54 -16.43
CA MET A 8 0.45 -3.42 -15.59
C MET A 8 1.08 -3.55 -14.20
N VAL A 9 1.41 -2.41 -13.60
CA VAL A 9 2.03 -2.40 -12.28
C VAL A 9 1.47 -1.25 -11.43
N PRO A 10 1.29 -1.52 -10.13
CA PRO A 10 0.76 -0.53 -9.18
C PRO A 10 1.77 0.59 -8.91
N CYS A 11 1.26 1.81 -8.74
CA CYS A 11 2.11 2.96 -8.48
C CYS A 11 2.18 3.25 -6.98
N TRP A 12 1.38 2.53 -6.20
CA TRP A 12 1.35 2.70 -4.75
C TRP A 12 2.26 1.71 -4.06
N ASN A 13 2.72 0.71 -4.82
CA ASN A 13 3.60 -0.32 -4.28
C ASN A 13 5.07 0.04 -4.52
N HIS A 14 5.84 0.11 -3.44
CA HIS A 14 7.26 0.44 -3.53
C HIS A 14 8.12 -0.82 -3.46
N GLY A 15 7.65 -1.89 -4.09
CA GLY A 15 8.37 -3.14 -4.08
C GLY A 15 9.00 -3.44 -2.73
N ASN A 16 10.30 -3.18 -2.61
CA ASN A 16 11.02 -3.43 -1.37
C ASN A 16 11.83 -2.20 -0.96
N ILE A 17 11.45 -1.59 0.15
CA ILE A 17 12.15 -0.41 0.66
C ILE A 17 12.28 -0.45 2.17
N THR A 18 13.20 0.34 2.71
CA THR A 18 13.42 0.39 4.15
C THR A 18 12.26 1.09 4.85
N ARG A 19 11.97 0.63 6.08
CA ARG A 19 10.89 1.21 6.86
C ARG A 19 10.83 2.72 6.69
N SER A 20 11.88 3.40 7.12
CA SER A 20 11.96 4.85 7.02
C SER A 20 11.33 5.34 5.72
N LYS A 21 11.89 4.88 4.60
CA LYS A 21 11.39 5.26 3.28
C LYS A 21 9.86 5.38 3.29
N ALA A 22 9.21 4.31 3.73
CA ALA A 22 7.75 4.29 3.80
C ALA A 22 7.21 5.56 4.45
N GLU A 23 7.67 5.84 5.66
CA GLU A 23 7.23 7.02 6.40
C GLU A 23 7.72 8.30 5.72
N GLU A 24 9.04 8.45 5.64
CA GLU A 24 9.62 9.62 5.01
C GLU A 24 8.85 10.03 3.77
N LEU A 25 8.52 9.05 2.94
CA LEU A 25 7.77 9.30 1.71
C LEU A 25 6.44 9.98 2.01
N LEU A 26 5.55 9.25 2.69
CA LEU A 26 4.24 9.78 3.05
C LEU A 26 4.34 11.26 3.42
N SER A 27 5.10 11.55 4.46
CA SER A 27 5.27 12.93 4.92
C SER A 27 5.35 13.89 3.74
N ARG A 28 6.06 13.47 2.69
CA ARG A 28 6.22 14.30 1.50
C ARG A 28 4.87 14.84 1.03
N THR A 29 3.97 13.94 0.63
CA THR A 29 2.65 14.32 0.16
C THR A 29 2.01 15.35 1.09
N GLY A 30 1.85 14.96 2.36
CA GLY A 30 1.25 15.86 3.33
C GLY A 30 -0.24 16.06 3.10
N LYS A 31 -0.95 14.96 2.86
CA LYS A 31 -2.38 15.02 2.62
C LYS A 31 -3.13 14.14 3.61
N ASP A 32 -4.40 14.50 3.87
CA ASP A 32 -5.22 13.73 4.79
C ASP A 32 -5.90 12.56 4.09
N GLY A 33 -5.09 11.59 3.66
CA GLY A 33 -5.63 10.43 2.97
C GLY A 33 -4.60 9.75 2.10
N SER A 34 -3.35 9.76 2.55
CA SER A 34 -2.26 9.14 1.79
C SER A 34 -2.05 7.69 2.25
N PHE A 35 -1.71 6.83 1.30
CA PHE A 35 -1.48 5.43 1.60
C PHE A 35 -0.48 4.82 0.62
N LEU A 36 0.21 3.77 1.06
CA LEU A 36 1.20 3.09 0.21
C LEU A 36 1.44 1.67 0.70
N VAL A 37 2.12 0.88 -0.12
CA VAL A 37 2.41 -0.51 0.22
C VAL A 37 3.89 -0.82 0.01
N ARG A 38 4.40 -1.78 0.78
CA ARG A 38 5.80 -2.18 0.68
C ARG A 38 6.00 -3.61 1.17
N ALA A 39 7.08 -4.24 0.72
CA ALA A 39 7.38 -5.60 1.12
C ALA A 39 7.96 -5.65 2.53
N SER A 40 7.32 -6.42 3.39
CA SER A 40 7.76 -6.55 4.78
C SER A 40 9.16 -7.14 4.85
N GLU A 41 9.70 -7.22 6.07
CA GLU A 41 11.05 -7.76 6.27
C GLU A 41 11.02 -8.96 7.20
N SER A 42 10.35 -8.81 8.34
CA SER A 42 10.25 -9.88 9.32
C SER A 42 9.94 -11.20 8.64
N ILE A 43 8.76 -11.29 8.02
CA ILE A 43 8.35 -12.49 7.33
C ILE A 43 8.35 -12.30 5.81
N SER A 44 8.88 -13.28 5.09
CA SER A 44 8.95 -13.21 3.64
C SER A 44 7.55 -13.18 3.03
N ARG A 45 6.74 -14.18 3.36
CA ARG A 45 5.38 -14.26 2.86
C ARG A 45 4.46 -13.29 3.58
N ALA A 46 4.70 -11.99 3.37
CA ALA A 46 3.90 -10.96 4.00
C ALA A 46 4.11 -9.60 3.31
N TYR A 47 3.30 -8.62 3.70
CA TYR A 47 3.40 -7.29 3.12
C TYR A 47 3.15 -6.22 4.18
N ALA A 48 3.11 -4.96 3.75
CA ALA A 48 2.87 -3.85 4.66
C ALA A 48 2.20 -2.69 3.93
N LEU A 49 1.18 -2.11 4.57
CA LEU A 49 0.44 -1.00 3.98
C LEU A 49 0.44 0.20 4.93
N CYS A 50 1.25 1.20 4.62
CA CYS A 50 1.33 2.41 5.44
C CYS A 50 0.23 3.40 5.07
N VAL A 51 -0.23 4.15 6.07
CA VAL A 51 -1.29 5.13 5.85
C VAL A 51 -1.03 6.40 6.65
N LEU A 52 -1.08 7.55 5.98
CA LEU A 52 -0.85 8.83 6.62
C LEU A 52 -2.16 9.58 6.82
N TYR A 53 -2.53 9.79 8.09
CA TYR A 53 -3.76 10.50 8.42
C TYR A 53 -3.46 11.77 9.22
N ARG A 54 -2.88 11.59 10.40
CA ARG A 54 -2.55 12.72 11.26
C ARG A 54 -1.07 12.70 11.62
N ASN A 55 -0.24 13.17 10.69
CA ASN A 55 1.20 13.22 10.91
C ASN A 55 1.70 11.91 11.50
N CYS A 56 1.00 10.82 11.19
CA CYS A 56 1.37 9.50 11.68
C CYS A 56 1.24 8.45 10.60
N VAL A 57 2.05 7.40 10.69
CA VAL A 57 2.01 6.33 9.70
C VAL A 57 1.52 5.02 10.33
N TYR A 58 0.38 4.54 9.84
CA TYR A 58 -0.20 3.30 10.35
C TYR A 58 0.03 2.15 9.40
N THR A 59 0.95 1.26 9.76
CA THR A 59 1.27 0.11 8.93
C THR A 59 0.28 -1.03 9.15
N TYR A 60 -0.08 -1.71 8.06
CA TYR A 60 -1.03 -2.81 8.13
C TYR A 60 -0.47 -4.06 7.45
N ARG A 61 0.30 -4.84 8.20
CA ARG A 61 0.91 -6.06 7.67
C ARG A 61 -0.17 -6.98 7.09
N ILE A 62 0.04 -7.39 5.84
CA ILE A 62 -0.90 -8.28 5.17
C ILE A 62 -0.39 -9.72 5.14
N LEU A 63 -0.89 -10.53 6.07
CA LEU A 63 -0.48 -11.93 6.16
C LEU A 63 -1.31 -12.79 5.22
N PRO A 64 -0.65 -13.77 4.57
CA PRO A 64 -1.30 -14.69 3.64
C PRO A 64 -2.25 -15.65 4.34
N ASN A 65 -3.22 -16.16 3.60
CA ASN A 65 -4.20 -17.10 4.15
C ASN A 65 -4.08 -18.46 3.48
N GLU A 66 -4.90 -19.41 3.92
CA GLU A 66 -4.89 -20.75 3.36
C GLU A 66 -4.75 -20.72 1.85
N ASP A 67 -5.60 -19.93 1.21
CA ASP A 67 -5.58 -19.80 -0.25
C ASP A 67 -4.54 -18.76 -0.69
N ASP A 68 -3.42 -18.72 0.03
CA ASP A 68 -2.35 -17.77 -0.28
C ASP A 68 -2.93 -16.46 -0.78
N LYS A 69 -3.99 -15.99 -0.13
CA LYS A 69 -4.63 -14.73 -0.51
C LYS A 69 -3.95 -13.55 0.17
N PHE A 70 -4.41 -12.35 -0.16
CA PHE A 70 -3.84 -11.14 0.42
C PHE A 70 -4.90 -10.33 1.15
N THR A 71 -4.94 -10.46 2.48
CA THR A 71 -5.91 -9.74 3.29
C THR A 71 -5.22 -8.99 4.42
N VAL A 72 -5.91 -7.96 4.93
CA VAL A 72 -5.36 -7.16 6.03
C VAL A 72 -5.93 -7.61 7.37
N GLN A 73 -5.08 -7.62 8.40
CA GLN A 73 -5.51 -8.02 9.73
C GLN A 73 -5.90 -6.81 10.56
N ALA A 74 -7.19 -6.50 10.58
CA ALA A 74 -7.71 -5.38 11.34
C ALA A 74 -8.93 -5.76 12.17
N SER A 75 -9.42 -4.83 12.97
CA SER A 75 -10.58 -5.09 13.82
C SER A 75 -11.85 -4.51 13.17
N GLU A 76 -12.59 -5.37 12.48
CA GLU A 76 -13.82 -4.97 11.82
C GLU A 76 -15.04 -5.57 12.51
N GLY A 77 -15.03 -6.88 12.68
CA GLY A 77 -16.14 -7.56 13.33
C GLY A 77 -16.31 -8.98 12.84
N VAL A 78 -17.45 -9.26 12.20
CA VAL A 78 -17.74 -10.59 11.68
C VAL A 78 -17.63 -10.62 10.16
N SER A 79 -16.86 -9.70 9.61
CA SER A 79 -16.67 -9.61 8.16
C SER A 79 -15.20 -9.71 7.79
N MET A 80 -14.92 -10.26 6.62
CA MET A 80 -13.55 -10.41 6.14
C MET A 80 -13.52 -10.64 4.64
N ARG A 81 -12.43 -10.22 4.00
CA ARG A 81 -12.27 -10.38 2.57
C ARG A 81 -10.90 -10.95 2.23
N PHE A 82 -10.78 -11.51 1.03
CA PHE A 82 -9.53 -12.11 0.59
C PHE A 82 -9.32 -11.89 -0.92
N PHE A 83 -8.20 -11.27 -1.27
CA PHE A 83 -7.89 -11.00 -2.66
C PHE A 83 -6.54 -11.61 -3.05
N THR A 84 -6.52 -12.32 -4.17
CA THR A 84 -5.30 -12.96 -4.65
C THR A 84 -4.29 -11.93 -5.12
N LYS A 85 -4.77 -10.72 -5.40
CA LYS A 85 -3.91 -9.63 -5.86
C LYS A 85 -4.07 -8.41 -4.98
N LEU A 86 -2.95 -7.79 -4.62
CA LEU A 86 -2.97 -6.59 -3.78
C LEU A 86 -3.96 -5.56 -4.32
N ASP A 87 -3.83 -5.26 -5.61
CA ASP A 87 -4.71 -4.29 -6.25
C ASP A 87 -6.18 -4.64 -6.01
N GLN A 88 -6.51 -5.91 -6.16
CA GLN A 88 -7.88 -6.38 -5.96
C GLN A 88 -8.34 -6.10 -4.53
N LEU A 89 -7.38 -5.83 -3.65
CA LEU A 89 -7.70 -5.55 -2.25
C LEU A 89 -7.73 -4.04 -2.00
N ILE A 90 -6.80 -3.32 -2.62
CA ILE A 90 -6.73 -1.87 -2.47
C ILE A 90 -7.98 -1.19 -3.03
N GLU A 91 -8.35 -1.58 -4.25
CA GLU A 91 -9.53 -1.01 -4.90
C GLU A 91 -10.79 -1.26 -4.07
N PHE A 92 -10.79 -2.36 -3.33
CA PHE A 92 -11.93 -2.72 -2.50
C PHE A 92 -11.89 -1.96 -1.18
N TYR A 93 -10.69 -1.67 -0.69
CA TYR A 93 -10.52 -0.95 0.55
C TYR A 93 -10.65 0.55 0.34
N LYS A 94 -10.58 0.98 -0.91
CA LYS A 94 -10.70 2.38 -1.26
C LYS A 94 -12.01 2.97 -0.72
N LYS A 95 -13.06 2.16 -0.73
CA LYS A 95 -14.36 2.59 -0.24
C LYS A 95 -14.24 3.17 1.17
N GLU A 96 -15.22 3.99 1.55
CA GLU A 96 -15.24 4.60 2.87
C GLU A 96 -15.76 3.62 3.92
N ASN A 97 -15.74 4.04 5.18
CA ASN A 97 -16.22 3.21 6.28
C ASN A 97 -15.75 1.77 6.10
N MET A 98 -14.50 1.59 5.69
CA MET A 98 -13.94 0.27 5.49
C MET A 98 -13.40 -0.30 6.80
N GLY A 99 -12.34 0.33 7.31
CA GLY A 99 -11.74 -0.12 8.56
C GLY A 99 -10.45 0.60 8.88
N LEU A 100 -9.62 0.79 7.86
CA LEU A 100 -8.34 1.47 8.04
C LEU A 100 -8.53 2.83 8.70
N VAL A 101 -7.43 3.41 9.17
CA VAL A 101 -7.48 4.71 9.83
C VAL A 101 -8.29 5.72 9.01
N THR A 102 -8.29 5.53 7.70
CA THR A 102 -9.02 6.41 6.79
C THR A 102 -9.11 5.82 5.39
N HIS A 103 -10.14 6.22 4.65
CA HIS A 103 -10.34 5.73 3.29
C HIS A 103 -9.28 6.29 2.36
N LEU A 104 -8.75 5.43 1.51
CA LEU A 104 -7.71 5.84 0.55
C LEU A 104 -8.23 6.95 -0.36
N GLN A 105 -7.52 8.08 -0.35
CA GLN A 105 -7.91 9.22 -1.17
C GLN A 105 -7.00 9.33 -2.40
N TYR A 106 -5.70 9.39 -2.16
CA TYR A 106 -4.72 9.50 -3.23
C TYR A 106 -3.64 8.45 -3.10
N PRO A 107 -3.47 7.63 -4.16
CA PRO A 107 -2.46 6.57 -4.18
C PRO A 107 -1.04 7.11 -4.26
N VAL A 108 -0.52 7.52 -3.11
CA VAL A 108 0.84 8.06 -3.05
C VAL A 108 1.74 7.40 -4.08
N PRO A 109 1.89 8.05 -5.24
CA PRO A 109 2.73 7.54 -6.33
C PRO A 109 4.22 7.60 -6.00
N LEU A 110 4.99 6.68 -6.56
CA LEU A 110 6.42 6.63 -6.33
C LEU A 110 7.06 8.01 -6.53
N GLU A 111 8.26 8.18 -6.00
CA GLU A 111 8.97 9.44 -6.12
C GLU A 111 9.33 9.72 -7.57
N GLU A 112 8.94 10.90 -8.06
CA GLU A 112 9.22 11.30 -9.44
C GLU A 112 10.60 11.95 -9.55
N GLU A 113 11.60 11.16 -9.86
CA GLU A 113 12.97 11.67 -10.00
C GLU A 113 13.02 12.82 -10.99
N ASP A 114 13.16 14.03 -10.48
CA ASP A 114 13.23 15.22 -11.33
C ASP A 114 14.20 15.01 -12.48
N THR A 115 13.66 14.76 -13.68
CA THR A 115 14.47 14.54 -14.86
C THR A 115 14.82 15.85 -15.55
N GLY A 116 15.96 15.89 -16.23
CA GLY A 116 16.38 17.09 -16.92
C GLY A 116 15.63 17.30 -18.22
N ASP A 117 14.54 18.06 -18.15
CA ASP A 117 13.72 18.34 -19.33
C ASP A 117 13.74 19.82 -19.65
N ASP A 118 14.50 20.20 -20.67
CA ASP A 118 14.60 21.60 -21.09
C ASP A 118 13.22 22.23 -21.19
N PRO A 119 12.36 21.66 -22.06
CA PRO A 119 11.00 22.16 -22.27
C PRO A 119 10.09 21.90 -21.07
N GLY A 1 12.53 8.34 -24.15
CA GLY A 1 11.47 9.16 -24.71
C GLY A 1 10.08 8.62 -24.39
N SER A 2 9.25 9.46 -23.79
CA SER A 2 7.89 9.07 -23.43
C SER A 2 6.96 9.16 -24.63
N SER A 3 6.91 8.09 -25.42
CA SER A 3 6.06 8.05 -26.61
C SER A 3 4.70 7.46 -26.27
N GLY A 4 4.20 7.78 -25.08
CA GLY A 4 2.90 7.28 -24.66
C GLY A 4 3.02 6.06 -23.75
N SER A 5 3.59 6.27 -22.57
CA SER A 5 3.76 5.18 -21.61
C SER A 5 2.44 4.87 -20.90
N SER A 6 2.26 3.60 -20.53
CA SER A 6 1.05 3.17 -19.85
C SER A 6 1.37 2.63 -18.46
N GLY A 7 1.94 1.42 -18.41
CA GLY A 7 2.29 0.81 -17.15
C GLY A 7 1.15 -0.02 -16.57
N MET A 8 1.32 -1.34 -16.60
CA MET A 8 0.30 -2.25 -16.09
C MET A 8 0.59 -2.62 -14.63
N VAL A 9 1.71 -2.12 -14.11
CA VAL A 9 2.10 -2.39 -12.73
C VAL A 9 1.64 -1.28 -11.80
N PRO A 10 1.35 -1.65 -10.54
CA PRO A 10 0.90 -0.70 -9.52
C PRO A 10 2.00 0.26 -9.09
N CYS A 11 1.62 1.31 -8.37
CA CYS A 11 2.57 2.30 -7.89
C CYS A 11 2.45 2.49 -6.39
N TRP A 12 1.24 2.33 -5.87
CA TRP A 12 0.99 2.49 -4.45
C TRP A 12 1.87 1.56 -3.62
N ASN A 13 2.17 0.38 -4.19
CA ASN A 13 3.00 -0.59 -3.51
C ASN A 13 4.43 -0.57 -4.05
N HIS A 14 5.31 0.15 -3.37
CA HIS A 14 6.71 0.26 -3.78
C HIS A 14 7.38 -1.10 -3.76
N GLY A 15 7.45 -1.70 -2.58
CA GLY A 15 8.09 -3.01 -2.44
C GLY A 15 9.07 -3.05 -1.30
N ASN A 16 10.16 -3.79 -1.49
CA ASN A 16 11.19 -3.93 -0.46
C ASN A 16 11.81 -2.56 -0.14
N ILE A 17 11.23 -1.88 0.84
CA ILE A 17 11.73 -0.56 1.25
C ILE A 17 11.96 -0.51 2.75
N THR A 18 12.85 0.39 3.17
CA THR A 18 13.17 0.55 4.58
C THR A 18 12.07 1.32 5.31
N ARG A 19 12.01 1.16 6.63
CA ARG A 19 11.01 1.84 7.44
C ARG A 19 10.92 3.31 7.07
N SER A 20 12.07 3.98 7.02
CA SER A 20 12.13 5.40 6.68
C SER A 20 11.50 5.66 5.33
N LYS A 21 12.12 5.12 4.28
CA LYS A 21 11.63 5.29 2.92
C LYS A 21 10.10 5.25 2.88
N ALA A 22 9.52 4.40 3.73
CA ALA A 22 8.07 4.27 3.80
C ALA A 22 7.42 5.54 4.35
N GLU A 23 7.93 6.00 5.49
CA GLU A 23 7.42 7.21 6.12
C GLU A 23 7.77 8.45 5.30
N GLU A 24 9.06 8.63 5.04
CA GLU A 24 9.53 9.78 4.27
C GLU A 24 8.60 10.07 3.10
N LEU A 25 8.22 9.02 2.38
CA LEU A 25 7.33 9.16 1.22
C LEU A 25 5.99 9.72 1.65
N LEU A 26 5.53 9.32 2.84
CA LEU A 26 4.25 9.78 3.37
C LEU A 26 4.34 11.24 3.81
N SER A 27 5.17 11.49 4.81
CA SER A 27 5.35 12.84 5.34
C SER A 27 5.46 13.86 4.20
N ARG A 28 6.34 13.57 3.24
CA ARG A 28 6.54 14.44 2.10
C ARG A 28 5.21 14.95 1.55
N THR A 29 4.40 14.02 1.04
CA THR A 29 3.09 14.37 0.48
C THR A 29 2.38 15.39 1.35
N GLY A 30 2.27 15.09 2.64
CA GLY A 30 1.60 15.99 3.56
C GLY A 30 0.12 16.15 3.26
N LYS A 31 -0.53 15.03 2.96
CA LYS A 31 -1.96 15.04 2.65
C LYS A 31 -2.74 14.21 3.67
N ASP A 32 -4.06 14.41 3.71
CA ASP A 32 -4.92 13.68 4.64
C ASP A 32 -5.58 12.51 3.94
N GLY A 33 -4.77 11.70 3.25
CA GLY A 33 -5.31 10.55 2.54
C GLY A 33 -4.25 9.79 1.78
N SER A 34 -3.01 9.85 2.27
CA SER A 34 -1.90 9.18 1.62
C SER A 34 -1.76 7.74 2.13
N PHE A 35 -1.41 6.83 1.24
CA PHE A 35 -1.24 5.43 1.59
C PHE A 35 -0.26 4.74 0.66
N LEU A 36 0.21 3.56 1.06
CA LEU A 36 1.17 2.81 0.25
C LEU A 36 1.38 1.41 0.83
N VAL A 37 2.13 0.58 0.11
CA VAL A 37 2.41 -0.78 0.56
C VAL A 37 3.91 -1.07 0.51
N ARG A 38 4.39 -1.78 1.52
CA ARG A 38 5.81 -2.14 1.60
C ARG A 38 5.98 -3.65 1.74
N ALA A 39 7.05 -4.17 1.15
CA ALA A 39 7.34 -5.60 1.21
C ALA A 39 7.98 -5.98 2.54
N SER A 40 7.18 -6.52 3.44
CA SER A 40 7.66 -6.93 4.76
C SER A 40 8.65 -8.07 4.64
N GLU A 41 9.95 -7.75 4.68
CA GLU A 41 11.00 -8.76 4.58
C GLU A 41 10.91 -9.75 5.73
N SER A 42 10.62 -9.25 6.93
CA SER A 42 10.51 -10.10 8.10
C SER A 42 9.83 -11.42 7.76
N ILE A 43 8.62 -11.34 7.23
CA ILE A 43 7.88 -12.53 6.85
C ILE A 43 7.85 -12.71 5.34
N SER A 44 7.64 -13.95 4.90
CA SER A 44 7.60 -14.25 3.47
C SER A 44 6.19 -14.04 2.92
N ARG A 45 6.11 -13.52 1.70
CA ARG A 45 4.83 -13.26 1.06
C ARG A 45 3.96 -12.37 1.92
N ALA A 46 4.59 -11.46 2.65
CA ALA A 46 3.87 -10.54 3.52
C ALA A 46 4.17 -9.09 3.15
N TYR A 47 3.14 -8.24 3.23
CA TYR A 47 3.30 -6.83 2.89
C TYR A 47 2.85 -5.95 4.05
N ALA A 48 2.88 -4.64 3.84
CA ALA A 48 2.46 -3.68 4.87
C ALA A 48 1.86 -2.43 4.25
N LEU A 49 0.55 -2.27 4.40
CA LEU A 49 -0.15 -1.12 3.85
C LEU A 49 -0.12 0.05 4.83
N CYS A 50 0.69 1.06 4.52
CA CYS A 50 0.82 2.24 5.37
C CYS A 50 -0.18 3.31 4.96
N VAL A 51 -0.68 4.05 5.94
CA VAL A 51 -1.65 5.11 5.67
C VAL A 51 -1.39 6.33 6.56
N LEU A 52 -1.06 7.45 5.94
CA LEU A 52 -0.78 8.69 6.67
C LEU A 52 -2.08 9.43 6.99
N TYR A 53 -2.20 9.89 8.23
CA TYR A 53 -3.38 10.62 8.66
C TYR A 53 -3.16 11.28 10.02
N ARG A 54 -3.37 12.58 10.07
CA ARG A 54 -3.20 13.34 11.31
C ARG A 54 -1.78 13.16 11.84
N ASN A 55 -0.79 13.29 10.97
CA ASN A 55 0.61 13.15 11.34
C ASN A 55 0.85 11.79 11.99
N CYS A 56 0.18 10.77 11.48
CA CYS A 56 0.33 9.42 12.01
C CYS A 56 0.36 8.39 10.88
N VAL A 57 1.40 7.56 10.87
CA VAL A 57 1.55 6.54 9.85
C VAL A 57 1.00 5.19 10.31
N TYR A 58 -0.20 4.86 9.86
CA TYR A 58 -0.84 3.61 10.24
C TYR A 58 -0.33 2.45 9.38
N THR A 59 0.57 1.65 9.94
CA THR A 59 1.13 0.51 9.23
C THR A 59 0.28 -0.73 9.42
N TYR A 60 -0.32 -1.21 8.33
CA TYR A 60 -1.16 -2.39 8.37
C TYR A 60 -0.41 -3.62 7.85
N ARG A 61 -0.15 -4.57 8.74
CA ARG A 61 0.57 -5.79 8.37
C ARG A 61 -0.34 -6.71 7.55
N ILE A 62 0.14 -7.10 6.38
CA ILE A 62 -0.62 -7.98 5.50
C ILE A 62 0.05 -9.35 5.39
N LEU A 63 -0.48 -10.32 6.12
CA LEU A 63 0.07 -11.67 6.10
C LEU A 63 -0.66 -12.54 5.09
N PRO A 64 0.06 -13.52 4.51
CA PRO A 64 -0.51 -14.44 3.51
C PRO A 64 -1.52 -15.41 4.13
N ASN A 65 -2.70 -15.46 3.54
CA ASN A 65 -3.76 -16.34 4.02
C ASN A 65 -3.92 -17.56 3.10
N GLU A 66 -4.77 -18.49 3.52
CA GLU A 66 -5.01 -19.70 2.74
C GLU A 66 -4.99 -19.40 1.25
N ASP A 67 -4.70 -20.43 0.45
CA ASP A 67 -4.66 -20.27 -1.01
C ASP A 67 -3.71 -19.14 -1.41
N ASP A 68 -2.67 -18.95 -0.60
CA ASP A 68 -1.69 -17.90 -0.88
C ASP A 68 -2.37 -16.57 -1.18
N LYS A 69 -3.46 -16.30 -0.46
CA LYS A 69 -4.21 -15.06 -0.66
C LYS A 69 -3.61 -13.93 0.17
N PHE A 70 -4.07 -12.71 -0.09
CA PHE A 70 -3.57 -11.54 0.63
C PHE A 70 -4.71 -10.84 1.38
N THR A 71 -4.51 -10.64 2.68
CA THR A 71 -5.52 -9.99 3.51
C THR A 71 -4.87 -9.21 4.64
N VAL A 72 -5.58 -8.22 5.15
CA VAL A 72 -5.08 -7.39 6.24
C VAL A 72 -5.42 -7.99 7.60
N GLN A 73 -4.42 -8.09 8.47
CA GLN A 73 -4.62 -8.65 9.80
C GLN A 73 -4.89 -7.55 10.82
N ALA A 74 -5.92 -6.75 10.57
CA ALA A 74 -6.26 -5.66 11.47
C ALA A 74 -6.98 -6.17 12.71
N SER A 75 -6.56 -5.70 13.88
CA SER A 75 -7.16 -6.12 15.15
C SER A 75 -8.38 -5.27 15.48
N GLU A 76 -8.23 -3.96 15.34
CA GLU A 76 -9.32 -3.03 15.64
C GLU A 76 -10.54 -3.36 14.79
N GLY A 77 -10.37 -3.33 13.47
CA GLY A 77 -11.48 -3.62 12.57
C GLY A 77 -12.08 -4.99 12.82
N VAL A 78 -13.35 -5.13 12.48
CA VAL A 78 -14.05 -6.40 12.68
C VAL A 78 -14.54 -6.96 11.34
N SER A 79 -13.66 -7.66 10.65
CA SER A 79 -13.99 -8.25 9.36
C SER A 79 -12.89 -9.17 8.87
N MET A 80 -13.11 -9.83 7.73
CA MET A 80 -12.14 -10.74 7.16
C MET A 80 -12.44 -11.01 5.69
N ARG A 81 -11.51 -10.62 4.82
CA ARG A 81 -11.67 -10.81 3.38
C ARG A 81 -10.40 -11.39 2.77
N PHE A 82 -10.50 -11.82 1.51
CA PHE A 82 -9.36 -12.38 0.80
C PHE A 82 -9.32 -11.90 -0.64
N PHE A 83 -8.12 -11.68 -1.16
CA PHE A 83 -7.94 -11.22 -2.54
C PHE A 83 -6.67 -11.79 -3.14
N THR A 84 -6.83 -12.63 -4.17
CA THR A 84 -5.70 -13.24 -4.84
C THR A 84 -4.75 -12.19 -5.39
N LYS A 85 -5.29 -11.02 -5.70
CA LYS A 85 -4.50 -9.92 -6.24
C LYS A 85 -4.33 -8.81 -5.21
N LEU A 86 -3.14 -8.21 -5.17
CA LEU A 86 -2.86 -7.12 -4.24
C LEU A 86 -3.74 -5.92 -4.52
N ASP A 87 -3.76 -5.48 -5.77
CA ASP A 87 -4.57 -4.33 -6.18
C ASP A 87 -6.04 -4.53 -5.78
N GLN A 88 -6.57 -5.71 -6.10
CA GLN A 88 -7.96 -6.03 -5.78
C GLN A 88 -8.26 -5.73 -4.32
N LEU A 89 -7.24 -5.83 -3.47
CA LEU A 89 -7.39 -5.58 -2.04
C LEU A 89 -7.34 -4.08 -1.75
N ILE A 90 -6.62 -3.34 -2.58
CA ILE A 90 -6.49 -1.90 -2.41
C ILE A 90 -7.81 -1.19 -2.75
N GLU A 91 -8.52 -1.72 -3.73
CA GLU A 91 -9.79 -1.15 -4.16
C GLU A 91 -10.89 -1.46 -3.15
N PHE A 92 -10.80 -2.64 -2.53
CA PHE A 92 -11.78 -3.05 -1.54
C PHE A 92 -11.69 -2.22 -0.28
N TYR A 93 -10.51 -1.65 -0.04
CA TYR A 93 -10.27 -0.83 1.14
C TYR A 93 -10.38 0.65 0.80
N LYS A 94 -11.20 0.97 -0.21
CA LYS A 94 -11.38 2.35 -0.63
C LYS A 94 -12.69 2.91 -0.07
N LYS A 95 -13.43 2.08 0.65
CA LYS A 95 -14.70 2.49 1.25
C LYS A 95 -14.45 3.30 2.52
N GLU A 96 -14.85 4.58 2.48
CA GLU A 96 -14.67 5.46 3.64
C GLU A 96 -15.61 5.05 4.77
N ASN A 97 -16.83 4.66 4.42
CA ASN A 97 -17.82 4.26 5.39
C ASN A 97 -17.27 3.18 6.32
N MET A 98 -16.68 2.14 5.72
CA MET A 98 -16.11 1.03 6.49
C MET A 98 -14.74 0.65 5.94
N GLY A 99 -13.71 1.36 6.41
CA GLY A 99 -12.36 1.07 5.95
C GLY A 99 -11.32 1.40 7.01
N LEU A 100 -10.21 1.99 6.58
CA LEU A 100 -9.13 2.34 7.50
C LEU A 100 -9.29 3.78 7.98
N VAL A 101 -8.36 4.22 8.84
CA VAL A 101 -8.39 5.57 9.38
C VAL A 101 -8.89 6.57 8.33
N THR A 102 -8.54 6.31 7.07
CA THR A 102 -8.95 7.19 5.98
C THR A 102 -9.08 6.41 4.67
N HIS A 103 -9.99 6.86 3.82
CA HIS A 103 -10.21 6.21 2.53
C HIS A 103 -9.12 6.58 1.54
N LEU A 104 -8.49 5.58 0.95
CA LEU A 104 -7.43 5.79 -0.02
C LEU A 104 -7.79 6.92 -0.99
N GLN A 105 -7.32 8.13 -0.69
CA GLN A 105 -7.60 9.29 -1.53
C GLN A 105 -6.69 9.30 -2.76
N TYR A 106 -5.39 9.37 -2.53
CA TYR A 106 -4.42 9.39 -3.61
C TYR A 106 -3.32 8.35 -3.38
N PRO A 107 -3.19 7.42 -4.33
CA PRO A 107 -2.18 6.35 -4.26
C PRO A 107 -0.77 6.87 -4.46
N VAL A 108 -0.08 7.15 -3.34
CA VAL A 108 1.28 7.66 -3.40
C VAL A 108 2.09 6.96 -4.48
N PRO A 109 2.58 7.75 -5.46
CA PRO A 109 3.38 7.22 -6.56
C PRO A 109 4.75 6.75 -6.12
N LEU A 110 5.47 6.10 -7.03
CA LEU A 110 6.80 5.59 -6.73
C LEU A 110 7.86 6.67 -6.91
N GLU A 111 9.11 6.32 -6.70
CA GLU A 111 10.22 7.26 -6.83
C GLU A 111 11.27 6.75 -7.82
N GLU A 112 10.97 6.87 -9.11
CA GLU A 112 11.88 6.41 -10.15
C GLU A 112 12.68 7.58 -10.72
N GLU A 113 13.99 7.55 -10.52
CA GLU A 113 14.87 8.60 -11.02
C GLU A 113 14.80 8.71 -12.54
N ASP A 114 14.86 9.93 -13.04
CA ASP A 114 14.80 10.17 -14.48
C ASP A 114 16.05 9.64 -15.17
N THR A 115 15.88 8.65 -16.03
CA THR A 115 17.00 8.05 -16.75
C THR A 115 16.72 7.98 -18.25
N GLY A 116 17.23 8.97 -18.98
CA GLY A 116 17.02 9.00 -20.42
C GLY A 116 17.53 7.75 -21.11
N ASP A 117 18.65 7.89 -21.82
CA ASP A 117 19.25 6.76 -22.53
C ASP A 117 19.92 5.80 -21.55
N ASP A 118 20.00 4.53 -21.94
CA ASP A 118 20.62 3.51 -21.10
C ASP A 118 22.14 3.68 -21.08
N PRO A 119 22.75 3.30 -19.95
CA PRO A 119 24.20 3.40 -19.77
C PRO A 119 24.97 2.41 -20.64
N GLY A 1 0.55 -12.65 -15.47
CA GLY A 1 -0.03 -11.66 -14.58
C GLY A 1 -1.00 -10.73 -15.30
N SER A 2 -0.86 -9.43 -15.05
CA SER A 2 -1.74 -8.44 -15.67
C SER A 2 -2.05 -8.82 -17.11
N SER A 3 -1.01 -9.20 -17.84
CA SER A 3 -1.17 -9.58 -19.25
C SER A 3 -2.20 -8.69 -19.94
N GLY A 4 -2.16 -7.40 -19.61
CA GLY A 4 -3.09 -6.46 -20.21
C GLY A 4 -2.74 -5.02 -19.90
N SER A 5 -2.38 -4.27 -20.93
CA SER A 5 -2.01 -2.86 -20.75
C SER A 5 -3.15 -1.94 -21.21
N SER A 6 -3.96 -1.51 -20.25
CA SER A 6 -5.09 -0.63 -20.55
C SER A 6 -5.71 -0.08 -19.27
N GLY A 7 -5.73 1.24 -19.15
CA GLY A 7 -6.30 1.87 -17.97
C GLY A 7 -5.22 2.43 -17.05
N MET A 8 -5.19 1.94 -15.81
CA MET A 8 -4.21 2.40 -14.83
C MET A 8 -3.57 1.22 -14.10
N VAL A 9 -2.27 1.33 -13.85
CA VAL A 9 -1.55 0.27 -13.15
C VAL A 9 -1.23 0.68 -11.71
N PRO A 10 -1.25 -0.32 -10.81
CA PRO A 10 -0.97 -0.09 -9.39
C PRO A 10 0.49 0.25 -9.14
N CYS A 11 0.77 1.53 -8.88
CA CYS A 11 2.12 1.99 -8.62
C CYS A 11 2.30 2.34 -7.14
N TRP A 12 1.45 1.77 -6.30
CA TRP A 12 1.51 2.03 -4.87
C TRP A 12 2.33 0.95 -4.16
N ASN A 13 2.80 -0.03 -4.93
CA ASN A 13 3.60 -1.12 -4.37
C ASN A 13 5.09 -0.84 -4.53
N HIS A 14 5.67 -0.18 -3.54
CA HIS A 14 7.09 0.15 -3.56
C HIS A 14 7.95 -1.11 -3.51
N GLY A 15 7.79 -1.87 -2.43
CA GLY A 15 8.55 -3.10 -2.27
C GLY A 15 9.31 -3.15 -0.96
N ASN A 16 10.53 -3.67 -1.01
CA ASN A 16 11.36 -3.78 0.18
C ASN A 16 11.96 -2.42 0.55
N ILE A 17 11.25 -1.69 1.41
CA ILE A 17 11.72 -0.37 1.84
C ILE A 17 11.93 -0.33 3.35
N THR A 18 12.69 0.66 3.81
CA THR A 18 12.97 0.81 5.23
C THR A 18 11.93 1.70 5.90
N ARG A 19 11.81 1.57 7.22
CA ARG A 19 10.87 2.36 7.98
C ARG A 19 10.92 3.83 7.57
N SER A 20 12.13 4.39 7.57
CA SER A 20 12.32 5.79 7.19
C SER A 20 11.73 6.06 5.81
N LYS A 21 12.16 5.29 4.82
CA LYS A 21 11.67 5.45 3.45
C LYS A 21 10.15 5.38 3.41
N ALA A 22 9.59 4.32 3.99
CA ALA A 22 8.15 4.15 4.01
C ALA A 22 7.45 5.34 4.66
N GLU A 23 8.20 6.08 5.48
CA GLU A 23 7.66 7.26 6.16
C GLU A 23 7.75 8.49 5.26
N GLU A 24 8.98 8.92 4.98
CA GLU A 24 9.21 10.09 4.14
C GLU A 24 8.21 10.13 2.99
N LEU A 25 7.88 8.97 2.44
CA LEU A 25 6.94 8.87 1.34
C LEU A 25 5.61 9.54 1.70
N LEU A 26 5.10 9.19 2.88
CA LEU A 26 3.84 9.75 3.35
C LEU A 26 4.01 11.19 3.82
N SER A 27 5.03 11.42 4.64
CA SER A 27 5.31 12.76 5.16
C SER A 27 5.38 13.78 4.02
N ARG A 28 6.38 13.62 3.16
CA ARG A 28 6.57 14.53 2.04
C ARG A 28 5.22 14.97 1.47
N THR A 29 4.31 14.02 1.31
CA THR A 29 2.98 14.31 0.78
C THR A 29 2.19 15.20 1.73
N GLY A 30 1.95 14.69 2.93
CA GLY A 30 1.20 15.44 3.92
C GLY A 30 -0.28 15.16 3.87
N LYS A 31 -0.82 15.03 2.66
CA LYS A 31 -2.23 14.75 2.48
C LYS A 31 -2.72 13.71 3.47
N ASP A 32 -3.93 13.88 3.97
CA ASP A 32 -4.52 12.95 4.93
C ASP A 32 -5.22 11.81 4.22
N GLY A 33 -4.62 11.32 3.13
CA GLY A 33 -5.19 10.23 2.38
C GLY A 33 -4.15 9.41 1.64
N SER A 34 -2.89 9.63 1.99
CA SER A 34 -1.79 8.92 1.35
C SER A 34 -1.75 7.46 1.83
N PHE A 35 -1.32 6.57 0.94
CA PHE A 35 -1.23 5.15 1.26
C PHE A 35 -0.32 4.43 0.28
N LEU A 36 0.39 3.42 0.77
CA LEU A 36 1.29 2.64 -0.07
C LEU A 36 1.45 1.22 0.46
N VAL A 37 2.22 0.41 -0.24
CA VAL A 37 2.45 -0.98 0.16
C VAL A 37 3.93 -1.33 0.06
N ARG A 38 4.44 -2.00 1.09
CA ARG A 38 5.83 -2.41 1.13
C ARG A 38 5.96 -3.88 1.48
N ALA A 39 7.20 -4.39 1.46
CA ALA A 39 7.45 -5.79 1.77
C ALA A 39 8.12 -5.93 3.14
N SER A 40 7.41 -6.57 4.07
CA SER A 40 7.92 -6.77 5.42
C SER A 40 9.33 -7.36 5.38
N GLU A 41 10.18 -6.91 6.30
CA GLU A 41 11.55 -7.41 6.37
C GLU A 41 11.58 -8.87 6.79
N SER A 42 10.89 -9.19 7.88
CA SER A 42 10.83 -10.54 8.39
C SER A 42 10.44 -11.53 7.29
N ILE A 43 9.28 -11.30 6.69
CA ILE A 43 8.79 -12.16 5.62
C ILE A 43 8.52 -11.36 4.36
N SER A 44 9.08 -11.81 3.25
CA SER A 44 8.90 -11.13 1.96
C SER A 44 7.50 -11.39 1.40
N ARG A 45 7.06 -12.65 1.50
CA ARG A 45 5.74 -13.04 0.99
C ARG A 45 4.67 -12.10 1.53
N ALA A 46 4.85 -11.62 2.76
CA ALA A 46 3.90 -10.71 3.38
C ALA A 46 4.04 -9.30 2.83
N TYR A 47 3.21 -8.39 3.31
CA TYR A 47 3.25 -7.01 2.87
C TYR A 47 2.87 -6.05 4.00
N ALA A 48 2.99 -4.76 3.75
CA ALA A 48 2.67 -3.75 4.74
C ALA A 48 2.06 -2.51 4.09
N LEU A 49 0.76 -2.30 4.33
CA LEU A 49 0.06 -1.16 3.77
C LEU A 49 0.09 0.03 4.73
N CYS A 50 0.74 1.10 4.33
CA CYS A 50 0.84 2.30 5.15
C CYS A 50 -0.25 3.30 4.80
N VAL A 51 -0.57 4.19 5.73
CA VAL A 51 -1.59 5.20 5.52
C VAL A 51 -1.34 6.44 6.37
N LEU A 52 -1.39 7.61 5.72
CA LEU A 52 -1.15 8.87 6.41
C LEU A 52 -2.45 9.43 6.97
N TYR A 53 -2.42 9.84 8.23
CA TYR A 53 -3.60 10.40 8.88
C TYR A 53 -3.21 11.22 10.11
N ARG A 54 -3.73 12.43 10.20
CA ARG A 54 -3.44 13.30 11.32
C ARG A 54 -1.95 13.33 11.62
N ASN A 55 -1.14 13.40 10.56
CA ASN A 55 0.31 13.43 10.71
C ASN A 55 0.81 12.17 11.41
N CYS A 56 0.35 11.01 10.94
CA CYS A 56 0.76 9.73 11.53
C CYS A 56 0.74 8.63 10.48
N VAL A 57 1.78 7.80 10.47
CA VAL A 57 1.87 6.70 9.53
C VAL A 57 1.34 5.40 10.13
N TYR A 58 0.29 4.86 9.53
CA TYR A 58 -0.32 3.63 10.01
C TYR A 58 0.16 2.44 9.19
N THR A 59 1.25 1.81 9.63
CA THR A 59 1.80 0.66 8.93
C THR A 59 1.02 -0.61 9.24
N TYR A 60 0.37 -1.16 8.23
CA TYR A 60 -0.42 -2.38 8.40
C TYR A 60 0.37 -3.61 7.98
N ARG A 61 -0.23 -4.78 8.16
CA ARG A 61 0.43 -6.03 7.80
C ARG A 61 -0.52 -6.94 7.01
N ILE A 62 -0.01 -7.56 5.96
CA ILE A 62 -0.82 -8.45 5.13
C ILE A 62 -0.13 -9.80 4.95
N LEU A 63 -0.54 -10.77 5.75
CA LEU A 63 0.02 -12.11 5.68
C LEU A 63 -0.80 -13.01 4.77
N PRO A 64 -0.13 -13.95 4.09
CA PRO A 64 -0.79 -14.89 3.18
C PRO A 64 -1.66 -15.90 3.91
N ASN A 65 -2.69 -16.40 3.22
CA ASN A 65 -3.59 -17.37 3.81
C ASN A 65 -3.45 -18.73 3.14
N GLU A 66 -4.30 -19.68 3.53
CA GLU A 66 -4.25 -21.02 2.97
C GLU A 66 -4.22 -20.97 1.44
N ASP A 67 -5.23 -20.35 0.86
CA ASP A 67 -5.33 -20.23 -0.59
C ASP A 67 -4.51 -19.05 -1.10
N ASP A 68 -3.35 -18.83 -0.47
CA ASP A 68 -2.47 -17.73 -0.85
C ASP A 68 -3.28 -16.46 -1.13
N LYS A 69 -4.15 -16.10 -0.18
CA LYS A 69 -4.97 -14.91 -0.33
C LYS A 69 -4.34 -13.71 0.38
N PHE A 70 -4.79 -12.52 0.02
CA PHE A 70 -4.27 -11.29 0.62
C PHE A 70 -5.36 -10.57 1.42
N THR A 71 -5.18 -10.53 2.74
CA THR A 71 -6.14 -9.86 3.61
C THR A 71 -5.44 -9.21 4.80
N VAL A 72 -5.74 -7.93 5.02
CA VAL A 72 -5.14 -7.18 6.12
C VAL A 72 -5.65 -7.69 7.46
N GLN A 73 -4.74 -8.23 8.27
CA GLN A 73 -5.09 -8.76 9.58
C GLN A 73 -5.24 -7.63 10.60
N ALA A 74 -6.24 -6.77 10.39
CA ALA A 74 -6.49 -5.64 11.28
C ALA A 74 -7.58 -5.98 12.28
N SER A 75 -7.30 -5.75 13.56
CA SER A 75 -8.27 -6.03 14.62
C SER A 75 -9.67 -5.62 14.20
N GLU A 76 -9.78 -4.42 13.63
CA GLU A 76 -11.07 -3.89 13.19
C GLU A 76 -11.39 -4.39 11.78
N GLY A 77 -12.47 -5.17 11.68
CA GLY A 77 -12.87 -5.70 10.38
C GLY A 77 -14.14 -6.52 10.47
N VAL A 78 -15.21 -5.91 10.98
CA VAL A 78 -16.49 -6.59 11.12
C VAL A 78 -16.71 -7.57 9.96
N SER A 79 -16.25 -7.20 8.77
CA SER A 79 -16.40 -8.03 7.60
C SER A 79 -15.04 -8.41 7.00
N MET A 80 -14.60 -9.63 7.27
CA MET A 80 -13.31 -10.10 6.77
C MET A 80 -13.46 -10.70 5.38
N ARG A 81 -12.67 -10.20 4.43
CA ARG A 81 -12.72 -10.68 3.06
C ARG A 81 -11.33 -11.09 2.58
N PHE A 82 -11.29 -11.89 1.53
CA PHE A 82 -10.02 -12.36 0.97
C PHE A 82 -9.94 -12.06 -0.52
N PHE A 83 -8.88 -11.36 -0.92
CA PHE A 83 -8.68 -11.00 -2.32
C PHE A 83 -7.39 -11.60 -2.85
N THR A 84 -7.50 -12.39 -3.92
CA THR A 84 -6.34 -13.03 -4.53
C THR A 84 -5.35 -12.00 -5.05
N LYS A 85 -5.88 -10.94 -5.67
CA LYS A 85 -5.05 -9.88 -6.21
C LYS A 85 -4.82 -8.78 -5.17
N LEU A 86 -3.55 -8.44 -4.95
CA LEU A 86 -3.21 -7.40 -3.99
C LEU A 86 -3.97 -6.11 -4.27
N ASP A 87 -4.04 -5.73 -5.55
CA ASP A 87 -4.74 -4.52 -5.94
C ASP A 87 -6.23 -4.63 -5.62
N GLN A 88 -6.84 -5.74 -6.01
CA GLN A 88 -8.26 -5.96 -5.75
C GLN A 88 -8.60 -5.69 -4.29
N LEU A 89 -7.60 -5.78 -3.43
CA LEU A 89 -7.79 -5.55 -2.00
C LEU A 89 -7.77 -4.05 -1.69
N ILE A 90 -6.99 -3.30 -2.47
CA ILE A 90 -6.88 -1.86 -2.27
C ILE A 90 -8.16 -1.16 -2.71
N GLU A 91 -8.63 -1.48 -3.91
CA GLU A 91 -9.85 -0.87 -4.43
C GLU A 91 -11.01 -1.04 -3.46
N PHE A 92 -11.04 -2.17 -2.77
CA PHE A 92 -12.10 -2.45 -1.81
C PHE A 92 -11.85 -1.72 -0.50
N TYR A 93 -10.62 -1.24 -0.31
CA TYR A 93 -10.25 -0.52 0.90
C TYR A 93 -10.27 0.98 0.67
N LYS A 94 -10.86 1.40 -0.46
CA LYS A 94 -10.95 2.80 -0.80
C LYS A 94 -12.20 3.44 -0.21
N LYS A 95 -13.17 2.59 0.16
CA LYS A 95 -14.43 3.06 0.73
C LYS A 95 -14.17 3.80 2.05
N GLU A 96 -15.01 4.79 2.32
CA GLU A 96 -14.88 5.58 3.54
C GLU A 96 -15.85 5.09 4.62
N ASN A 97 -16.67 4.11 4.25
CA ASN A 97 -17.65 3.55 5.18
C ASN A 97 -16.99 2.59 6.15
N MET A 98 -16.00 1.83 5.67
CA MET A 98 -15.29 0.88 6.49
C MET A 98 -14.06 0.34 5.77
N GLY A 99 -12.88 0.69 6.26
CA GLY A 99 -11.64 0.24 5.65
C GLY A 99 -10.45 0.38 6.56
N LEU A 100 -9.93 1.59 6.67
CA LEU A 100 -8.77 1.86 7.52
C LEU A 100 -8.90 3.22 8.19
N VAL A 101 -7.89 3.59 8.97
CA VAL A 101 -7.88 4.87 9.67
C VAL A 101 -8.53 5.96 8.83
N THR A 102 -8.13 6.04 7.56
CA THR A 102 -8.67 7.04 6.65
C THR A 102 -8.91 6.44 5.26
N HIS A 103 -9.95 6.94 4.59
CA HIS A 103 -10.29 6.46 3.26
C HIS A 103 -9.22 6.87 2.25
N LEU A 104 -8.68 5.87 1.53
CA LEU A 104 -7.65 6.12 0.54
C LEU A 104 -8.06 7.26 -0.39
N GLN A 105 -7.16 8.22 -0.57
CA GLN A 105 -7.43 9.37 -1.43
C GLN A 105 -6.61 9.29 -2.72
N TYR A 106 -5.29 9.37 -2.57
CA TYR A 106 -4.39 9.30 -3.71
C TYR A 106 -3.32 8.25 -3.50
N PRO A 107 -3.20 7.31 -4.47
CA PRO A 107 -2.20 6.23 -4.41
C PRO A 107 -0.78 6.74 -4.59
N VAL A 108 -0.11 7.02 -3.48
CA VAL A 108 1.26 7.51 -3.52
C VAL A 108 2.11 6.72 -4.51
N PRO A 109 2.62 7.42 -5.54
CA PRO A 109 3.46 6.80 -6.57
C PRO A 109 4.81 6.36 -6.04
N LEU A 110 5.54 5.60 -6.85
CA LEU A 110 6.86 5.11 -6.46
C LEU A 110 7.88 6.25 -6.48
N GLU A 111 9.01 6.04 -5.81
CA GLU A 111 10.06 7.04 -5.76
C GLU A 111 11.02 6.90 -6.95
N GLU A 112 10.97 7.87 -7.85
CA GLU A 112 11.82 7.86 -9.04
C GLU A 112 12.37 9.25 -9.33
N GLU A 113 13.67 9.32 -9.62
CA GLU A 113 14.31 10.60 -9.92
C GLU A 113 14.33 10.86 -11.43
N ASP A 114 13.95 12.08 -11.81
CA ASP A 114 13.91 12.45 -13.21
C ASP A 114 15.04 13.43 -13.54
N THR A 115 15.46 13.45 -14.80
CA THR A 115 16.53 14.33 -15.24
C THR A 115 15.97 15.58 -15.93
N GLY A 116 15.10 15.36 -16.91
CA GLY A 116 14.50 16.46 -17.62
C GLY A 116 13.87 16.03 -18.93
N ASP A 117 13.83 16.95 -19.90
CA ASP A 117 13.24 16.65 -21.20
C ASP A 117 14.33 16.37 -22.24
N ASP A 118 14.14 15.31 -23.02
CA ASP A 118 15.11 14.93 -24.04
C ASP A 118 14.40 14.45 -25.30
N PRO A 119 15.05 14.63 -26.46
CA PRO A 119 14.51 14.22 -27.75
C PRO A 119 14.44 12.70 -27.91
N GLY A 1 7.37 6.60 -26.73
CA GLY A 1 7.61 5.18 -26.59
C GLY A 1 6.38 4.42 -26.14
N SER A 2 6.43 3.09 -26.25
CA SER A 2 5.30 2.25 -25.86
C SER A 2 5.62 1.47 -24.59
N SER A 3 4.60 0.88 -23.98
CA SER A 3 4.77 0.11 -22.76
C SER A 3 4.07 -1.24 -22.88
N GLY A 4 4.77 -2.21 -23.47
CA GLY A 4 4.20 -3.54 -23.63
C GLY A 4 4.82 -4.55 -22.68
N SER A 5 4.09 -4.89 -21.63
CA SER A 5 4.57 -5.85 -20.64
C SER A 5 3.42 -6.65 -20.06
N SER A 6 3.69 -7.91 -19.72
CA SER A 6 2.67 -8.79 -19.15
C SER A 6 2.85 -8.91 -17.64
N GLY A 7 2.22 -7.99 -16.92
CA GLY A 7 2.30 -8.01 -15.47
C GLY A 7 3.11 -6.86 -14.92
N MET A 8 2.45 -5.71 -14.73
CA MET A 8 3.12 -4.53 -14.21
C MET A 8 2.75 -4.28 -12.75
N VAL A 9 3.66 -3.67 -12.00
CA VAL A 9 3.44 -3.39 -10.59
C VAL A 9 2.63 -2.11 -10.42
N PRO A 10 1.83 -2.05 -9.35
CA PRO A 10 0.99 -0.89 -9.04
C PRO A 10 1.82 0.32 -8.60
N CYS A 11 1.15 1.44 -8.38
CA CYS A 11 1.82 2.67 -7.96
C CYS A 11 1.72 2.85 -6.46
N TRP A 12 1.15 1.87 -5.78
CA TRP A 12 0.98 1.92 -4.33
C TRP A 12 1.79 0.83 -3.64
N ASN A 13 2.82 0.35 -4.33
CA ASN A 13 3.68 -0.70 -3.79
C ASN A 13 5.11 -0.55 -4.28
N HIS A 14 5.99 -0.07 -3.41
CA HIS A 14 7.39 0.11 -3.75
C HIS A 14 8.16 -1.19 -3.63
N GLY A 15 8.10 -1.81 -2.46
CA GLY A 15 8.81 -3.07 -2.24
C GLY A 15 9.53 -3.10 -0.92
N ASN A 16 10.76 -3.62 -0.93
CA ASN A 16 11.56 -3.71 0.28
C ASN A 16 12.15 -2.36 0.65
N ILE A 17 11.40 -1.60 1.45
CA ILE A 17 11.85 -0.28 1.88
C ILE A 17 11.90 -0.18 3.40
N THR A 18 12.75 0.71 3.90
CA THR A 18 12.91 0.90 5.34
C THR A 18 11.94 1.96 5.86
N ARG A 19 11.55 1.82 7.12
CA ARG A 19 10.62 2.76 7.74
C ARG A 19 10.90 4.19 7.26
N SER A 20 12.11 4.66 7.50
CA SER A 20 12.52 6.00 7.11
C SER A 20 12.03 6.31 5.70
N LYS A 21 12.35 5.42 4.76
CA LYS A 21 11.95 5.60 3.36
C LYS A 21 10.44 5.72 3.25
N ALA A 22 9.71 4.98 4.08
CA ALA A 22 8.26 5.01 4.06
C ALA A 22 7.74 6.33 4.62
N GLU A 23 8.13 6.66 5.84
CA GLU A 23 7.70 7.90 6.49
C GLU A 23 8.12 9.11 5.65
N GLU A 24 9.31 9.04 5.07
CA GLU A 24 9.82 10.13 4.25
C GLU A 24 8.85 10.49 3.14
N LEU A 25 8.37 9.47 2.43
CA LEU A 25 7.43 9.66 1.33
C LEU A 25 6.17 10.37 1.82
N LEU A 26 5.41 9.69 2.68
CA LEU A 26 4.18 10.26 3.21
C LEU A 26 4.40 11.69 3.70
N SER A 27 5.40 11.87 4.56
CA SER A 27 5.72 13.18 5.10
C SER A 27 5.71 14.24 4.00
N ARG A 28 6.61 14.09 3.04
CA ARG A 28 6.71 15.04 1.93
C ARG A 28 5.33 15.49 1.49
N THR A 29 4.51 14.56 1.00
CA THR A 29 3.16 14.87 0.54
C THR A 29 2.42 15.72 1.58
N GLY A 30 2.29 15.18 2.79
CA GLY A 30 1.60 15.89 3.84
C GLY A 30 0.11 16.03 3.57
N LYS A 31 -0.55 14.89 3.34
CA LYS A 31 -1.99 14.89 3.07
C LYS A 31 -2.69 13.80 3.86
N ASP A 32 -3.92 14.06 4.26
CA ASP A 32 -4.71 13.10 5.03
C ASP A 32 -5.46 12.15 4.10
N GLY A 33 -4.75 11.15 3.59
CA GLY A 33 -5.36 10.19 2.69
C GLY A 33 -4.34 9.34 1.95
N SER A 34 -3.11 9.85 1.87
CA SER A 34 -2.04 9.14 1.18
C SER A 34 -1.87 7.73 1.73
N PHE A 35 -1.38 6.83 0.89
CA PHE A 35 -1.17 5.44 1.30
C PHE A 35 -0.21 4.74 0.34
N LEU A 36 0.40 3.66 0.83
CA LEU A 36 1.34 2.90 0.02
C LEU A 36 1.56 1.50 0.60
N VAL A 37 2.25 0.65 -0.15
CA VAL A 37 2.52 -0.71 0.30
C VAL A 37 4.02 -0.99 0.32
N ARG A 38 4.42 -1.96 1.13
CA ARG A 38 5.83 -2.32 1.26
C ARG A 38 5.99 -3.74 1.78
N ALA A 39 6.95 -4.47 1.23
CA ALA A 39 7.19 -5.85 1.64
C ALA A 39 7.33 -5.95 3.16
N SER A 40 6.74 -6.99 3.73
CA SER A 40 6.80 -7.20 5.17
C SER A 40 8.24 -7.31 5.65
N GLU A 41 8.41 -7.48 6.96
CA GLU A 41 9.74 -7.61 7.54
C GLU A 41 10.47 -8.82 7.00
N SER A 42 11.52 -8.58 6.23
CA SER A 42 12.31 -9.65 5.63
C SER A 42 11.41 -10.82 5.22
N ILE A 43 10.23 -10.48 4.70
CA ILE A 43 9.28 -11.50 4.26
C ILE A 43 8.45 -11.00 3.08
N SER A 44 8.60 -11.67 1.94
CA SER A 44 7.86 -11.30 0.74
C SER A 44 6.42 -11.80 0.81
N ARG A 45 6.25 -13.05 1.21
CA ARG A 45 4.92 -13.65 1.32
C ARG A 45 3.92 -12.64 1.87
N ALA A 46 4.30 -11.95 2.92
CA ALA A 46 3.43 -10.95 3.54
C ALA A 46 3.67 -9.56 2.96
N TYR A 47 2.91 -8.58 3.41
CA TYR A 47 3.03 -7.22 2.92
C TYR A 47 2.77 -6.22 4.04
N ALA A 48 2.77 -4.94 3.69
CA ALA A 48 2.53 -3.88 4.67
C ALA A 48 1.95 -2.64 4.00
N LEU A 49 0.79 -2.21 4.48
CA LEU A 49 0.12 -1.04 3.93
C LEU A 49 0.21 0.15 4.89
N CYS A 50 0.89 1.21 4.45
CA CYS A 50 1.05 2.40 5.27
C CYS A 50 0.03 3.47 4.88
N VAL A 51 -0.39 4.26 5.85
CA VAL A 51 -1.37 5.32 5.62
C VAL A 51 -1.07 6.54 6.49
N LEU A 52 -1.13 7.72 5.89
CA LEU A 52 -0.88 8.96 6.62
C LEU A 52 -2.19 9.69 6.92
N TYR A 53 -2.45 9.91 8.20
CA TYR A 53 -3.67 10.60 8.62
C TYR A 53 -3.34 11.78 9.52
N ARG A 54 -2.96 11.48 10.76
CA ARG A 54 -2.62 12.52 11.73
C ARG A 54 -1.13 12.49 12.05
N ASN A 55 -0.32 12.99 11.13
CA ASN A 55 1.12 13.02 11.32
C ASN A 55 1.64 11.65 11.78
N CYS A 56 0.91 10.60 11.43
CA CYS A 56 1.30 9.25 11.80
C CYS A 56 1.21 8.30 10.60
N VAL A 57 1.91 7.18 10.69
CA VAL A 57 1.91 6.20 9.62
C VAL A 57 1.29 4.89 10.08
N TYR A 58 0.03 4.67 9.72
CA TYR A 58 -0.68 3.46 10.08
C TYR A 58 -0.26 2.28 9.21
N THR A 59 0.51 1.37 9.79
CA THR A 59 0.99 0.20 9.07
C THR A 59 0.04 -0.97 9.22
N TYR A 60 -0.38 -1.55 8.09
CA TYR A 60 -1.30 -2.68 8.10
C TYR A 60 -0.67 -3.90 7.44
N ARG A 61 0.07 -4.67 8.23
CA ARG A 61 0.73 -5.86 7.73
C ARG A 61 -0.29 -6.85 7.16
N ILE A 62 0.04 -7.44 6.02
CA ILE A 62 -0.85 -8.40 5.37
C ILE A 62 -0.26 -9.81 5.40
N LEU A 63 -0.77 -10.63 6.30
CA LEU A 63 -0.29 -12.01 6.43
C LEU A 63 -1.00 -12.93 5.44
N PRO A 64 -0.25 -13.91 4.92
CA PRO A 64 -0.80 -14.87 3.95
C PRO A 64 -1.78 -15.84 4.59
N ASN A 65 -2.65 -16.42 3.76
CA ASN A 65 -3.65 -17.37 4.25
C ASN A 65 -3.41 -18.76 3.67
N GLU A 66 -4.14 -19.74 4.20
CA GLU A 66 -4.00 -21.12 3.72
C GLU A 66 -4.13 -21.19 2.20
N ASP A 67 -4.91 -20.28 1.64
CA ASP A 67 -5.11 -20.24 0.19
C ASP A 67 -4.29 -19.12 -0.43
N ASP A 68 -3.12 -18.86 0.13
CA ASP A 68 -2.24 -17.81 -0.37
C ASP A 68 -3.02 -16.55 -0.71
N LYS A 69 -4.10 -16.32 0.04
CA LYS A 69 -4.94 -15.15 -0.18
C LYS A 69 -4.36 -13.92 0.50
N PHE A 70 -4.87 -12.75 0.15
CA PHE A 70 -4.40 -11.49 0.74
C PHE A 70 -5.51 -10.81 1.55
N THR A 71 -5.30 -10.73 2.85
CA THR A 71 -6.28 -10.11 3.74
C THR A 71 -5.59 -9.41 4.91
N VAL A 72 -5.97 -8.16 5.16
CA VAL A 72 -5.40 -7.40 6.26
C VAL A 72 -5.84 -7.93 7.60
N GLN A 73 -4.94 -7.93 8.57
CA GLN A 73 -5.24 -8.41 9.91
C GLN A 73 -5.71 -7.28 10.81
N ALA A 74 -6.47 -6.35 10.24
CA ALA A 74 -6.98 -5.22 10.99
C ALA A 74 -7.52 -5.65 12.36
N SER A 75 -7.41 -4.77 13.34
CA SER A 75 -7.87 -5.06 14.68
C SER A 75 -9.36 -5.43 14.68
N GLU A 76 -10.18 -4.56 14.11
CA GLU A 76 -11.61 -4.78 14.04
C GLU A 76 -12.05 -5.08 12.61
N GLY A 77 -12.61 -6.27 12.40
CA GLY A 77 -13.06 -6.66 11.08
C GLY A 77 -14.23 -7.63 11.13
N VAL A 78 -15.36 -7.16 11.63
CA VAL A 78 -16.55 -7.98 11.74
C VAL A 78 -16.68 -8.93 10.54
N SER A 79 -16.27 -8.44 9.37
CA SER A 79 -16.33 -9.25 8.15
C SER A 79 -14.96 -9.82 7.81
N MET A 80 -14.96 -11.01 7.21
CA MET A 80 -13.72 -11.67 6.84
C MET A 80 -13.73 -12.06 5.36
N ARG A 81 -13.12 -11.23 4.53
CA ARG A 81 -13.05 -11.48 3.10
C ARG A 81 -11.62 -11.77 2.65
N PHE A 82 -11.48 -12.55 1.59
CA PHE A 82 -10.17 -12.89 1.06
C PHE A 82 -10.08 -12.59 -0.43
N PHE A 83 -9.05 -11.84 -0.82
CA PHE A 83 -8.86 -11.48 -2.21
C PHE A 83 -7.73 -12.30 -2.83
N THR A 84 -7.75 -12.40 -4.16
CA THR A 84 -6.73 -13.15 -4.88
C THR A 84 -5.50 -12.30 -5.16
N LYS A 85 -5.73 -11.14 -5.77
CA LYS A 85 -4.63 -10.23 -6.09
C LYS A 85 -4.58 -9.07 -5.10
N LEU A 86 -3.39 -8.49 -4.95
CA LEU A 86 -3.21 -7.38 -4.03
C LEU A 86 -4.08 -6.18 -4.42
N ASP A 87 -4.01 -5.80 -5.68
CA ASP A 87 -4.80 -4.68 -6.19
C ASP A 87 -6.27 -4.85 -5.84
N GLN A 88 -6.85 -5.97 -6.27
CA GLN A 88 -8.25 -6.25 -6.00
C GLN A 88 -8.63 -5.87 -4.57
N LEU A 89 -7.72 -6.15 -3.63
CA LEU A 89 -7.95 -5.83 -2.23
C LEU A 89 -7.96 -4.33 -2.00
N ILE A 90 -7.00 -3.63 -2.61
CA ILE A 90 -6.90 -2.19 -2.48
C ILE A 90 -8.10 -1.49 -3.13
N GLU A 91 -8.22 -1.63 -4.44
CA GLU A 91 -9.32 -1.02 -5.18
C GLU A 91 -10.59 -0.99 -4.33
N PHE A 92 -10.79 -2.05 -3.54
CA PHE A 92 -11.97 -2.14 -2.68
C PHE A 92 -11.80 -1.28 -1.43
N TYR A 93 -10.78 -1.57 -0.65
CA TYR A 93 -10.51 -0.83 0.57
C TYR A 93 -10.60 0.67 0.32
N LYS A 94 -10.43 1.07 -0.93
CA LYS A 94 -10.50 2.48 -1.30
C LYS A 94 -11.70 3.16 -0.66
N LYS A 95 -12.70 2.36 -0.32
CA LYS A 95 -13.90 2.90 0.32
C LYS A 95 -13.77 2.93 1.83
N GLU A 96 -14.03 4.08 2.43
CA GLU A 96 -13.92 4.25 3.87
C GLU A 96 -14.39 2.98 4.59
N ASN A 97 -15.57 2.49 4.22
CA ASN A 97 -16.12 1.28 4.83
C ASN A 97 -15.90 1.29 6.34
N MET A 98 -15.94 2.48 6.94
CA MET A 98 -15.74 2.62 8.37
C MET A 98 -14.67 1.67 8.87
N GLY A 99 -13.68 1.38 8.02
CA GLY A 99 -12.61 0.48 8.39
C GLY A 99 -11.28 1.19 8.55
N LEU A 100 -10.40 1.02 7.57
CA LEU A 100 -9.09 1.64 7.61
C LEU A 100 -9.16 3.04 8.22
N VAL A 101 -8.08 3.47 8.83
CA VAL A 101 -8.01 4.79 9.45
C VAL A 101 -8.67 5.84 8.57
N THR A 102 -8.41 5.75 7.27
CA THR A 102 -8.98 6.70 6.32
C THR A 102 -9.22 6.05 4.96
N HIS A 103 -9.96 6.73 4.10
CA HIS A 103 -10.26 6.21 2.77
C HIS A 103 -9.17 6.60 1.77
N LEU A 104 -8.67 5.60 1.03
CA LEU A 104 -7.63 5.83 0.05
C LEU A 104 -8.06 6.90 -0.96
N GLN A 105 -7.22 7.92 -1.13
CA GLN A 105 -7.52 9.00 -2.06
C GLN A 105 -6.34 9.23 -3.02
N TYR A 106 -5.17 9.51 -2.44
CA TYR A 106 -3.97 9.76 -3.24
C TYR A 106 -2.93 8.68 -3.00
N PRO A 107 -2.89 7.68 -3.89
CA PRO A 107 -1.94 6.56 -3.80
C PRO A 107 -0.51 7.00 -4.08
N VAL A 108 0.20 7.40 -3.03
CA VAL A 108 1.58 7.85 -3.16
C VAL A 108 2.33 6.99 -4.18
N PRO A 109 2.47 7.53 -5.40
CA PRO A 109 3.17 6.85 -6.49
C PRO A 109 4.68 6.75 -6.24
N LEU A 110 5.29 5.70 -6.78
CA LEU A 110 6.73 5.49 -6.62
C LEU A 110 7.49 6.80 -6.80
N GLU A 111 8.76 6.80 -6.41
CA GLU A 111 9.59 7.99 -6.53
C GLU A 111 10.16 8.12 -7.94
N GLU A 112 9.90 9.26 -8.57
CA GLU A 112 10.37 9.51 -9.93
C GLU A 112 11.04 10.88 -10.03
N GLU A 113 12.33 10.90 -10.34
CA GLU A 113 13.07 12.14 -10.47
C GLU A 113 12.87 12.75 -11.85
N ASP A 114 13.04 14.07 -11.93
CA ASP A 114 12.88 14.78 -13.20
C ASP A 114 14.11 14.61 -14.08
N THR A 115 14.06 13.63 -14.97
CA THR A 115 15.18 13.36 -15.87
C THR A 115 14.69 12.83 -17.21
N GLY A 116 15.51 12.99 -18.25
CA GLY A 116 15.13 12.53 -19.57
C GLY A 116 15.75 13.36 -20.67
N ASP A 117 17.06 13.60 -20.58
CA ASP A 117 17.77 14.39 -21.58
C ASP A 117 18.00 13.58 -22.85
N ASP A 118 17.08 13.72 -23.80
CA ASP A 118 17.17 13.01 -25.07
C ASP A 118 16.33 13.70 -26.14
N PRO A 119 16.88 13.76 -27.37
CA PRO A 119 16.21 14.39 -28.51
C PRO A 119 15.01 13.59 -28.98
N GLY A 1 -7.18 -5.49 -34.75
CA GLY A 1 -7.12 -4.76 -33.50
C GLY A 1 -5.84 -5.02 -32.73
N SER A 2 -5.84 -4.73 -31.44
CA SER A 2 -4.67 -4.92 -30.60
C SER A 2 -5.07 -5.45 -29.22
N SER A 3 -4.19 -6.25 -28.62
CA SER A 3 -4.45 -6.82 -27.30
C SER A 3 -4.74 -5.72 -26.28
N GLY A 4 -3.94 -4.66 -26.32
CA GLY A 4 -4.14 -3.56 -25.40
C GLY A 4 -3.62 -3.86 -24.01
N SER A 5 -2.76 -2.99 -23.49
CA SER A 5 -2.18 -3.18 -22.17
C SER A 5 -3.27 -3.26 -21.11
N SER A 6 -3.26 -4.34 -20.35
CA SER A 6 -4.26 -4.55 -19.29
C SER A 6 -3.58 -4.76 -17.94
N GLY A 7 -3.74 -3.78 -17.05
CA GLY A 7 -3.15 -3.87 -15.73
C GLY A 7 -1.78 -3.21 -15.67
N MET A 8 -1.76 -1.94 -15.29
CA MET A 8 -0.52 -1.18 -15.19
C MET A 8 0.06 -1.29 -13.79
N VAL A 9 1.36 -1.57 -13.70
CA VAL A 9 2.04 -1.69 -12.43
C VAL A 9 1.52 -0.67 -11.43
N PRO A 10 1.15 -1.15 -10.23
CA PRO A 10 0.62 -0.30 -9.16
C PRO A 10 1.70 0.61 -8.56
N CYS A 11 1.43 1.91 -8.58
CA CYS A 11 2.38 2.88 -8.04
C CYS A 11 2.11 3.14 -6.56
N TRP A 12 1.30 2.28 -5.95
CA TRP A 12 0.97 2.41 -4.54
C TRP A 12 1.65 1.33 -3.71
N ASN A 13 2.33 0.41 -4.39
CA ASN A 13 3.03 -0.68 -3.71
C ASN A 13 4.49 -0.73 -4.14
N HIS A 14 5.36 -0.14 -3.33
CA HIS A 14 6.79 -0.12 -3.63
C HIS A 14 7.38 -1.51 -3.51
N GLY A 15 7.31 -2.09 -2.32
CA GLY A 15 7.84 -3.43 -2.10
C GLY A 15 9.34 -3.43 -1.93
N ASN A 16 9.82 -4.01 -0.84
CA ASN A 16 11.25 -4.08 -0.57
C ASN A 16 11.81 -2.68 -0.28
N ILE A 17 11.15 -1.95 0.61
CA ILE A 17 11.58 -0.61 0.97
C ILE A 17 11.91 -0.52 2.46
N THR A 18 12.85 0.36 2.81
CA THR A 18 13.25 0.54 4.20
C THR A 18 12.23 1.38 4.96
N ARG A 19 12.04 1.05 6.23
CA ARG A 19 11.09 1.77 7.08
C ARG A 19 11.10 3.26 6.76
N SER A 20 12.29 3.85 6.75
CA SER A 20 12.43 5.27 6.47
C SER A 20 11.58 5.68 5.27
N LYS A 21 11.84 5.04 4.13
CA LYS A 21 11.09 5.32 2.91
C LYS A 21 9.59 5.32 3.17
N ALA A 22 9.10 4.27 3.82
CA ALA A 22 7.69 4.16 4.14
C ALA A 22 7.15 5.45 4.74
N GLU A 23 7.90 6.02 5.68
CA GLU A 23 7.50 7.26 6.34
C GLU A 23 7.77 8.46 5.44
N GLU A 24 9.04 8.68 5.12
CA GLU A 24 9.43 9.80 4.27
C GLU A 24 8.44 9.98 3.13
N LEU A 25 8.16 8.91 2.40
CA LEU A 25 7.23 8.96 1.28
C LEU A 25 5.94 9.65 1.68
N LEU A 26 5.30 9.14 2.72
CA LEU A 26 4.04 9.72 3.22
C LEU A 26 4.23 11.19 3.57
N SER A 27 4.99 11.45 4.62
CA SER A 27 5.24 12.82 5.06
C SER A 27 5.39 13.76 3.87
N ARG A 28 6.18 13.34 2.88
CA ARG A 28 6.40 14.14 1.68
C ARG A 28 5.07 14.57 1.06
N THR A 29 4.24 13.59 0.71
CA THR A 29 2.95 13.88 0.10
C THR A 29 2.09 14.72 1.03
N GLY A 30 1.76 14.17 2.19
CA GLY A 30 0.94 14.89 3.15
C GLY A 30 -0.38 15.35 2.56
N LYS A 31 -1.31 14.43 2.40
CA LYS A 31 -2.62 14.74 1.84
C LYS A 31 -3.74 14.18 2.71
N ASP A 32 -3.43 13.98 4.00
CA ASP A 32 -4.41 13.46 4.93
C ASP A 32 -5.21 12.31 4.32
N GLY A 33 -4.52 11.47 3.56
CA GLY A 33 -5.16 10.34 2.92
C GLY A 33 -4.22 9.55 2.03
N SER A 34 -2.94 9.55 2.39
CA SER A 34 -1.93 8.83 1.62
C SER A 34 -1.82 7.38 2.08
N PHE A 35 -1.37 6.51 1.18
CA PHE A 35 -1.23 5.09 1.51
C PHE A 35 -0.24 4.42 0.54
N LEU A 36 0.54 3.48 1.07
CA LEU A 36 1.52 2.77 0.27
C LEU A 36 1.73 1.35 0.80
N VAL A 37 2.27 0.48 -0.05
CA VAL A 37 2.54 -0.91 0.34
C VAL A 37 4.02 -1.23 0.26
N ARG A 38 4.47 -2.10 1.15
CA ARG A 38 5.87 -2.50 1.18
C ARG A 38 6.01 -3.99 1.48
N ALA A 39 7.24 -4.50 1.36
CA ALA A 39 7.50 -5.90 1.62
C ALA A 39 8.06 -6.11 3.03
N SER A 40 7.17 -6.46 3.96
CA SER A 40 7.57 -6.69 5.34
C SER A 40 8.93 -7.36 5.41
N GLU A 41 9.87 -6.73 6.12
CA GLU A 41 11.22 -7.27 6.26
C GLU A 41 11.18 -8.68 6.83
N SER A 42 10.30 -8.90 7.81
CA SER A 42 10.17 -10.20 8.44
C SER A 42 9.88 -11.28 7.42
N ILE A 43 8.65 -11.29 6.90
CA ILE A 43 8.26 -12.28 5.90
C ILE A 43 7.98 -11.61 4.55
N SER A 44 8.95 -11.71 3.65
CA SER A 44 8.82 -11.11 2.32
C SER A 44 7.44 -11.40 1.73
N ARG A 45 7.03 -12.67 1.79
CA ARG A 45 5.74 -13.07 1.26
C ARG A 45 4.63 -12.15 1.75
N ALA A 46 4.79 -11.65 2.98
CA ALA A 46 3.80 -10.74 3.56
C ALA A 46 4.00 -9.31 3.07
N TYR A 47 3.02 -8.46 3.33
CA TYR A 47 3.10 -7.06 2.92
C TYR A 47 2.76 -6.13 4.07
N ALA A 48 2.73 -4.83 3.79
CA ALA A 48 2.42 -3.84 4.80
C ALA A 48 1.81 -2.58 4.18
N LEU A 49 0.54 -2.34 4.45
CA LEU A 49 -0.16 -1.18 3.92
C LEU A 49 -0.12 -0.02 4.90
N CYS A 50 0.71 0.98 4.59
CA CYS A 50 0.84 2.16 5.46
C CYS A 50 -0.16 3.23 5.06
N VAL A 51 -0.48 4.12 6.00
CA VAL A 51 -1.42 5.20 5.75
C VAL A 51 -1.09 6.42 6.60
N LEU A 52 -1.12 7.59 5.96
CA LEU A 52 -0.82 8.84 6.65
C LEU A 52 -2.10 9.50 7.17
N TYR A 53 -2.05 10.00 8.40
CA TYR A 53 -3.20 10.65 9.00
C TYR A 53 -2.82 11.31 10.33
N ARG A 54 -3.16 12.59 10.46
CA ARG A 54 -2.85 13.34 11.67
C ARG A 54 -1.36 13.28 11.98
N ASN A 55 -0.53 13.50 10.97
CA ASN A 55 0.91 13.46 11.13
C ASN A 55 1.35 12.17 11.81
N CYS A 56 0.62 11.09 11.55
CA CYS A 56 0.94 9.79 12.13
C CYS A 56 0.76 8.67 11.12
N VAL A 57 1.76 7.81 11.01
CA VAL A 57 1.71 6.69 10.06
C VAL A 57 1.07 5.47 10.70
N TYR A 58 0.32 4.72 9.89
CA TYR A 58 -0.36 3.52 10.37
C TYR A 58 -0.03 2.32 9.50
N THR A 59 0.87 1.46 9.97
CA THR A 59 1.27 0.28 9.23
C THR A 59 0.27 -0.85 9.41
N TYR A 60 -0.15 -1.46 8.30
CA TYR A 60 -1.11 -2.56 8.34
C TYR A 60 -0.55 -3.79 7.65
N ARG A 61 0.20 -4.59 8.40
CA ARG A 61 0.80 -5.81 7.86
C ARG A 61 -0.27 -6.69 7.22
N ILE A 62 0.13 -7.41 6.17
CA ILE A 62 -0.79 -8.30 5.47
C ILE A 62 -0.21 -9.70 5.33
N LEU A 63 -0.64 -10.60 6.21
CA LEU A 63 -0.15 -11.98 6.18
C LEU A 63 -0.93 -12.80 5.16
N PRO A 64 -0.22 -13.74 4.50
CA PRO A 64 -0.82 -14.61 3.48
C PRO A 64 -1.78 -15.63 4.09
N ASN A 65 -2.74 -16.07 3.29
CA ASN A 65 -3.72 -17.05 3.75
C ASN A 65 -3.47 -18.42 3.11
N GLU A 66 -4.27 -19.41 3.51
CA GLU A 66 -4.14 -20.75 2.97
C GLU A 66 -3.80 -20.72 1.48
N ASP A 67 -4.66 -20.06 0.70
CA ASP A 67 -4.46 -19.95 -0.73
C ASP A 67 -3.62 -18.73 -1.07
N ASP A 68 -2.61 -18.47 -0.25
CA ASP A 68 -1.72 -17.33 -0.46
C ASP A 68 -2.53 -16.05 -0.70
N LYS A 69 -3.67 -15.95 -0.04
CA LYS A 69 -4.53 -14.79 -0.16
C LYS A 69 -4.06 -13.65 0.73
N PHE A 70 -4.14 -12.42 0.22
CA PHE A 70 -3.71 -11.25 0.98
C PHE A 70 -4.92 -10.53 1.57
N THR A 71 -5.09 -10.66 2.88
CA THR A 71 -6.21 -10.02 3.58
C THR A 71 -5.72 -9.24 4.79
N VAL A 72 -5.58 -7.93 4.62
CA VAL A 72 -5.13 -7.06 5.71
C VAL A 72 -5.80 -7.43 7.03
N GLN A 73 -5.01 -7.48 8.10
CA GLN A 73 -5.54 -7.82 9.42
C GLN A 73 -5.98 -6.57 10.16
N ALA A 74 -7.30 -6.37 10.25
CA ALA A 74 -7.85 -5.21 10.95
C ALA A 74 -9.02 -5.62 11.83
N SER A 75 -9.61 -4.64 12.51
CA SER A 75 -10.74 -4.89 13.40
C SER A 75 -11.84 -5.66 12.68
N GLU A 76 -12.75 -6.24 13.44
CA GLU A 76 -13.85 -7.01 12.88
C GLU A 76 -14.72 -6.13 11.97
N GLY A 77 -15.45 -6.77 11.07
CA GLY A 77 -16.31 -6.03 10.16
C GLY A 77 -17.28 -6.93 9.42
N VAL A 78 -18.37 -6.34 8.93
CA VAL A 78 -19.39 -7.11 8.21
C VAL A 78 -19.02 -7.24 6.73
N SER A 79 -17.75 -7.01 6.42
CA SER A 79 -17.27 -7.11 5.05
C SER A 79 -16.02 -7.98 4.97
N MET A 80 -16.16 -9.25 5.35
CA MET A 80 -15.04 -10.18 5.33
C MET A 80 -14.84 -10.74 3.92
N ARG A 81 -13.87 -10.18 3.21
CA ARG A 81 -13.58 -10.61 1.84
C ARG A 81 -12.10 -10.98 1.70
N PHE A 82 -11.81 -11.83 0.73
CA PHE A 82 -10.42 -12.27 0.49
C PHE A 82 -9.99 -11.90 -0.93
N PHE A 83 -8.75 -11.44 -1.06
CA PHE A 83 -8.21 -11.07 -2.36
C PHE A 83 -6.75 -11.47 -2.48
N THR A 84 -6.44 -12.30 -3.47
CA THR A 84 -5.08 -12.76 -3.69
C THR A 84 -4.24 -11.69 -4.39
N LYS A 85 -4.91 -10.76 -5.06
CA LYS A 85 -4.23 -9.68 -5.76
C LYS A 85 -4.37 -8.37 -5.00
N LEU A 86 -3.25 -7.86 -4.50
CA LEU A 86 -3.24 -6.61 -3.75
C LEU A 86 -4.12 -5.57 -4.42
N ASP A 87 -3.94 -5.40 -5.72
CA ASP A 87 -4.73 -4.44 -6.49
C ASP A 87 -6.22 -4.63 -6.24
N GLN A 88 -6.66 -5.89 -6.24
CA GLN A 88 -8.07 -6.21 -6.02
C GLN A 88 -8.47 -5.91 -4.59
N LEU A 89 -7.48 -5.82 -3.70
CA LEU A 89 -7.73 -5.53 -2.30
C LEU A 89 -7.73 -4.03 -2.04
N ILE A 90 -6.87 -3.31 -2.76
CA ILE A 90 -6.78 -1.87 -2.61
C ILE A 90 -8.01 -1.16 -3.18
N GLU A 91 -8.42 -1.59 -4.37
CA GLU A 91 -9.58 -1.00 -5.04
C GLU A 91 -10.83 -1.16 -4.17
N PHE A 92 -10.92 -2.28 -3.47
CA PHE A 92 -12.06 -2.55 -2.60
C PHE A 92 -11.97 -1.74 -1.31
N TYR A 93 -10.76 -1.57 -0.80
CA TYR A 93 -10.54 -0.82 0.44
C TYR A 93 -10.86 0.66 0.23
N LYS A 94 -10.52 1.17 -0.95
CA LYS A 94 -10.77 2.57 -1.28
C LYS A 94 -12.06 3.05 -0.66
N LYS A 95 -13.05 2.16 -0.58
CA LYS A 95 -14.35 2.50 0.00
C LYS A 95 -14.21 2.77 1.49
N GLU A 96 -14.84 3.86 1.95
CA GLU A 96 -14.80 4.23 3.36
C GLU A 96 -15.06 3.02 4.25
N ASN A 97 -14.24 2.85 5.28
CA ASN A 97 -14.38 1.74 6.21
C ASN A 97 -13.65 2.03 7.52
N MET A 98 -14.39 2.03 8.61
CA MET A 98 -13.81 2.29 9.93
C MET A 98 -12.45 1.61 10.07
N GLY A 99 -12.30 0.48 9.39
CA GLY A 99 -11.05 -0.26 9.45
C GLY A 99 -9.83 0.66 9.54
N LEU A 100 -9.31 1.05 8.38
CA LEU A 100 -8.14 1.93 8.33
C LEU A 100 -8.45 3.28 8.97
N VAL A 101 -7.41 4.01 9.33
CA VAL A 101 -7.57 5.33 9.94
C VAL A 101 -8.26 6.30 8.99
N THR A 102 -8.01 6.12 7.70
CA THR A 102 -8.61 6.99 6.69
C THR A 102 -8.77 6.25 5.35
N HIS A 103 -9.89 6.50 4.67
CA HIS A 103 -10.15 5.86 3.40
C HIS A 103 -9.15 6.31 2.34
N LEU A 104 -8.54 5.35 1.66
CA LEU A 104 -7.56 5.65 0.62
C LEU A 104 -8.03 6.81 -0.26
N GLN A 105 -7.30 7.91 -0.23
CA GLN A 105 -7.66 9.08 -1.02
C GLN A 105 -6.84 9.14 -2.31
N TYR A 106 -5.52 9.18 -2.16
CA TYR A 106 -4.63 9.24 -3.31
C TYR A 106 -3.47 8.26 -3.15
N PRO A 107 -3.31 7.35 -4.14
CA PRO A 107 -2.24 6.35 -4.12
C PRO A 107 -0.86 6.96 -4.33
N VAL A 108 -0.16 7.19 -3.22
CA VAL A 108 1.18 7.78 -3.28
C VAL A 108 2.03 7.10 -4.36
N PRO A 109 2.71 7.92 -5.16
CA PRO A 109 3.57 7.42 -6.25
C PRO A 109 4.82 6.73 -5.72
N LEU A 110 5.57 6.11 -6.63
CA LEU A 110 6.80 5.42 -6.25
C LEU A 110 7.99 6.37 -6.21
N GLU A 111 9.17 5.84 -5.91
CA GLU A 111 10.38 6.65 -5.84
C GLU A 111 11.49 6.03 -6.69
N GLU A 112 11.11 5.36 -7.77
CA GLU A 112 12.08 4.73 -8.65
C GLU A 112 12.88 5.78 -9.43
N GLU A 113 14.18 5.79 -9.22
CA GLU A 113 15.07 6.73 -9.90
C GLU A 113 15.88 6.05 -10.99
N ASP A 114 15.52 6.31 -12.25
CA ASP A 114 16.21 5.72 -13.38
C ASP A 114 17.24 6.69 -13.96
N THR A 115 18.47 6.61 -13.46
CA THR A 115 19.54 7.48 -13.93
C THR A 115 19.64 7.47 -15.45
N GLY A 116 19.60 6.28 -16.03
CA GLY A 116 19.68 6.17 -17.48
C GLY A 116 20.52 4.98 -17.91
N ASP A 117 20.25 4.49 -19.13
CA ASP A 117 20.99 3.35 -19.66
C ASP A 117 21.40 3.61 -21.11
N ASP A 118 22.40 2.86 -21.57
CA ASP A 118 22.89 3.00 -22.94
C ASP A 118 22.54 1.77 -23.77
N PRO A 119 22.14 2.00 -25.03
CA PRO A 119 21.77 0.92 -25.96
C PRO A 119 22.97 0.10 -26.38
N GLY A 1 -1.54 -3.88 -32.47
CA GLY A 1 -0.80 -3.57 -31.27
C GLY A 1 -1.70 -3.28 -30.09
N SER A 2 -1.99 -2.00 -29.88
CA SER A 2 -2.85 -1.59 -28.77
C SER A 2 -2.50 -2.36 -27.50
N SER A 3 -1.20 -2.54 -27.25
CA SER A 3 -0.74 -3.26 -26.07
C SER A 3 0.27 -2.43 -25.28
N GLY A 4 0.36 -2.70 -23.99
CA GLY A 4 1.29 -1.97 -23.14
C GLY A 4 0.69 -1.64 -21.79
N SER A 5 0.93 -0.42 -21.31
CA SER A 5 0.42 0.02 -20.02
C SER A 5 -0.33 1.33 -20.14
N SER A 6 -1.61 1.31 -19.78
CA SER A 6 -2.45 2.51 -19.86
C SER A 6 -3.62 2.41 -18.89
N GLY A 7 -4.19 3.55 -18.55
CA GLY A 7 -5.32 3.59 -17.63
C GLY A 7 -4.89 3.58 -16.18
N MET A 8 -5.85 3.63 -15.27
CA MET A 8 -5.57 3.62 -13.84
C MET A 8 -4.83 2.35 -13.44
N VAL A 9 -3.63 2.51 -12.89
CA VAL A 9 -2.83 1.37 -12.46
C VAL A 9 -2.34 1.55 -11.03
N PRO A 10 -2.23 0.43 -10.30
CA PRO A 10 -1.76 0.45 -8.90
C PRO A 10 -0.28 0.79 -8.79
N CYS A 11 0.00 1.99 -8.31
CA CYS A 11 1.38 2.45 -8.14
C CYS A 11 1.72 2.64 -6.67
N TRP A 12 1.20 1.76 -5.82
CA TRP A 12 1.45 1.83 -4.39
C TRP A 12 2.32 0.67 -3.92
N ASN A 13 2.59 -0.27 -4.84
CA ASN A 13 3.42 -1.43 -4.53
C ASN A 13 4.90 -1.08 -4.61
N HIS A 14 5.40 -0.43 -3.57
CA HIS A 14 6.81 -0.04 -3.52
C HIS A 14 7.71 -1.27 -3.45
N GLY A 15 7.47 -2.11 -2.44
CA GLY A 15 8.27 -3.31 -2.27
C GLY A 15 9.16 -3.25 -1.05
N ASN A 16 10.33 -3.87 -1.13
CA ASN A 16 11.27 -3.89 -0.02
C ASN A 16 11.98 -2.54 0.12
N ILE A 17 11.49 -1.71 1.04
CA ILE A 17 12.08 -0.41 1.27
C ILE A 17 12.36 -0.18 2.76
N THR A 18 13.35 0.66 3.05
CA THR A 18 13.71 0.97 4.42
C THR A 18 12.54 1.57 5.18
N ARG A 19 12.46 1.29 6.47
CA ARG A 19 11.38 1.81 7.32
C ARG A 19 11.20 3.30 7.08
N SER A 20 12.20 4.10 7.44
CA SER A 20 12.14 5.54 7.28
C SER A 20 11.39 5.91 6.00
N LYS A 21 11.97 5.54 4.86
CA LYS A 21 11.36 5.82 3.56
C LYS A 21 9.84 5.72 3.65
N ALA A 22 9.34 4.52 3.92
CA ALA A 22 7.91 4.30 4.02
C ALA A 22 7.21 5.49 4.68
N GLU A 23 7.75 5.93 5.81
CA GLU A 23 7.18 7.07 6.54
C GLU A 23 7.39 8.36 5.76
N GLU A 24 8.63 8.60 5.32
CA GLU A 24 8.96 9.80 4.57
C GLU A 24 7.98 10.01 3.42
N LEU A 25 7.83 9.00 2.58
CA LEU A 25 6.93 9.08 1.44
C LEU A 25 5.62 9.76 1.82
N LEU A 26 5.12 9.42 3.01
CA LEU A 26 3.87 10.01 3.50
C LEU A 26 4.10 11.42 4.01
N SER A 27 5.11 11.58 4.85
CA SER A 27 5.44 12.89 5.43
C SER A 27 5.64 13.93 4.33
N ARG A 28 6.62 13.69 3.47
CA ARG A 28 6.92 14.61 2.38
C ARG A 28 5.64 15.01 1.65
N THR A 29 4.76 14.05 1.43
CA THR A 29 3.50 14.30 0.75
C THR A 29 2.70 15.39 1.45
N GLY A 30 2.57 15.25 2.77
CA GLY A 30 1.82 16.23 3.54
C GLY A 30 0.40 16.36 3.08
N LYS A 31 -0.29 15.24 2.94
CA LYS A 31 -1.68 15.23 2.50
C LYS A 31 -2.53 14.32 3.38
N ASP A 32 -3.78 14.71 3.60
CA ASP A 32 -4.69 13.92 4.42
C ASP A 32 -5.36 12.83 3.60
N GLY A 33 -4.66 11.71 3.43
CA GLY A 33 -5.20 10.60 2.66
C GLY A 33 -4.14 9.88 1.86
N SER A 34 -2.94 9.80 2.42
CA SER A 34 -1.82 9.14 1.74
C SER A 34 -1.67 7.70 2.24
N PHE A 35 -1.36 6.79 1.32
CA PHE A 35 -1.19 5.39 1.67
C PHE A 35 -0.27 4.69 0.67
N LEU A 36 0.14 3.46 1.00
CA LEU A 36 1.02 2.69 0.13
C LEU A 36 1.17 1.27 0.64
N VAL A 37 1.78 0.42 -0.19
CA VAL A 37 1.99 -0.99 0.19
C VAL A 37 3.43 -1.40 -0.06
N ARG A 38 4.11 -1.83 1.00
CA ARG A 38 5.50 -2.25 0.89
C ARG A 38 5.67 -3.68 1.41
N ALA A 39 6.75 -4.34 0.98
CA ALA A 39 7.02 -5.71 1.41
C ALA A 39 7.53 -5.74 2.84
N SER A 40 7.21 -6.82 3.56
CA SER A 40 7.63 -6.97 4.95
C SER A 40 9.12 -7.27 5.03
N GLU A 41 9.68 -7.19 6.24
CA GLU A 41 11.10 -7.45 6.45
C GLU A 41 11.45 -8.88 6.05
N SER A 42 12.16 -9.01 4.93
CA SER A 42 12.56 -10.33 4.44
C SER A 42 11.36 -11.27 4.36
N ILE A 43 10.19 -10.71 4.06
CA ILE A 43 8.97 -11.50 3.96
C ILE A 43 8.06 -10.95 2.86
N SER A 44 8.00 -11.65 1.74
CA SER A 44 7.17 -11.24 0.62
C SER A 44 5.70 -11.59 0.87
N ARG A 45 5.45 -12.86 1.18
CA ARG A 45 4.10 -13.32 1.45
C ARG A 45 3.30 -12.27 2.20
N ALA A 46 3.98 -11.53 3.07
CA ALA A 46 3.32 -10.48 3.86
C ALA A 46 3.59 -9.11 3.26
N TYR A 47 2.82 -8.12 3.69
CA TYR A 47 2.97 -6.76 3.20
C TYR A 47 2.68 -5.74 4.30
N ALA A 48 2.90 -4.46 3.99
CA ALA A 48 2.66 -3.39 4.95
C ALA A 48 1.92 -2.23 4.30
N LEU A 49 0.70 -1.97 4.78
CA LEU A 49 -0.11 -0.89 4.25
C LEU A 49 -0.06 0.33 5.16
N CYS A 50 0.72 1.34 4.77
CA CYS A 50 0.85 2.55 5.56
C CYS A 50 -0.26 3.55 5.22
N VAL A 51 -0.50 4.49 6.11
CA VAL A 51 -1.52 5.50 5.91
C VAL A 51 -1.25 6.76 6.73
N LEU A 52 -1.41 7.91 6.10
CA LEU A 52 -1.18 9.19 6.77
C LEU A 52 -2.48 9.95 6.95
N TYR A 53 -2.86 10.18 8.21
CA TYR A 53 -4.08 10.90 8.52
C TYR A 53 -3.81 12.02 9.52
N ARG A 54 -3.17 11.68 10.63
CA ARG A 54 -2.84 12.66 11.65
C ARG A 54 -1.37 12.61 12.01
N ASN A 55 -0.53 13.27 11.21
CA ASN A 55 0.90 13.30 11.44
C ASN A 55 1.39 11.96 11.99
N CYS A 56 0.76 10.88 11.54
CA CYS A 56 1.14 9.55 11.98
C CYS A 56 0.99 8.53 10.84
N VAL A 57 1.70 7.42 10.96
CA VAL A 57 1.65 6.37 9.94
C VAL A 57 1.12 5.06 10.53
N TYR A 58 -0.14 4.78 10.29
CA TYR A 58 -0.77 3.57 10.80
C TYR A 58 -0.55 2.41 9.83
N THR A 59 0.47 1.60 10.08
CA THR A 59 0.78 0.46 9.24
C THR A 59 -0.20 -0.69 9.47
N TYR A 60 -0.48 -1.45 8.42
CA TYR A 60 -1.40 -2.57 8.50
C TYR A 60 -0.81 -3.83 7.87
N ARG A 61 0.06 -4.51 8.60
CA ARG A 61 0.71 -5.72 8.10
C ARG A 61 -0.34 -6.69 7.54
N ILE A 62 -0.18 -7.04 6.27
CA ILE A 62 -1.10 -7.97 5.61
C ILE A 62 -0.54 -9.38 5.61
N LEU A 63 -1.03 -10.20 6.53
CA LEU A 63 -0.59 -11.59 6.63
C LEU A 63 -1.29 -12.46 5.59
N PRO A 64 -0.56 -13.45 5.07
CA PRO A 64 -1.10 -14.38 4.06
C PRO A 64 -2.15 -15.33 4.65
N ASN A 65 -3.02 -15.85 3.79
CA ASN A 65 -4.06 -16.77 4.22
C ASN A 65 -3.75 -18.20 3.77
N GLU A 66 -4.52 -19.15 4.29
CA GLU A 66 -4.33 -20.55 3.94
C GLU A 66 -4.31 -20.74 2.43
N ASP A 67 -5.06 -19.90 1.72
CA ASP A 67 -5.13 -19.96 0.27
C ASP A 67 -4.13 -19.00 -0.37
N ASP A 68 -3.08 -18.69 0.37
CA ASP A 68 -2.04 -17.78 -0.13
C ASP A 68 -2.67 -16.48 -0.64
N LYS A 69 -3.76 -16.06 -0.01
CA LYS A 69 -4.44 -14.84 -0.40
C LYS A 69 -3.92 -13.65 0.38
N PHE A 70 -4.44 -12.46 0.08
CA PHE A 70 -4.02 -11.24 0.76
C PHE A 70 -5.18 -10.63 1.54
N THR A 71 -4.96 -10.39 2.83
CA THR A 71 -6.00 -9.81 3.68
C THR A 71 -5.38 -9.05 4.85
N VAL A 72 -5.72 -7.77 4.97
CA VAL A 72 -5.20 -6.94 6.04
C VAL A 72 -5.49 -7.55 7.40
N GLN A 73 -4.49 -7.54 8.28
CA GLN A 73 -4.65 -8.09 9.62
C GLN A 73 -4.78 -6.98 10.65
N ALA A 74 -5.96 -6.39 10.74
CA ALA A 74 -6.21 -5.32 11.70
C ALA A 74 -7.32 -5.70 12.68
N SER A 75 -7.15 -6.85 13.33
CA SER A 75 -8.14 -7.33 14.30
C SER A 75 -9.54 -7.30 13.70
N GLU A 76 -9.68 -7.85 12.49
CA GLU A 76 -10.97 -7.88 11.82
C GLU A 76 -11.42 -9.32 11.57
N GLY A 77 -12.67 -9.60 11.91
CA GLY A 77 -13.21 -10.94 11.72
C GLY A 77 -14.30 -10.99 10.67
N VAL A 78 -15.55 -10.88 11.11
CA VAL A 78 -16.68 -10.92 10.21
C VAL A 78 -16.40 -10.11 8.94
N SER A 79 -15.87 -8.91 9.12
CA SER A 79 -15.55 -8.05 7.99
C SER A 79 -14.14 -8.30 7.48
N MET A 80 -14.00 -9.33 6.64
CA MET A 80 -12.70 -9.68 6.07
C MET A 80 -12.86 -10.66 4.92
N ARG A 81 -12.17 -10.38 3.81
CA ARG A 81 -12.24 -11.24 2.63
C ARG A 81 -10.83 -11.69 2.21
N PHE A 82 -10.77 -12.40 1.10
CA PHE A 82 -9.49 -12.90 0.59
C PHE A 82 -9.39 -12.69 -0.92
N PHE A 83 -8.45 -11.84 -1.33
CA PHE A 83 -8.26 -11.55 -2.75
C PHE A 83 -6.90 -12.07 -3.22
N THR A 84 -6.88 -12.63 -4.43
CA THR A 84 -5.66 -13.17 -5.00
C THR A 84 -4.65 -12.06 -5.28
N LYS A 85 -5.04 -11.11 -6.13
CA LYS A 85 -4.17 -10.00 -6.48
C LYS A 85 -4.17 -8.94 -5.38
N LEU A 86 -2.99 -8.41 -5.07
CA LEU A 86 -2.85 -7.40 -4.03
C LEU A 86 -3.74 -6.20 -4.33
N ASP A 87 -3.86 -5.86 -5.61
CA ASP A 87 -4.69 -4.73 -6.04
C ASP A 87 -6.16 -5.01 -5.75
N GLN A 88 -6.65 -6.14 -6.24
CA GLN A 88 -8.05 -6.51 -6.04
C GLN A 88 -8.49 -6.19 -4.61
N LEU A 89 -7.54 -6.23 -3.68
CA LEU A 89 -7.84 -5.95 -2.28
C LEU A 89 -7.82 -4.45 -2.01
N ILE A 90 -6.69 -3.82 -2.29
CA ILE A 90 -6.53 -2.39 -2.08
C ILE A 90 -7.69 -1.61 -2.69
N GLU A 91 -8.07 -1.99 -3.91
CA GLU A 91 -9.16 -1.33 -4.61
C GLU A 91 -10.45 -1.39 -3.79
N PHE A 92 -10.83 -2.60 -3.37
CA PHE A 92 -12.04 -2.79 -2.59
C PHE A 92 -12.01 -1.92 -1.34
N TYR A 93 -10.82 -1.71 -0.79
CA TYR A 93 -10.66 -0.90 0.41
C TYR A 93 -10.88 0.58 0.10
N LYS A 94 -10.59 0.97 -1.14
CA LYS A 94 -10.75 2.36 -1.56
C LYS A 94 -12.05 2.93 -1.04
N LYS A 95 -13.11 2.12 -1.07
CA LYS A 95 -14.42 2.54 -0.59
C LYS A 95 -14.39 2.84 0.91
N GLU A 96 -15.17 3.84 1.32
CA GLU A 96 -15.23 4.22 2.73
C GLU A 96 -15.38 3.00 3.62
N ASN A 97 -14.57 2.93 4.68
CA ASN A 97 -14.62 1.81 5.60
C ASN A 97 -14.08 2.20 6.97
N MET A 98 -14.92 2.11 7.99
CA MET A 98 -14.53 2.46 9.35
C MET A 98 -13.18 1.85 9.70
N GLY A 99 -12.91 0.67 9.15
CA GLY A 99 -11.65 -0.01 9.42
C GLY A 99 -10.47 0.94 9.42
N LEU A 100 -9.82 1.06 8.27
CA LEU A 100 -8.66 1.95 8.13
C LEU A 100 -8.95 3.32 8.74
N VAL A 101 -7.89 4.07 9.03
CA VAL A 101 -8.03 5.39 9.61
C VAL A 101 -8.77 6.33 8.66
N THR A 102 -8.47 6.21 7.37
CA THR A 102 -9.09 7.05 6.35
C THR A 102 -9.18 6.32 5.02
N HIS A 103 -10.24 6.57 4.27
CA HIS A 103 -10.43 5.94 2.97
C HIS A 103 -9.35 6.38 1.99
N LEU A 104 -8.71 5.40 1.36
CA LEU A 104 -7.64 5.68 0.40
C LEU A 104 -8.08 6.76 -0.59
N GLN A 105 -7.17 7.68 -0.88
CA GLN A 105 -7.46 8.76 -1.81
C GLN A 105 -6.32 8.94 -2.81
N TYR A 106 -5.12 9.24 -2.30
CA TYR A 106 -3.96 9.43 -3.14
C TYR A 106 -2.89 8.37 -2.85
N PRO A 107 -2.89 7.31 -3.66
CA PRO A 107 -1.94 6.20 -3.52
C PRO A 107 -0.52 6.61 -3.90
N VAL A 108 0.22 7.14 -2.93
CA VAL A 108 1.59 7.58 -3.16
C VAL A 108 2.30 6.67 -4.16
N PRO A 109 2.82 7.26 -5.23
CA PRO A 109 3.53 6.52 -6.29
C PRO A 109 4.87 5.99 -5.81
N LEU A 110 5.46 5.09 -6.60
CA LEU A 110 6.75 4.50 -6.25
C LEU A 110 7.87 5.53 -6.34
N GLU A 111 8.99 5.22 -5.71
CA GLU A 111 10.14 6.13 -5.73
C GLU A 111 11.24 5.61 -6.64
N GLU A 112 10.84 4.92 -7.71
CA GLU A 112 11.79 4.36 -8.66
C GLU A 112 12.90 5.35 -8.97
N GLU A 113 14.15 4.89 -8.84
CA GLU A 113 15.30 5.75 -9.11
C GLU A 113 16.23 5.10 -10.13
N ASP A 114 16.71 5.91 -11.07
CA ASP A 114 17.61 5.42 -12.11
C ASP A 114 19.05 5.74 -11.77
N THR A 115 19.98 5.04 -12.44
CA THR A 115 21.41 5.25 -12.19
C THR A 115 22.10 5.77 -13.44
N GLY A 116 22.84 6.87 -13.29
CA GLY A 116 23.55 7.45 -14.41
C GLY A 116 24.96 6.91 -14.56
N ASP A 117 25.92 7.63 -13.99
CA ASP A 117 27.32 7.22 -14.06
C ASP A 117 28.11 7.81 -12.90
N ASP A 118 28.83 6.94 -12.18
CA ASP A 118 29.63 7.37 -11.05
C ASP A 118 31.09 7.57 -11.46
N PRO A 119 31.73 8.62 -10.90
CA PRO A 119 33.13 8.94 -11.19
C PRO A 119 34.09 7.91 -10.61
N GLY A 1 -13.96 5.82 -23.21
CA GLY A 1 -14.23 4.81 -22.20
C GLY A 1 -12.97 4.12 -21.73
N SER A 2 -12.71 4.21 -20.42
CA SER A 2 -11.52 3.61 -19.84
C SER A 2 -11.17 2.30 -20.55
N SER A 3 -9.92 2.20 -21.01
CA SER A 3 -9.46 1.00 -21.71
C SER A 3 -9.33 -0.17 -20.75
N GLY A 4 -8.63 0.05 -19.65
CA GLY A 4 -8.45 -1.00 -18.66
C GLY A 4 -7.23 -1.86 -18.95
N SER A 5 -6.11 -1.52 -18.32
CA SER A 5 -4.87 -2.26 -18.52
C SER A 5 -4.96 -3.65 -17.90
N SER A 6 -4.57 -4.66 -18.67
CA SER A 6 -4.60 -6.04 -18.20
C SER A 6 -3.20 -6.57 -17.95
N GLY A 7 -2.73 -6.44 -16.71
CA GLY A 7 -1.41 -6.91 -16.36
C GLY A 7 -0.42 -5.77 -16.22
N MET A 8 -0.89 -4.63 -15.73
CA MET A 8 -0.04 -3.47 -15.53
C MET A 8 0.31 -3.28 -14.05
N VAL A 9 1.60 -3.23 -13.75
CA VAL A 9 2.05 -3.04 -12.37
C VAL A 9 1.55 -1.73 -11.79
N PRO A 10 1.07 -1.79 -10.54
CA PRO A 10 0.55 -0.60 -9.84
C PRO A 10 1.64 0.39 -9.49
N CYS A 11 1.24 1.54 -8.95
CA CYS A 11 2.19 2.58 -8.57
C CYS A 11 2.36 2.64 -7.05
N TRP A 12 1.32 2.20 -6.34
CA TRP A 12 1.35 2.21 -4.87
C TRP A 12 2.15 1.03 -4.34
N ASN A 13 2.62 0.18 -5.25
CA ASN A 13 3.41 -0.99 -4.87
C ASN A 13 4.90 -0.73 -5.03
N HIS A 14 5.51 -0.11 -4.03
CA HIS A 14 6.94 0.20 -4.06
C HIS A 14 7.77 -1.07 -4.06
N GLY A 15 7.59 -1.89 -3.03
CA GLY A 15 8.34 -3.13 -2.92
C GLY A 15 9.24 -3.17 -1.70
N ASN A 16 10.54 -3.28 -1.94
CA ASN A 16 11.52 -3.32 -0.86
C ASN A 16 12.15 -1.95 -0.63
N ILE A 17 11.77 -1.29 0.45
CA ILE A 17 12.30 0.03 0.77
C ILE A 17 12.56 0.16 2.27
N THR A 18 13.56 0.98 2.61
CA THR A 18 13.92 1.20 4.00
C THR A 18 12.79 1.91 4.76
N ARG A 19 12.82 1.81 6.08
CA ARG A 19 11.80 2.44 6.91
C ARG A 19 11.85 3.96 6.76
N SER A 20 13.05 4.51 6.71
CA SER A 20 13.24 5.95 6.57
C SER A 20 12.53 6.47 5.33
N LYS A 21 12.50 5.66 4.28
CA LYS A 21 11.85 6.03 3.04
C LYS A 21 10.33 6.05 3.19
N ALA A 22 9.79 4.95 3.70
CA ALA A 22 8.35 4.82 3.91
C ALA A 22 7.78 6.10 4.53
N GLU A 23 8.23 6.40 5.75
CA GLU A 23 7.77 7.58 6.46
C GLU A 23 8.08 8.85 5.67
N GLU A 24 9.30 8.93 5.16
CA GLU A 24 9.73 10.10 4.38
C GLU A 24 8.65 10.50 3.37
N LEU A 25 8.35 9.60 2.45
CA LEU A 25 7.34 9.86 1.43
C LEU A 25 6.06 10.42 2.06
N LEU A 26 5.38 9.59 2.83
CA LEU A 26 4.14 10.00 3.49
C LEU A 26 4.28 11.40 4.07
N SER A 27 5.15 11.54 5.07
CA SER A 27 5.38 12.83 5.71
C SER A 27 5.42 13.96 4.68
N ARG A 28 6.41 13.90 3.80
CA ARG A 28 6.57 14.91 2.76
C ARG A 28 5.21 15.38 2.24
N THR A 29 4.52 14.49 1.55
CA THR A 29 3.21 14.82 0.99
C THR A 29 2.35 15.57 2.01
N GLY A 30 2.27 15.03 3.21
CA GLY A 30 1.49 15.66 4.26
C GLY A 30 0.08 15.99 3.81
N LYS A 31 -0.82 15.02 3.89
CA LYS A 31 -2.20 15.22 3.49
C LYS A 31 -3.14 14.34 4.31
N ASP A 32 -4.44 14.43 4.02
CA ASP A 32 -5.44 13.64 4.73
C ASP A 32 -6.00 12.54 3.84
N GLY A 33 -5.13 11.67 3.35
CA GLY A 33 -5.56 10.59 2.49
C GLY A 33 -4.41 10.00 1.67
N SER A 34 -3.26 9.82 2.32
CA SER A 34 -2.09 9.27 1.65
C SER A 34 -1.78 7.87 2.16
N PHE A 35 -1.23 7.04 1.29
CA PHE A 35 -0.89 5.66 1.66
C PHE A 35 0.11 5.08 0.67
N LEU A 36 0.60 3.88 0.98
CA LEU A 36 1.58 3.21 0.13
C LEU A 36 1.81 1.77 0.60
N VAL A 37 2.47 0.99 -0.24
CA VAL A 37 2.76 -0.41 0.08
C VAL A 37 4.26 -0.67 0.07
N ARG A 38 4.72 -1.47 1.03
CA ARG A 38 6.13 -1.81 1.13
C ARG A 38 6.32 -3.27 1.53
N ALA A 39 7.57 -3.67 1.74
CA ALA A 39 7.88 -5.03 2.12
C ALA A 39 8.08 -5.16 3.63
N SER A 40 7.38 -6.11 4.24
CA SER A 40 7.47 -6.33 5.68
C SER A 40 8.79 -7.01 6.04
N GLU A 41 9.45 -7.57 5.04
CA GLU A 41 10.73 -8.26 5.24
C GLU A 41 10.61 -9.25 6.40
N SER A 42 9.49 -9.94 6.48
CA SER A 42 9.25 -10.92 7.54
C SER A 42 8.89 -12.28 6.95
N ILE A 43 7.79 -12.32 6.20
CA ILE A 43 7.33 -13.54 5.57
C ILE A 43 7.36 -13.45 4.05
N SER A 44 7.42 -14.59 3.39
CA SER A 44 7.45 -14.63 1.93
C SER A 44 6.29 -13.82 1.34
N ARG A 45 5.08 -14.34 1.50
CA ARG A 45 3.89 -13.68 0.99
C ARG A 45 3.37 -12.64 1.98
N ALA A 46 4.27 -11.78 2.46
CA ALA A 46 3.90 -10.74 3.42
C ALA A 46 4.16 -9.36 2.84
N TYR A 47 3.37 -8.39 3.27
CA TYR A 47 3.51 -7.02 2.80
C TYR A 47 3.10 -6.02 3.88
N ALA A 48 3.15 -4.74 3.54
CA ALA A 48 2.77 -3.68 4.48
C ALA A 48 2.11 -2.51 3.77
N LEU A 49 1.05 -2.00 4.36
CA LEU A 49 0.31 -0.87 3.78
C LEU A 49 0.29 0.32 4.74
N CYS A 50 1.11 1.32 4.45
CA CYS A 50 1.18 2.51 5.30
C CYS A 50 0.09 3.50 4.90
N VAL A 51 -0.58 4.06 5.91
CA VAL A 51 -1.65 5.02 5.68
C VAL A 51 -1.52 6.22 6.60
N LEU A 52 -0.97 7.31 6.09
CA LEU A 52 -0.78 8.53 6.87
C LEU A 52 -2.12 9.11 7.29
N TYR A 53 -2.19 9.64 8.51
CA TYR A 53 -3.42 10.23 9.02
C TYR A 53 -3.18 10.89 10.38
N ARG A 54 -3.66 12.11 10.53
CA ARG A 54 -3.50 12.85 11.78
C ARG A 54 -2.05 12.81 12.25
N ASN A 55 -1.13 13.05 11.33
CA ASN A 55 0.30 13.04 11.65
C ASN A 55 0.73 11.68 12.18
N CYS A 56 0.06 10.63 11.72
CA CYS A 56 0.38 9.27 12.14
C CYS A 56 0.46 8.33 10.94
N VAL A 57 1.34 7.33 11.05
CA VAL A 57 1.53 6.36 9.97
C VAL A 57 0.88 5.03 10.33
N TYR A 58 -0.30 4.78 9.76
CA TYR A 58 -1.02 3.54 10.01
C TYR A 58 -0.49 2.41 9.14
N THR A 59 0.49 1.67 9.66
CA THR A 59 1.09 0.56 8.92
C THR A 59 0.29 -0.72 9.12
N TYR A 60 -0.21 -1.28 8.03
CA TYR A 60 -0.99 -2.50 8.07
C TYR A 60 -0.20 -3.68 7.53
N ARG A 61 -0.03 -4.71 8.36
CA ARG A 61 0.72 -5.90 7.95
C ARG A 61 -0.20 -6.90 7.25
N ILE A 62 0.21 -7.34 6.06
CA ILE A 62 -0.58 -8.30 5.29
C ILE A 62 0.06 -9.69 5.33
N LEU A 63 -0.46 -10.54 6.20
CA LEU A 63 0.06 -11.90 6.34
C LEU A 63 -0.67 -12.86 5.41
N PRO A 64 0.06 -13.84 4.86
CA PRO A 64 -0.50 -14.84 3.94
C PRO A 64 -1.44 -15.80 4.65
N ASN A 65 -2.62 -15.98 4.09
CA ASN A 65 -3.62 -16.88 4.66
C ASN A 65 -3.84 -18.10 3.76
N GLU A 66 -4.71 -19.00 4.21
CA GLU A 66 -5.01 -20.20 3.44
C GLU A 66 -5.00 -19.92 1.93
N ASP A 67 -4.26 -20.74 1.19
CA ASP A 67 -4.17 -20.57 -0.26
C ASP A 67 -3.37 -19.33 -0.61
N ASP A 68 -2.48 -18.92 0.29
CA ASP A 68 -1.65 -17.75 0.07
C ASP A 68 -2.51 -16.55 -0.33
N LYS A 69 -3.61 -16.33 0.39
CA LYS A 69 -4.50 -15.22 0.11
C LYS A 69 -4.04 -13.96 0.81
N PHE A 70 -4.14 -12.83 0.11
CA PHE A 70 -3.74 -11.54 0.67
C PHE A 70 -4.86 -10.92 1.48
N THR A 71 -4.76 -11.03 2.81
CA THR A 71 -5.77 -10.48 3.71
C THR A 71 -5.16 -9.49 4.69
N VAL A 72 -5.89 -8.42 4.98
CA VAL A 72 -5.41 -7.40 5.91
C VAL A 72 -5.87 -7.70 7.33
N GLN A 73 -5.03 -7.37 8.30
CA GLN A 73 -5.35 -7.60 9.70
C GLN A 73 -5.75 -6.30 10.38
N ALA A 74 -6.91 -5.78 10.01
CA ALA A 74 -7.41 -4.53 10.59
C ALA A 74 -8.40 -4.82 11.71
N SER A 75 -9.56 -5.37 11.35
CA SER A 75 -10.59 -5.69 12.33
C SER A 75 -10.59 -7.17 12.66
N GLU A 76 -11.12 -7.51 13.83
CA GLU A 76 -11.18 -8.91 14.26
C GLU A 76 -12.59 -9.27 14.71
N GLY A 77 -12.81 -10.56 14.97
CA GLY A 77 -14.11 -11.02 15.42
C GLY A 77 -14.98 -11.48 14.26
N VAL A 78 -16.07 -10.75 14.02
CA VAL A 78 -16.98 -11.09 12.94
C VAL A 78 -16.76 -10.20 11.73
N SER A 79 -15.51 -10.06 11.32
CA SER A 79 -15.16 -9.23 10.17
C SER A 79 -13.84 -9.67 9.56
N MET A 80 -13.91 -10.31 8.40
CA MET A 80 -12.71 -10.79 7.71
C MET A 80 -13.00 -11.03 6.23
N ARG A 81 -12.03 -10.69 5.39
CA ARG A 81 -12.17 -10.87 3.95
C ARG A 81 -10.87 -11.37 3.32
N PHE A 82 -10.99 -12.01 2.17
CA PHE A 82 -9.83 -12.54 1.48
C PHE A 82 -9.91 -12.25 -0.02
N PHE A 83 -8.86 -11.62 -0.56
CA PHE A 83 -8.82 -11.28 -1.97
C PHE A 83 -7.88 -12.24 -2.73
N THR A 84 -7.84 -12.09 -4.05
CA THR A 84 -7.00 -12.93 -4.89
C THR A 84 -5.68 -12.25 -5.20
N LYS A 85 -5.75 -11.01 -5.68
CA LYS A 85 -4.55 -10.25 -6.02
C LYS A 85 -4.35 -9.10 -5.04
N LEU A 86 -3.15 -8.52 -5.06
CA LEU A 86 -2.82 -7.42 -4.17
C LEU A 86 -3.75 -6.23 -4.40
N ASP A 87 -3.90 -5.85 -5.67
CA ASP A 87 -4.77 -4.73 -6.03
C ASP A 87 -6.21 -4.99 -5.61
N GLN A 88 -6.75 -6.11 -6.06
CA GLN A 88 -8.13 -6.48 -5.73
C GLN A 88 -8.44 -6.16 -4.27
N LEU A 89 -7.43 -6.29 -3.41
CA LEU A 89 -7.60 -6.01 -1.99
C LEU A 89 -7.71 -4.51 -1.74
N ILE A 90 -6.88 -3.74 -2.41
CA ILE A 90 -6.89 -2.28 -2.26
C ILE A 90 -8.18 -1.68 -2.81
N GLU A 91 -8.46 -1.95 -4.09
CA GLU A 91 -9.66 -1.43 -4.72
C GLU A 91 -10.85 -1.51 -3.77
N PHE A 92 -10.87 -2.54 -2.94
CA PHE A 92 -11.96 -2.74 -1.99
C PHE A 92 -11.84 -1.75 -0.82
N TYR A 93 -10.61 -1.49 -0.40
CA TYR A 93 -10.36 -0.57 0.71
C TYR A 93 -10.30 0.87 0.21
N LYS A 94 -11.04 1.15 -0.85
CA LYS A 94 -11.08 2.49 -1.42
C LYS A 94 -12.36 3.22 -1.02
N LYS A 95 -13.22 2.53 -0.28
CA LYS A 95 -14.48 3.11 0.16
C LYS A 95 -14.33 3.71 1.56
N GLU A 96 -15.26 4.59 1.92
CA GLU A 96 -15.22 5.23 3.23
C GLU A 96 -16.13 4.51 4.22
N ASN A 97 -17.15 3.84 3.69
CA ASN A 97 -18.09 3.10 4.53
C ASN A 97 -17.36 2.13 5.44
N MET A 98 -16.86 1.05 4.85
CA MET A 98 -16.13 0.04 5.62
C MET A 98 -14.71 -0.14 5.07
N GLY A 99 -13.77 0.60 5.63
CA GLY A 99 -12.40 0.52 5.18
C GLY A 99 -11.40 0.83 6.29
N LEU A 100 -10.32 1.50 5.93
CA LEU A 100 -9.28 1.86 6.90
C LEU A 100 -9.58 3.22 7.52
N VAL A 101 -8.70 3.65 8.43
CA VAL A 101 -8.87 4.93 9.09
C VAL A 101 -9.37 6.00 8.12
N THR A 102 -8.95 5.89 6.86
CA THR A 102 -9.36 6.84 5.84
C THR A 102 -9.44 6.18 4.47
N HIS A 103 -10.41 6.61 3.67
CA HIS A 103 -10.59 6.05 2.33
C HIS A 103 -9.45 6.48 1.40
N LEU A 104 -8.69 5.51 0.92
CA LEU A 104 -7.58 5.79 0.01
C LEU A 104 -7.94 6.88 -0.99
N GLN A 105 -7.02 7.80 -1.22
CA GLN A 105 -7.25 8.89 -2.16
C GLN A 105 -6.04 9.08 -3.08
N TYR A 106 -4.90 9.42 -2.49
CA TYR A 106 -3.68 9.62 -3.26
C TYR A 106 -2.64 8.56 -2.94
N PRO A 107 -2.60 7.52 -3.79
CA PRO A 107 -1.66 6.40 -3.62
C PRO A 107 -0.22 6.81 -3.89
N VAL A 108 0.48 7.28 -2.84
CA VAL A 108 1.86 7.70 -2.97
C VAL A 108 2.61 6.84 -3.98
N PRO A 109 2.72 7.35 -5.22
CA PRO A 109 3.42 6.64 -6.30
C PRO A 109 4.93 6.57 -6.07
N LEU A 110 5.66 6.08 -7.06
CA LEU A 110 7.11 5.96 -6.98
C LEU A 110 7.77 7.30 -7.26
N GLU A 111 9.03 7.43 -6.83
CA GLU A 111 9.78 8.66 -7.03
C GLU A 111 10.76 8.52 -8.19
N GLU A 112 10.45 9.15 -9.31
CA GLU A 112 11.31 9.09 -10.50
C GLU A 112 12.77 9.18 -10.10
N GLU A 113 13.56 8.20 -10.53
CA GLU A 113 14.98 8.17 -10.23
C GLU A 113 15.81 8.66 -11.42
N ASP A 114 16.40 9.83 -11.27
CA ASP A 114 17.22 10.41 -12.34
C ASP A 114 18.63 9.82 -12.31
N THR A 115 18.96 9.06 -13.34
CA THR A 115 20.28 8.43 -13.43
C THR A 115 21.06 8.98 -14.63
N GLY A 116 20.92 10.28 -14.88
CA GLY A 116 21.62 10.90 -15.98
C GLY A 116 22.21 12.24 -15.62
N ASP A 117 23.48 12.25 -15.21
CA ASP A 117 24.16 13.48 -14.84
C ASP A 117 24.51 14.32 -16.07
N ASP A 118 23.91 15.50 -16.16
CA ASP A 118 24.17 16.38 -17.29
C ASP A 118 25.51 17.08 -17.14
N PRO A 119 26.17 17.33 -18.28
CA PRO A 119 27.48 18.00 -18.30
C PRO A 119 27.39 19.47 -17.93
N GLY A 1 8.43 -3.35 -23.09
CA GLY A 1 8.44 -4.39 -24.09
C GLY A 1 8.20 -3.85 -25.50
N SER A 2 7.91 -4.74 -26.43
CA SER A 2 7.67 -4.35 -27.82
C SER A 2 6.21 -4.58 -28.19
N SER A 3 5.31 -4.19 -27.29
CA SER A 3 3.88 -4.34 -27.53
C SER A 3 3.22 -3.00 -27.80
N GLY A 4 3.41 -2.06 -26.89
CA GLY A 4 2.83 -0.74 -27.04
C GLY A 4 2.32 -0.16 -25.73
N SER A 5 1.30 0.69 -25.82
CA SER A 5 0.74 1.33 -24.63
C SER A 5 -0.25 0.38 -23.94
N SER A 6 0.25 -0.41 -23.01
CA SER A 6 -0.59 -1.36 -22.28
C SER A 6 -0.69 -0.97 -20.80
N GLY A 7 0.45 -0.98 -20.12
CA GLY A 7 0.49 -0.64 -18.71
C GLY A 7 1.77 -1.07 -18.03
N MET A 8 1.77 -1.05 -16.70
CA MET A 8 2.93 -1.44 -15.92
C MET A 8 2.63 -1.45 -14.43
N VAL A 9 3.46 -2.14 -13.67
CA VAL A 9 3.27 -2.23 -12.22
C VAL A 9 2.74 -0.92 -11.65
N PRO A 10 1.94 -1.01 -10.58
CA PRO A 10 1.35 0.15 -9.93
C PRO A 10 2.40 0.98 -9.19
N CYS A 11 2.01 2.21 -8.83
CA CYS A 11 2.92 3.11 -8.13
C CYS A 11 2.84 2.89 -6.61
N TRP A 12 1.64 2.60 -6.13
CA TRP A 12 1.43 2.37 -4.70
C TRP A 12 2.19 1.13 -4.24
N ASN A 13 2.71 0.38 -5.20
CA ASN A 13 3.46 -0.84 -4.88
C ASN A 13 4.96 -0.62 -5.04
N HIS A 14 5.55 0.11 -4.10
CA HIS A 14 6.97 0.40 -4.14
C HIS A 14 7.79 -0.89 -4.20
N GLY A 15 7.81 -1.62 -3.10
CA GLY A 15 8.55 -2.87 -3.05
C GLY A 15 9.10 -3.17 -1.67
N ASN A 16 10.32 -3.69 -1.62
CA ASN A 16 10.96 -4.02 -0.36
C ASN A 16 11.68 -2.81 0.22
N ILE A 17 10.93 -1.73 0.45
CA ILE A 17 11.50 -0.51 0.99
C ILE A 17 11.40 -0.49 2.52
N THR A 18 12.39 0.10 3.16
CA THR A 18 12.42 0.18 4.62
C THR A 18 11.32 1.12 5.14
N ARG A 19 11.19 1.17 6.46
CA ARG A 19 10.16 2.02 7.08
C ARG A 19 10.47 3.50 6.83
N SER A 20 11.61 3.96 7.33
CA SER A 20 12.02 5.34 7.17
C SER A 20 11.58 5.89 5.82
N LYS A 21 11.60 5.03 4.81
CA LYS A 21 11.20 5.42 3.46
C LYS A 21 9.70 5.66 3.39
N ALA A 22 8.93 4.67 3.81
CA ALA A 22 7.47 4.78 3.80
C ALA A 22 7.01 6.03 4.54
N GLU A 23 7.85 6.52 5.44
CA GLU A 23 7.51 7.71 6.21
C GLU A 23 7.92 8.98 5.47
N GLU A 24 9.23 9.15 5.26
CA GLU A 24 9.73 10.32 4.56
C GLU A 24 8.82 10.71 3.40
N LEU A 25 8.26 9.71 2.73
CA LEU A 25 7.36 9.94 1.61
C LEU A 25 6.05 10.59 2.09
N LEU A 26 5.34 9.90 2.96
CA LEU A 26 4.08 10.41 3.50
C LEU A 26 4.27 11.79 4.12
N SER A 27 5.25 11.90 5.01
CA SER A 27 5.53 13.17 5.68
C SER A 27 5.61 14.31 4.67
N ARG A 28 6.57 14.22 3.75
CA ARG A 28 6.74 15.24 2.72
C ARG A 28 5.40 15.68 2.15
N THR A 29 4.64 14.71 1.64
CA THR A 29 3.33 15.00 1.06
C THR A 29 2.44 15.75 2.04
N GLY A 30 2.23 15.17 3.22
CA GLY A 30 1.40 15.79 4.23
C GLY A 30 -0.05 15.84 3.83
N LYS A 31 -0.56 14.74 3.28
CA LYS A 31 -1.95 14.66 2.84
C LYS A 31 -2.73 13.68 3.71
N ASP A 32 -3.90 14.10 4.17
CA ASP A 32 -4.75 13.25 4.99
C ASP A 32 -5.48 12.22 4.14
N GLY A 33 -4.78 11.16 3.76
CA GLY A 33 -5.38 10.12 2.95
C GLY A 33 -4.34 9.32 2.18
N SER A 34 -3.16 9.88 2.02
CA SER A 34 -2.08 9.21 1.29
C SER A 34 -1.88 7.80 1.82
N PHE A 35 -1.22 6.96 1.02
CA PHE A 35 -0.95 5.57 1.41
C PHE A 35 0.07 4.94 0.46
N LEU A 36 0.47 3.72 0.79
CA LEU A 36 1.45 3.00 -0.02
C LEU A 36 1.63 1.57 0.48
N VAL A 37 2.19 0.71 -0.36
CA VAL A 37 2.42 -0.68 0.00
C VAL A 37 3.88 -1.07 -0.20
N ARG A 38 4.40 -1.87 0.72
CA ARG A 38 5.79 -2.31 0.65
C ARG A 38 5.93 -3.76 1.14
N ALA A 39 6.64 -4.57 0.37
CA ALA A 39 6.85 -5.96 0.72
C ALA A 39 7.54 -6.08 2.08
N SER A 40 7.11 -7.06 2.87
CA SER A 40 7.68 -7.29 4.19
C SER A 40 8.96 -8.11 4.11
N GLU A 41 10.00 -7.66 4.79
CA GLU A 41 11.29 -8.34 4.80
C GLU A 41 11.17 -9.70 5.48
N SER A 42 10.88 -9.67 6.78
CA SER A 42 10.75 -10.91 7.56
C SER A 42 10.15 -12.03 6.70
N ILE A 43 9.00 -11.75 6.10
CA ILE A 43 8.32 -12.74 5.26
C ILE A 43 7.83 -12.11 3.96
N SER A 44 8.23 -12.69 2.84
CA SER A 44 7.83 -12.19 1.53
C SER A 44 6.31 -12.26 1.37
N ARG A 45 5.76 -13.44 1.57
CA ARG A 45 4.31 -13.63 1.45
C ARG A 45 3.54 -12.48 2.10
N ALA A 46 4.03 -12.04 3.26
CA ALA A 46 3.39 -10.94 3.97
C ALA A 46 3.66 -9.61 3.29
N TYR A 47 2.84 -8.61 3.60
CA TYR A 47 2.98 -7.28 3.02
C TYR A 47 2.75 -6.19 4.06
N ALA A 48 2.77 -4.94 3.62
CA ALA A 48 2.56 -3.81 4.52
C ALA A 48 1.82 -2.68 3.80
N LEU A 49 0.74 -2.22 4.42
CA LEU A 49 -0.07 -1.14 3.86
C LEU A 49 -0.01 0.10 4.74
N CYS A 50 0.89 1.02 4.40
CA CYS A 50 1.04 2.25 5.15
C CYS A 50 0.00 3.29 4.73
N VAL A 51 -0.53 4.01 5.70
CA VAL A 51 -1.53 5.04 5.44
C VAL A 51 -1.31 6.27 6.30
N LEU A 52 -1.37 7.44 5.68
CA LEU A 52 -1.18 8.70 6.39
C LEU A 52 -2.51 9.33 6.76
N TYR A 53 -2.61 9.81 7.99
CA TYR A 53 -3.84 10.45 8.47
C TYR A 53 -3.55 11.35 9.66
N ARG A 54 -4.15 12.54 9.64
CA ARG A 54 -3.96 13.50 10.72
C ARG A 54 -2.51 13.51 11.19
N ASN A 55 -1.59 13.28 10.27
CA ASN A 55 -0.17 13.27 10.59
C ASN A 55 0.20 12.01 11.37
N CYS A 56 -0.24 10.86 10.87
CA CYS A 56 0.03 9.58 11.51
C CYS A 56 0.18 8.46 10.49
N VAL A 57 1.19 7.62 10.66
CA VAL A 57 1.43 6.52 9.74
C VAL A 57 0.92 5.21 10.32
N TYR A 58 -0.07 4.62 9.66
CA TYR A 58 -0.65 3.35 10.10
C TYR A 58 -0.18 2.20 9.23
N THR A 59 0.70 1.36 9.79
CA THR A 59 1.22 0.22 9.07
C THR A 59 0.35 -1.01 9.27
N TYR A 60 -0.33 -1.42 8.21
CA TYR A 60 -1.21 -2.59 8.28
C TYR A 60 -0.64 -3.75 7.46
N ARG A 61 0.04 -4.66 8.16
CA ARG A 61 0.64 -5.82 7.50
C ARG A 61 -0.43 -6.77 6.97
N ILE A 62 -0.05 -7.62 6.03
CA ILE A 62 -0.99 -8.57 5.43
C ILE A 62 -0.44 -9.99 5.53
N LEU A 63 -0.90 -10.73 6.54
CA LEU A 63 -0.47 -12.11 6.73
C LEU A 63 -1.09 -13.03 5.70
N PRO A 64 -0.30 -14.00 5.22
CA PRO A 64 -0.76 -14.97 4.21
C PRO A 64 -1.79 -15.95 4.77
N ASN A 65 -2.67 -16.43 3.91
CA ASN A 65 -3.70 -17.37 4.32
C ASN A 65 -3.53 -18.71 3.62
N GLU A 66 -4.36 -19.68 3.98
CA GLU A 66 -4.29 -21.02 3.39
C GLU A 66 -4.16 -20.93 1.87
N ASP A 67 -4.91 -20.01 1.27
CA ASP A 67 -4.87 -19.83 -0.18
C ASP A 67 -3.94 -18.68 -0.55
N ASP A 68 -2.84 -18.56 0.17
CA ASP A 68 -1.86 -17.49 -0.09
C ASP A 68 -2.57 -16.18 -0.40
N LYS A 69 -3.66 -15.91 0.30
CA LYS A 69 -4.42 -14.69 0.10
C LYS A 69 -3.79 -13.52 0.85
N PHE A 70 -4.19 -12.30 0.50
CA PHE A 70 -3.67 -11.11 1.15
C PHE A 70 -4.76 -10.38 1.93
N THR A 71 -4.99 -10.82 3.17
CA THR A 71 -6.00 -10.22 4.01
C THR A 71 -5.37 -9.44 5.16
N VAL A 72 -5.89 -8.24 5.42
CA VAL A 72 -5.38 -7.39 6.49
C VAL A 72 -5.82 -7.92 7.86
N GLN A 73 -4.96 -7.74 8.85
CA GLN A 73 -5.26 -8.19 10.21
C GLN A 73 -5.96 -7.09 11.00
N ALA A 74 -6.96 -6.46 10.39
CA ALA A 74 -7.71 -5.40 11.04
C ALA A 74 -8.71 -5.95 12.04
N SER A 75 -9.11 -7.20 11.82
CA SER A 75 -10.08 -7.85 12.71
C SER A 75 -11.27 -6.94 12.97
N GLU A 76 -11.87 -6.44 11.90
CA GLU A 76 -13.02 -5.55 12.01
C GLU A 76 -14.17 -6.25 12.75
N GLY A 77 -14.52 -7.44 12.29
CA GLY A 77 -15.60 -8.18 12.92
C GLY A 77 -16.39 -9.00 11.92
N VAL A 78 -17.02 -8.31 10.97
CA VAL A 78 -17.82 -8.98 9.94
C VAL A 78 -17.09 -10.18 9.36
N SER A 79 -17.82 -11.04 8.67
CA SER A 79 -17.24 -12.23 8.06
C SER A 79 -15.86 -11.92 7.47
N MET A 80 -14.90 -12.80 7.75
CA MET A 80 -13.54 -12.63 7.24
C MET A 80 -13.55 -12.39 5.74
N ARG A 81 -12.41 -11.95 5.21
CA ARG A 81 -12.28 -11.69 3.78
C ARG A 81 -10.92 -12.15 3.26
N PHE A 82 -10.77 -12.16 1.95
CA PHE A 82 -9.53 -12.58 1.32
C PHE A 82 -9.43 -12.07 -0.11
N PHE A 83 -8.20 -11.78 -0.55
CA PHE A 83 -7.97 -11.27 -1.91
C PHE A 83 -6.77 -11.96 -2.54
N THR A 84 -6.96 -12.50 -3.74
CA THR A 84 -5.89 -13.17 -4.45
C THR A 84 -4.90 -12.17 -5.04
N LYS A 85 -5.41 -11.03 -5.48
CA LYS A 85 -4.58 -9.98 -6.06
C LYS A 85 -4.38 -8.83 -5.07
N LEU A 86 -3.13 -8.41 -4.90
CA LEU A 86 -2.80 -7.33 -3.99
C LEU A 86 -3.55 -6.05 -4.38
N ASP A 87 -3.96 -5.98 -5.64
CA ASP A 87 -4.69 -4.81 -6.14
C ASP A 87 -6.15 -4.86 -5.71
N GLN A 88 -6.82 -5.97 -6.03
CA GLN A 88 -8.22 -6.15 -5.68
C GLN A 88 -8.47 -5.77 -4.22
N LEU A 89 -7.40 -5.76 -3.42
CA LEU A 89 -7.51 -5.42 -2.01
C LEU A 89 -7.41 -3.91 -1.80
N ILE A 90 -6.62 -3.25 -2.65
CA ILE A 90 -6.44 -1.81 -2.56
C ILE A 90 -7.73 -1.08 -2.94
N GLU A 91 -8.27 -1.42 -4.10
CA GLU A 91 -9.50 -0.79 -4.58
C GLU A 91 -10.68 -1.13 -3.67
N PHE A 92 -10.53 -2.21 -2.90
CA PHE A 92 -11.58 -2.64 -1.99
C PHE A 92 -11.53 -1.83 -0.69
N TYR A 93 -10.36 -1.33 -0.35
CA TYR A 93 -10.18 -0.54 0.86
C TYR A 93 -10.16 0.95 0.54
N LYS A 94 -11.02 1.36 -0.40
CA LYS A 94 -11.11 2.75 -0.79
C LYS A 94 -12.30 3.43 -0.12
N LYS A 95 -12.86 2.78 0.89
CA LYS A 95 -14.00 3.31 1.61
C LYS A 95 -13.56 3.99 2.90
N GLU A 96 -14.20 5.11 3.22
CA GLU A 96 -13.87 5.86 4.44
C GLU A 96 -14.77 5.45 5.60
N ASN A 97 -16.07 5.39 5.33
CA ASN A 97 -17.04 5.01 6.35
C ASN A 97 -16.60 3.75 7.08
N MET A 98 -16.53 2.64 6.36
CA MET A 98 -16.11 1.37 6.93
C MET A 98 -14.81 0.88 6.31
N GLY A 99 -13.69 1.30 6.91
CA GLY A 99 -12.39 0.90 6.40
C GLY A 99 -11.26 1.28 7.33
N LEU A 100 -10.07 1.44 6.77
CA LEU A 100 -8.90 1.81 7.56
C LEU A 100 -9.06 3.21 8.15
N VAL A 101 -8.02 3.67 8.85
CA VAL A 101 -8.05 4.99 9.46
C VAL A 101 -8.52 6.05 8.47
N THR A 102 -8.39 5.75 7.18
CA THR A 102 -8.80 6.68 6.13
C THR A 102 -8.84 5.99 4.77
N HIS A 103 -9.82 6.36 3.96
CA HIS A 103 -9.97 5.77 2.63
C HIS A 103 -8.88 6.26 1.69
N LEU A 104 -8.31 5.35 0.92
CA LEU A 104 -7.25 5.69 -0.03
C LEU A 104 -7.66 6.85 -0.92
N GLN A 105 -6.78 7.83 -1.04
CA GLN A 105 -7.06 9.00 -1.87
C GLN A 105 -6.05 9.11 -3.01
N TYR A 106 -4.79 9.26 -2.67
CA TYR A 106 -3.73 9.37 -3.67
C TYR A 106 -2.61 8.36 -3.41
N PRO A 107 -2.38 7.46 -4.36
CA PRO A 107 -1.35 6.43 -4.26
C PRO A 107 0.06 7.02 -4.35
N VAL A 108 0.64 7.31 -3.18
CA VAL A 108 1.98 7.88 -3.12
C VAL A 108 2.87 7.29 -4.22
N PRO A 109 3.29 8.15 -5.16
CA PRO A 109 4.16 7.75 -6.27
C PRO A 109 5.56 7.39 -5.82
N LEU A 110 6.34 6.79 -6.71
CA LEU A 110 7.71 6.40 -6.40
C LEU A 110 8.64 7.61 -6.42
N GLU A 111 9.92 7.37 -6.16
CA GLU A 111 10.91 8.45 -6.15
C GLU A 111 12.01 8.18 -7.17
N GLU A 112 11.70 8.44 -8.45
CA GLU A 112 12.66 8.22 -9.52
C GLU A 112 13.58 9.42 -9.67
N GLU A 113 14.81 9.16 -10.12
CA GLU A 113 15.79 10.23 -10.31
C GLU A 113 16.21 10.32 -11.77
N ASP A 114 16.33 11.55 -12.26
CA ASP A 114 16.72 11.79 -13.65
C ASP A 114 18.09 12.47 -13.71
N THR A 115 18.66 12.53 -14.91
CA THR A 115 19.96 13.16 -15.10
C THR A 115 19.82 14.57 -15.67
N GLY A 116 18.80 15.28 -15.20
CA GLY A 116 18.57 16.64 -15.66
C GLY A 116 18.93 16.81 -17.12
N ASP A 117 20.01 17.54 -17.38
CA ASP A 117 20.46 17.79 -18.75
C ASP A 117 21.92 18.24 -18.77
N ASP A 118 22.69 17.67 -19.68
CA ASP A 118 24.10 18.01 -19.82
C ASP A 118 24.28 19.42 -20.37
N PRO A 119 25.24 20.17 -19.80
CA PRO A 119 25.52 21.54 -20.21
C PRO A 119 26.15 21.61 -21.60
N GLY A 1 2.94 -14.94 -13.91
CA GLY A 1 4.12 -14.74 -13.07
C GLY A 1 5.40 -14.77 -13.87
N SER A 2 6.21 -15.79 -13.63
CA SER A 2 7.49 -15.94 -14.33
C SER A 2 8.38 -14.72 -14.09
N SER A 3 8.44 -14.28 -12.84
CA SER A 3 9.25 -13.12 -12.47
C SER A 3 9.22 -12.07 -13.58
N GLY A 4 8.04 -11.82 -14.13
CA GLY A 4 7.90 -10.85 -15.19
C GLY A 4 7.12 -9.62 -14.74
N SER A 5 7.62 -8.44 -15.11
CA SER A 5 6.97 -7.19 -14.75
C SER A 5 6.02 -6.72 -15.86
N SER A 6 5.29 -7.67 -16.43
CA SER A 6 4.35 -7.36 -17.50
C SER A 6 2.95 -7.11 -16.95
N GLY A 7 2.29 -6.06 -17.44
CA GLY A 7 0.96 -5.73 -16.98
C GLY A 7 0.93 -4.47 -16.16
N MET A 8 -0.18 -3.74 -16.25
CA MET A 8 -0.34 -2.49 -15.50
C MET A 8 0.05 -2.68 -14.04
N VAL A 9 1.23 -2.19 -13.67
CA VAL A 9 1.70 -2.31 -12.30
C VAL A 9 1.21 -1.15 -11.44
N PRO A 10 0.86 -1.45 -10.19
CA PRO A 10 0.37 -0.44 -9.24
C PRO A 10 1.47 0.53 -8.80
N CYS A 11 1.08 1.77 -8.53
CA CYS A 11 2.03 2.79 -8.10
C CYS A 11 2.21 2.76 -6.59
N TRP A 12 1.10 2.67 -5.87
CA TRP A 12 1.14 2.63 -4.41
C TRP A 12 2.10 1.56 -3.91
N ASN A 13 2.33 0.54 -4.75
CA ASN A 13 3.25 -0.54 -4.38
C ASN A 13 4.69 -0.14 -4.63
N HIS A 14 5.38 0.29 -3.57
CA HIS A 14 6.77 0.70 -3.68
C HIS A 14 7.70 -0.51 -3.56
N GLY A 15 7.26 -1.64 -4.09
CA GLY A 15 8.06 -2.85 -4.04
C GLY A 15 8.76 -3.02 -2.70
N ASN A 16 10.09 -3.04 -2.72
CA ASN A 16 10.86 -3.20 -1.51
C ASN A 16 11.63 -1.92 -1.17
N ILE A 17 11.32 -1.36 0.00
CA ILE A 17 11.98 -0.14 0.44
C ILE A 17 12.22 -0.15 1.94
N THR A 18 13.09 0.75 2.40
CA THR A 18 13.40 0.84 3.82
C THR A 18 12.29 1.54 4.60
N ARG A 19 12.34 1.45 5.91
CA ARG A 19 11.34 2.08 6.77
C ARG A 19 11.31 3.59 6.56
N SER A 20 12.40 4.25 6.94
CA SER A 20 12.50 5.69 6.81
C SER A 20 11.87 6.16 5.49
N LYS A 21 12.12 5.40 4.43
CA LYS A 21 11.58 5.73 3.11
C LYS A 21 10.06 5.74 3.13
N ALA A 22 9.47 4.62 3.53
CA ALA A 22 8.02 4.50 3.59
C ALA A 22 7.40 5.68 4.34
N GLU A 23 8.05 6.08 5.44
CA GLU A 23 7.56 7.19 6.24
C GLU A 23 7.79 8.52 5.52
N GLU A 24 9.05 8.86 5.31
CA GLU A 24 9.39 10.11 4.62
C GLU A 24 8.49 10.33 3.41
N LEU A 25 8.08 9.24 2.78
CA LEU A 25 7.21 9.33 1.61
C LEU A 25 5.85 9.92 1.97
N LEU A 26 5.33 9.51 3.12
CA LEU A 26 4.03 10.00 3.58
C LEU A 26 4.17 11.41 4.17
N SER A 27 5.23 11.63 4.94
CA SER A 27 5.48 12.92 5.55
C SER A 27 5.62 14.01 4.50
N ARG A 28 6.59 13.84 3.61
CA ARG A 28 6.84 14.81 2.55
C ARG A 28 5.53 15.22 1.88
N THR A 29 4.68 14.25 1.60
CA THR A 29 3.40 14.51 0.95
C THR A 29 2.59 15.54 1.74
N GLY A 30 2.45 15.31 3.04
CA GLY A 30 1.71 16.22 3.88
C GLY A 30 0.25 16.35 3.46
N LYS A 31 -0.40 15.21 3.27
CA LYS A 31 -1.80 15.20 2.86
C LYS A 31 -2.60 14.21 3.70
N ASP A 32 -3.79 14.63 4.14
CA ASP A 32 -4.65 13.78 4.95
C ASP A 32 -5.42 12.80 4.07
N GLY A 33 -4.77 11.72 3.68
CA GLY A 33 -5.41 10.72 2.84
C GLY A 33 -4.43 10.00 1.94
N SER A 34 -3.22 9.80 2.43
CA SER A 34 -2.17 9.12 1.66
C SER A 34 -2.02 7.68 2.12
N PHE A 35 -1.38 6.87 1.28
CA PHE A 35 -1.17 5.46 1.59
C PHE A 35 -0.17 4.83 0.62
N LEU A 36 0.50 3.78 1.05
CA LEU A 36 1.48 3.09 0.22
C LEU A 36 1.65 1.64 0.67
N VAL A 37 2.37 0.86 -0.12
CA VAL A 37 2.61 -0.54 0.19
C VAL A 37 4.08 -0.89 0.03
N ARG A 38 4.53 -1.89 0.79
CA ARG A 38 5.92 -2.33 0.73
C ARG A 38 6.04 -3.79 1.14
N ALA A 39 6.74 -4.58 0.32
CA ALA A 39 6.94 -6.00 0.60
C ALA A 39 7.64 -6.20 1.94
N SER A 40 7.15 -7.16 2.72
CA SER A 40 7.73 -7.45 4.02
C SER A 40 8.62 -8.69 3.95
N GLU A 41 9.92 -8.48 4.13
CA GLU A 41 10.88 -9.57 4.09
C GLU A 41 10.81 -10.40 5.37
N SER A 42 11.00 -9.74 6.51
CA SER A 42 10.96 -10.42 7.81
C SER A 42 9.92 -11.53 7.81
N ILE A 43 8.72 -11.22 7.35
CA ILE A 43 7.64 -12.20 7.29
C ILE A 43 7.44 -12.72 5.86
N SER A 44 7.05 -13.98 5.75
CA SER A 44 6.82 -14.60 4.45
C SER A 44 5.52 -14.10 3.84
N ARG A 45 5.49 -14.01 2.52
CA ARG A 45 4.31 -13.55 1.80
C ARG A 45 3.57 -12.48 2.61
N ALA A 46 4.32 -11.56 3.20
CA ALA A 46 3.75 -10.50 3.99
C ALA A 46 3.93 -9.14 3.32
N TYR A 47 3.14 -8.16 3.75
CA TYR A 47 3.21 -6.81 3.17
C TYR A 47 2.92 -5.76 4.24
N ALA A 48 3.13 -4.50 3.88
CA ALA A 48 2.87 -3.40 4.79
C ALA A 48 2.15 -2.25 4.09
N LEU A 49 0.92 -2.00 4.50
CA LEU A 49 0.11 -0.93 3.91
C LEU A 49 0.06 0.29 4.83
N CYS A 50 1.02 1.20 4.66
CA CYS A 50 1.07 2.40 5.47
C CYS A 50 0.02 3.42 5.02
N VAL A 51 -0.62 4.06 5.99
CA VAL A 51 -1.64 5.05 5.70
C VAL A 51 -1.52 6.27 6.61
N LEU A 52 -1.38 7.44 6.01
CA LEU A 52 -1.25 8.68 6.77
C LEU A 52 -2.58 9.42 6.84
N TYR A 53 -3.11 9.55 8.06
CA TYR A 53 -4.38 10.24 8.26
C TYR A 53 -4.22 11.40 9.24
N ARG A 54 -3.94 11.08 10.50
CA ARG A 54 -3.76 12.10 11.52
C ARG A 54 -2.29 12.22 11.92
N ASN A 55 -1.54 12.98 11.14
CA ASN A 55 -0.11 13.18 11.42
C ASN A 55 0.50 11.92 12.00
N CYS A 56 0.11 10.77 11.46
CA CYS A 56 0.63 9.49 11.94
C CYS A 56 0.63 8.46 10.82
N VAL A 57 1.50 7.46 10.93
CA VAL A 57 1.60 6.41 9.92
C VAL A 57 1.00 5.11 10.43
N TYR A 58 -0.17 4.75 9.91
CA TYR A 58 -0.84 3.51 10.31
C TYR A 58 -0.35 2.33 9.48
N THR A 59 0.76 1.73 9.92
CA THR A 59 1.33 0.59 9.22
C THR A 59 0.52 -0.68 9.46
N TYR A 60 -0.06 -1.21 8.39
CA TYR A 60 -0.87 -2.42 8.49
C TYR A 60 -0.10 -3.64 8.00
N ARG A 61 -0.08 -4.68 8.82
CA ARG A 61 0.63 -5.92 8.47
C ARG A 61 -0.28 -6.86 7.69
N ILE A 62 0.05 -7.10 6.43
CA ILE A 62 -0.73 -7.99 5.58
C ILE A 62 -0.05 -9.34 5.41
N LEU A 63 -0.47 -10.31 6.22
CA LEU A 63 0.10 -11.66 6.16
C LEU A 63 -0.70 -12.54 5.20
N PRO A 64 -0.07 -13.65 4.77
CA PRO A 64 -0.70 -14.60 3.86
C PRO A 64 -1.84 -15.38 4.51
N ASN A 65 -2.92 -15.58 3.76
CA ASN A 65 -4.08 -16.30 4.27
C ASN A 65 -3.91 -17.81 4.06
N GLU A 66 -4.86 -18.58 4.59
CA GLU A 66 -4.82 -20.04 4.46
C GLU A 66 -4.67 -20.44 3.00
N ASP A 67 -5.43 -19.79 2.12
CA ASP A 67 -5.37 -20.09 0.70
C ASP A 67 -4.32 -19.24 0.00
N ASP A 68 -3.24 -18.93 0.72
CA ASP A 68 -2.17 -18.12 0.17
C ASP A 68 -2.70 -16.84 -0.44
N LYS A 69 -3.68 -16.23 0.23
CA LYS A 69 -4.29 -15.00 -0.25
C LYS A 69 -3.77 -13.79 0.52
N PHE A 70 -4.11 -12.60 0.06
CA PHE A 70 -3.66 -11.37 0.70
C PHE A 70 -4.82 -10.69 1.43
N THR A 71 -4.57 -10.25 2.66
CA THR A 71 -5.60 -9.58 3.45
C THR A 71 -4.98 -8.88 4.66
N VAL A 72 -5.43 -7.65 4.92
CA VAL A 72 -4.93 -6.88 6.04
C VAL A 72 -5.27 -7.54 7.37
N GLN A 73 -4.25 -7.80 8.18
CA GLN A 73 -4.43 -8.43 9.48
C GLN A 73 -5.56 -7.75 10.25
N ALA A 74 -5.62 -6.42 10.17
CA ALA A 74 -6.64 -5.66 10.86
C ALA A 74 -7.98 -6.40 10.86
N SER A 75 -8.64 -6.43 12.01
CA SER A 75 -9.92 -7.12 12.16
C SER A 75 -10.98 -6.44 11.29
N GLU A 76 -11.93 -7.23 10.82
CA GLU A 76 -13.02 -6.72 9.98
C GLU A 76 -14.37 -7.23 10.46
N GLY A 77 -14.46 -8.54 10.68
CA GLY A 77 -15.70 -9.13 11.14
C GLY A 77 -15.60 -10.63 11.31
N VAL A 78 -16.62 -11.35 10.82
CA VAL A 78 -16.64 -12.81 10.92
C VAL A 78 -15.64 -13.44 9.95
N SER A 79 -15.61 -12.93 8.72
CA SER A 79 -14.71 -13.44 7.69
C SER A 79 -14.23 -12.32 6.78
N MET A 80 -12.91 -12.21 6.64
CA MET A 80 -12.32 -11.18 5.80
C MET A 80 -12.23 -11.65 4.35
N ARG A 81 -12.64 -10.78 3.42
CA ARG A 81 -12.60 -11.11 2.00
C ARG A 81 -11.17 -11.20 1.50
N PHE A 82 -10.73 -12.42 1.22
CA PHE A 82 -9.37 -12.65 0.74
C PHE A 82 -9.30 -12.47 -0.78
N PHE A 83 -8.46 -11.54 -1.22
CA PHE A 83 -8.31 -11.27 -2.64
C PHE A 83 -7.00 -11.86 -3.17
N THR A 84 -7.09 -12.58 -4.29
CA THR A 84 -5.92 -13.19 -4.89
C THR A 84 -4.87 -12.14 -5.26
N LYS A 85 -5.30 -11.15 -6.03
CA LYS A 85 -4.39 -10.08 -6.47
C LYS A 85 -4.24 -9.04 -5.37
N LEU A 86 -3.00 -8.60 -5.14
CA LEU A 86 -2.73 -7.59 -4.13
C LEU A 86 -3.50 -6.30 -4.41
N ASP A 87 -3.58 -5.93 -5.68
CA ASP A 87 -4.30 -4.73 -6.07
C ASP A 87 -5.79 -4.86 -5.80
N GLN A 88 -6.40 -5.91 -6.34
CA GLN A 88 -7.82 -6.16 -6.16
C GLN A 88 -8.24 -5.85 -4.73
N LEU A 89 -7.41 -6.24 -3.77
CA LEU A 89 -7.70 -6.01 -2.36
C LEU A 89 -7.74 -4.52 -2.05
N ILE A 90 -6.66 -3.82 -2.41
CA ILE A 90 -6.57 -2.38 -2.17
C ILE A 90 -7.81 -1.66 -2.70
N GLU A 91 -8.31 -2.11 -3.85
CA GLU A 91 -9.49 -1.50 -4.46
C GLU A 91 -10.69 -1.59 -3.51
N PHE A 92 -10.80 -2.71 -2.80
CA PHE A 92 -11.89 -2.92 -1.87
C PHE A 92 -11.84 -1.91 -0.74
N TYR A 93 -10.64 -1.67 -0.21
CA TYR A 93 -10.45 -0.73 0.89
C TYR A 93 -10.58 0.71 0.40
N LYS A 94 -10.07 0.96 -0.81
CA LYS A 94 -10.12 2.29 -1.40
C LYS A 94 -11.41 3.02 -1.00
N LYS A 95 -12.49 2.26 -0.87
CA LYS A 95 -13.77 2.83 -0.49
C LYS A 95 -13.65 3.67 0.78
N GLU A 96 -14.75 4.27 1.21
CA GLU A 96 -14.75 5.09 2.40
C GLU A 96 -14.13 4.36 3.59
N ASN A 97 -14.12 5.01 4.74
CA ASN A 97 -13.54 4.42 5.94
C ASN A 97 -14.29 3.14 6.34
N MET A 98 -13.96 2.05 5.66
CA MET A 98 -14.59 0.76 5.93
C MET A 98 -13.79 -0.04 6.97
N GLY A 99 -12.48 -0.06 6.78
CA GLY A 99 -11.63 -0.79 7.70
C GLY A 99 -10.42 0.02 8.15
N LEU A 100 -9.69 0.55 7.18
CA LEU A 100 -8.50 1.36 7.47
C LEU A 100 -8.88 2.64 8.19
N VAL A 101 -7.88 3.40 8.62
CA VAL A 101 -8.10 4.66 9.31
C VAL A 101 -8.75 5.69 8.40
N THR A 102 -8.26 5.75 7.15
CA THR A 102 -8.79 6.68 6.17
C THR A 102 -8.90 6.05 4.80
N HIS A 103 -9.84 6.52 3.99
CA HIS A 103 -10.04 5.99 2.65
C HIS A 103 -8.90 6.42 1.73
N LEU A 104 -8.51 5.52 0.84
CA LEU A 104 -7.44 5.80 -0.11
C LEU A 104 -7.80 6.97 -1.02
N GLN A 105 -7.31 8.16 -0.68
CA GLN A 105 -7.60 9.35 -1.47
C GLN A 105 -6.47 9.62 -2.46
N TYR A 106 -5.25 9.73 -1.96
CA TYR A 106 -4.09 9.98 -2.80
C TYR A 106 -3.04 8.89 -2.63
N PRO A 107 -3.05 7.92 -3.56
CA PRO A 107 -2.09 6.80 -3.54
C PRO A 107 -0.67 7.25 -3.86
N VAL A 108 0.01 7.80 -2.87
CA VAL A 108 1.38 8.26 -3.04
C VAL A 108 2.15 7.34 -3.98
N PRO A 109 2.37 7.80 -5.22
CA PRO A 109 3.09 7.04 -6.24
C PRO A 109 4.58 6.93 -5.93
N LEU A 110 5.33 6.29 -6.83
CA LEU A 110 6.76 6.11 -6.64
C LEU A 110 7.51 7.42 -6.89
N GLU A 111 8.81 7.42 -6.59
CA GLU A 111 9.64 8.60 -6.78
C GLU A 111 10.56 8.43 -7.99
N GLU A 112 10.07 8.82 -9.16
CA GLU A 112 10.85 8.71 -10.38
C GLU A 112 11.98 9.73 -10.41
N GLU A 113 13.07 9.41 -11.11
CA GLU A 113 14.21 10.29 -11.20
C GLU A 113 14.27 10.97 -12.57
N ASP A 114 13.99 12.26 -12.60
CA ASP A 114 14.01 13.02 -13.84
C ASP A 114 15.40 12.99 -14.48
N THR A 115 15.56 12.15 -15.49
CA THR A 115 16.84 12.02 -16.18
C THR A 115 16.63 11.70 -17.65
N GLY A 116 17.35 12.43 -18.51
CA GLY A 116 17.24 12.21 -19.95
C GLY A 116 15.91 12.71 -20.50
N ASP A 117 15.19 11.83 -21.19
CA ASP A 117 13.91 12.20 -21.77
C ASP A 117 13.15 10.95 -22.23
N ASP A 118 11.99 11.17 -22.84
CA ASP A 118 11.17 10.06 -23.33
C ASP A 118 10.77 9.13 -22.18
N PRO A 119 10.16 9.71 -21.14
CA PRO A 119 9.71 8.94 -19.97
C PRO A 119 8.54 8.03 -20.29
N GLY A 1 20.03 -7.07 -18.98
CA GLY A 1 19.33 -7.18 -20.24
C GLY A 1 18.33 -6.04 -20.46
N SER A 2 17.10 -6.40 -20.76
CA SER A 2 16.05 -5.40 -20.99
C SER A 2 14.68 -5.95 -20.60
N SER A 3 13.85 -5.10 -20.01
CA SER A 3 12.52 -5.51 -19.58
C SER A 3 11.46 -5.04 -20.57
N GLY A 4 11.57 -3.79 -21.01
CA GLY A 4 10.62 -3.25 -21.95
C GLY A 4 9.22 -3.77 -21.75
N SER A 5 8.46 -3.09 -20.90
CA SER A 5 7.08 -3.51 -20.60
C SER A 5 6.11 -2.35 -20.81
N SER A 6 4.95 -2.66 -21.39
CA SER A 6 3.95 -1.65 -21.65
C SER A 6 2.65 -1.97 -20.90
N GLY A 7 2.56 -1.50 -19.66
CA GLY A 7 1.37 -1.75 -18.86
C GLY A 7 1.06 -0.60 -17.92
N MET A 8 -0.10 -0.67 -17.27
CA MET A 8 -0.51 0.37 -16.34
C MET A 8 -0.24 -0.05 -14.89
N VAL A 9 1.01 -0.43 -14.62
CA VAL A 9 1.41 -0.86 -13.28
C VAL A 9 1.00 0.17 -12.24
N PRO A 10 0.63 -0.31 -11.05
CA PRO A 10 0.21 0.55 -9.94
C PRO A 10 1.37 1.36 -9.36
N CYS A 11 1.04 2.36 -8.56
CA CYS A 11 2.06 3.22 -7.95
C CYS A 11 2.02 3.09 -6.43
N TRP A 12 0.95 2.50 -5.91
CA TRP A 12 0.79 2.32 -4.47
C TRP A 12 1.61 1.13 -3.98
N ASN A 13 2.14 0.36 -4.91
CA ASN A 13 2.95 -0.81 -4.57
C ASN A 13 4.42 -0.58 -4.89
N HIS A 14 5.11 0.14 -4.01
CA HIS A 14 6.52 0.44 -4.20
C HIS A 14 7.34 -0.86 -4.27
N GLY A 15 7.29 -1.64 -3.19
CA GLY A 15 8.03 -2.89 -3.15
C GLY A 15 8.87 -3.02 -1.90
N ASN A 16 10.13 -3.42 -2.06
CA ASN A 16 11.03 -3.59 -0.94
C ASN A 16 11.67 -2.25 -0.55
N ILE A 17 11.14 -1.63 0.50
CA ILE A 17 11.66 -0.36 0.97
C ILE A 17 11.77 -0.33 2.50
N THR A 18 12.77 0.39 3.00
CA THR A 18 12.98 0.49 4.44
C THR A 18 11.84 1.25 5.11
N ARG A 19 11.74 1.11 6.42
CA ARG A 19 10.69 1.78 7.18
C ARG A 19 10.86 3.30 7.11
N SER A 20 12.08 3.75 6.83
CA SER A 20 12.37 5.17 6.73
C SER A 20 11.87 5.74 5.41
N LYS A 21 11.77 4.88 4.39
CA LYS A 21 11.31 5.30 3.08
C LYS A 21 9.79 5.35 3.03
N ALA A 22 9.15 4.26 3.45
CA ALA A 22 7.70 4.17 3.45
C ALA A 22 7.08 5.34 4.21
N GLU A 23 7.72 5.72 5.32
CA GLU A 23 7.23 6.82 6.14
C GLU A 23 7.56 8.17 5.50
N GLU A 24 8.85 8.36 5.20
CA GLU A 24 9.29 9.60 4.58
C GLU A 24 8.40 9.98 3.39
N LEU A 25 8.16 9.00 2.52
CA LEU A 25 7.33 9.22 1.34
C LEU A 25 5.99 9.86 1.72
N LEU A 26 5.48 9.47 2.90
CA LEU A 26 4.22 10.00 3.38
C LEU A 26 4.41 11.37 4.04
N SER A 27 5.47 11.49 4.84
CA SER A 27 5.76 12.74 5.52
C SER A 27 5.84 13.90 4.54
N ARG A 28 6.75 13.80 3.58
CA ARG A 28 6.93 14.84 2.58
C ARG A 28 5.59 15.22 1.96
N THR A 29 4.79 14.22 1.62
CA THR A 29 3.48 14.45 1.02
C THR A 29 2.68 15.48 1.82
N GLY A 30 2.51 15.22 3.11
CA GLY A 30 1.77 16.13 3.96
C GLY A 30 0.30 16.22 3.57
N LYS A 31 -0.40 15.09 3.64
CA LYS A 31 -1.81 15.04 3.30
C LYS A 31 -2.58 14.16 4.28
N ASP A 32 -3.91 14.19 4.18
CA ASP A 32 -4.75 13.39 5.06
C ASP A 32 -5.46 12.29 4.28
N GLY A 33 -4.69 11.56 3.47
CA GLY A 33 -5.25 10.49 2.68
C GLY A 33 -4.22 9.76 1.86
N SER A 34 -2.99 9.71 2.37
CA SER A 34 -1.90 9.05 1.68
C SER A 34 -1.81 7.58 2.09
N PHE A 35 -1.40 6.72 1.16
CA PHE A 35 -1.28 5.30 1.41
C PHE A 35 -0.33 4.64 0.43
N LEU A 36 0.22 3.49 0.81
CA LEU A 36 1.15 2.76 -0.05
C LEU A 36 1.34 1.34 0.45
N VAL A 37 2.09 0.55 -0.31
CA VAL A 37 2.36 -0.84 0.05
C VAL A 37 3.84 -1.17 -0.06
N ARG A 38 4.32 -2.04 0.82
CA ARG A 38 5.72 -2.44 0.82
C ARG A 38 5.88 -3.86 1.37
N ALA A 39 6.97 -4.51 1.00
CA ALA A 39 7.25 -5.86 1.45
C ALA A 39 7.70 -5.88 2.90
N SER A 40 6.85 -6.44 3.77
CA SER A 40 7.17 -6.51 5.20
C SER A 40 8.63 -6.86 5.42
N GLU A 41 9.30 -6.09 6.27
CA GLU A 41 10.71 -6.32 6.57
C GLU A 41 10.89 -7.61 7.36
N SER A 42 9.77 -8.27 7.68
CA SER A 42 9.81 -9.52 8.43
C SER A 42 9.52 -10.71 7.53
N ILE A 43 8.55 -10.53 6.63
CA ILE A 43 8.18 -11.60 5.71
C ILE A 43 7.94 -11.05 4.31
N SER A 44 8.80 -11.44 3.38
CA SER A 44 8.69 -10.98 1.99
C SER A 44 7.31 -11.31 1.43
N ARG A 45 6.88 -12.56 1.61
CA ARG A 45 5.59 -13.00 1.12
C ARG A 45 4.48 -12.05 1.57
N ALA A 46 4.61 -11.53 2.79
CA ALA A 46 3.62 -10.62 3.34
C ALA A 46 3.80 -9.22 2.78
N TYR A 47 2.93 -8.30 3.19
CA TYR A 47 2.98 -6.92 2.71
C TYR A 47 2.76 -5.94 3.86
N ALA A 48 2.83 -4.65 3.56
CA ALA A 48 2.63 -3.61 4.57
C ALA A 48 1.90 -2.41 3.98
N LEU A 49 0.66 -2.20 4.42
CA LEU A 49 -0.14 -1.09 3.93
C LEU A 49 -0.10 0.08 4.90
N CYS A 50 0.65 1.12 4.54
CA CYS A 50 0.78 2.30 5.40
C CYS A 50 -0.27 3.34 5.03
N VAL A 51 -0.52 4.27 5.95
CA VAL A 51 -1.51 5.33 5.71
C VAL A 51 -1.25 6.52 6.64
N LEU A 52 -1.07 7.69 6.04
CA LEU A 52 -0.82 8.91 6.81
C LEU A 52 -2.09 9.74 6.94
N TYR A 53 -2.57 9.89 8.17
CA TYR A 53 -3.78 10.66 8.44
C TYR A 53 -3.47 11.87 9.31
N ARG A 54 -3.06 11.61 10.55
CA ARG A 54 -2.74 12.68 11.49
C ARG A 54 -1.29 12.56 11.96
N ASN A 55 -0.36 12.93 11.09
CA ASN A 55 1.06 12.87 11.41
C ASN A 55 1.41 11.52 12.04
N CYS A 56 0.76 10.46 11.57
CA CYS A 56 1.01 9.12 12.09
C CYS A 56 0.84 8.08 10.99
N VAL A 57 1.91 7.34 10.70
CA VAL A 57 1.88 6.32 9.67
C VAL A 57 1.29 5.02 10.21
N TYR A 58 0.11 4.66 9.71
CA TYR A 58 -0.57 3.45 10.14
C TYR A 58 -0.15 2.26 9.28
N THR A 59 0.83 1.51 9.76
CA THR A 59 1.33 0.34 9.04
C THR A 59 0.43 -0.87 9.27
N TYR A 60 -0.11 -1.41 8.18
CA TYR A 60 -0.99 -2.57 8.28
C TYR A 60 -0.38 -3.78 7.55
N ARG A 61 0.23 -4.66 8.32
CA ARG A 61 0.86 -5.85 7.76
C ARG A 61 -0.20 -6.78 7.15
N ILE A 62 0.12 -7.35 6.00
CA ILE A 62 -0.78 -8.27 5.32
C ILE A 62 -0.20 -9.67 5.23
N LEU A 63 -0.77 -10.59 6.00
CA LEU A 63 -0.30 -11.97 6.01
C LEU A 63 -1.18 -12.85 5.12
N PRO A 64 -0.55 -13.83 4.46
CA PRO A 64 -1.25 -14.76 3.56
C PRO A 64 -2.16 -15.71 4.31
N ASN A 65 -3.12 -16.30 3.61
CA ASN A 65 -4.05 -17.24 4.21
C ASN A 65 -3.88 -18.64 3.62
N GLU A 66 -4.69 -19.58 4.11
CA GLU A 66 -4.62 -20.96 3.63
C GLU A 66 -4.64 -21.01 2.11
N ASP A 67 -5.51 -20.21 1.51
CA ASP A 67 -5.62 -20.16 0.05
C ASP A 67 -4.72 -19.08 -0.52
N ASP A 68 -3.57 -18.88 0.10
CA ASP A 68 -2.61 -17.87 -0.35
C ASP A 68 -3.32 -16.54 -0.65
N LYS A 69 -4.31 -16.22 0.18
CA LYS A 69 -5.06 -14.98 0.01
C LYS A 69 -4.49 -13.86 0.89
N PHE A 70 -4.34 -12.68 0.32
CA PHE A 70 -3.81 -11.53 1.05
C PHE A 70 -4.92 -10.82 1.82
N THR A 71 -4.90 -10.97 3.15
CA THR A 71 -5.90 -10.35 4.00
C THR A 71 -5.24 -9.44 5.04
N VAL A 72 -5.66 -8.18 5.07
CA VAL A 72 -5.11 -7.22 6.03
C VAL A 72 -5.54 -7.56 7.45
N GLN A 73 -4.58 -7.46 8.37
CA GLN A 73 -4.85 -7.77 9.78
C GLN A 73 -5.07 -6.48 10.57
N ALA A 74 -6.30 -6.28 11.04
CA ALA A 74 -6.64 -5.10 11.82
C ALA A 74 -7.54 -5.45 12.99
N SER A 75 -7.98 -4.43 13.73
CA SER A 75 -8.85 -4.64 14.88
C SER A 75 -10.31 -4.40 14.51
N GLU A 76 -11.21 -4.80 15.40
CA GLU A 76 -12.64 -4.63 15.18
C GLU A 76 -12.98 -4.85 13.70
N GLY A 77 -12.48 -5.95 13.15
CA GLY A 77 -12.74 -6.27 11.76
C GLY A 77 -14.05 -7.03 11.57
N VAL A 78 -14.93 -6.47 10.73
CA VAL A 78 -16.23 -7.09 10.46
C VAL A 78 -16.28 -7.66 9.05
N SER A 79 -15.72 -6.90 8.10
CA SER A 79 -15.72 -7.33 6.70
C SER A 79 -14.67 -8.42 6.47
N MET A 80 -15.13 -9.66 6.37
CA MET A 80 -14.23 -10.80 6.14
C MET A 80 -14.11 -11.09 4.65
N ARG A 81 -13.00 -10.66 4.06
CA ARG A 81 -12.76 -10.89 2.64
C ARG A 81 -11.35 -11.42 2.41
N PHE A 82 -11.13 -11.97 1.22
CA PHE A 82 -9.82 -12.53 0.87
C PHE A 82 -9.51 -12.31 -0.60
N PHE A 83 -8.35 -11.72 -0.88
CA PHE A 83 -7.94 -11.45 -2.26
C PHE A 83 -6.52 -11.96 -2.50
N THR A 84 -6.39 -12.88 -3.45
CA THR A 84 -5.08 -13.45 -3.79
C THR A 84 -4.15 -12.38 -4.34
N LYS A 85 -4.72 -11.32 -4.89
CA LYS A 85 -3.94 -10.23 -5.45
C LYS A 85 -4.12 -8.95 -4.64
N LEU A 86 -3.03 -8.21 -4.45
CA LEU A 86 -3.08 -6.97 -3.70
C LEU A 86 -3.97 -5.94 -4.38
N ASP A 87 -3.84 -5.84 -5.70
CA ASP A 87 -4.63 -4.89 -6.47
C ASP A 87 -6.12 -5.12 -6.25
N GLN A 88 -6.50 -6.38 -6.10
CA GLN A 88 -7.91 -6.74 -5.88
C GLN A 88 -8.33 -6.38 -4.46
N LEU A 89 -7.37 -6.32 -3.55
CA LEU A 89 -7.64 -5.99 -2.16
C LEU A 89 -7.72 -4.48 -1.96
N ILE A 90 -6.88 -3.74 -2.69
CA ILE A 90 -6.86 -2.29 -2.59
C ILE A 90 -8.09 -1.68 -3.27
N GLU A 91 -8.22 -1.91 -4.57
CA GLU A 91 -9.34 -1.38 -5.34
C GLU A 91 -10.62 -1.41 -4.50
N PHE A 92 -10.70 -2.36 -3.58
CA PHE A 92 -11.87 -2.50 -2.73
C PHE A 92 -11.77 -1.57 -1.52
N TYR A 93 -10.62 -1.58 -0.86
CA TYR A 93 -10.40 -0.74 0.31
C TYR A 93 -10.50 0.73 -0.05
N LYS A 94 -10.26 1.05 -1.32
CA LYS A 94 -10.33 2.42 -1.80
C LYS A 94 -11.63 3.09 -1.35
N LYS A 95 -12.70 2.31 -1.31
CA LYS A 95 -14.00 2.83 -0.89
C LYS A 95 -13.99 3.19 0.58
N GLU A 96 -15.02 3.93 1.01
CA GLU A 96 -15.14 4.33 2.40
C GLU A 96 -15.40 3.14 3.31
N ASN A 97 -14.89 3.21 4.53
CA ASN A 97 -15.08 2.13 5.50
C ASN A 97 -14.51 2.51 6.86
N MET A 98 -15.32 2.36 7.90
CA MET A 98 -14.90 2.68 9.26
C MET A 98 -13.96 1.61 9.81
N GLY A 99 -12.97 1.24 9.02
CA GLY A 99 -12.02 0.22 9.45
C GLY A 99 -10.62 0.78 9.60
N LEU A 100 -10.02 1.19 8.49
CA LEU A 100 -8.67 1.74 8.50
C LEU A 100 -8.66 3.16 9.05
N VAL A 101 -7.49 3.80 9.03
CA VAL A 101 -7.34 5.16 9.51
C VAL A 101 -8.08 6.15 8.60
N THR A 102 -8.17 5.81 7.32
CA THR A 102 -8.84 6.66 6.35
C THR A 102 -8.92 5.98 4.99
N HIS A 103 -10.04 6.15 4.32
CA HIS A 103 -10.25 5.55 2.99
C HIS A 103 -9.21 6.06 2.00
N LEU A 104 -8.47 5.15 1.40
CA LEU A 104 -7.45 5.51 0.43
C LEU A 104 -7.90 6.68 -0.44
N GLN A 105 -7.12 7.75 -0.45
CA GLN A 105 -7.46 8.94 -1.23
C GLN A 105 -6.54 9.05 -2.45
N TYR A 106 -5.26 9.29 -2.20
CA TYR A 106 -4.28 9.42 -3.27
C TYR A 106 -3.19 8.37 -3.14
N PRO A 107 -2.99 7.59 -4.22
CA PRO A 107 -1.97 6.53 -4.25
C PRO A 107 -0.56 7.10 -4.28
N VAL A 108 0.08 7.15 -3.11
CA VAL A 108 1.44 7.65 -3.01
C VAL A 108 2.32 7.15 -4.16
N PRO A 109 2.60 8.03 -5.13
CA PRO A 109 3.41 7.70 -6.29
C PRO A 109 4.89 7.48 -5.93
N LEU A 110 5.55 6.61 -6.67
CA LEU A 110 6.97 6.32 -6.42
C LEU A 110 7.79 7.61 -6.38
N GLU A 111 9.10 7.46 -6.26
CA GLU A 111 10.00 8.61 -6.21
C GLU A 111 11.05 8.52 -7.31
N GLU A 112 10.61 8.67 -8.56
CA GLU A 112 11.50 8.61 -9.70
C GLU A 112 11.70 9.99 -10.31
N GLU A 113 12.86 10.22 -10.92
CA GLU A 113 13.17 11.49 -11.54
C GLU A 113 13.11 11.39 -13.06
N ASP A 114 13.40 12.49 -13.74
CA ASP A 114 13.38 12.53 -15.20
C ASP A 114 14.29 11.44 -15.77
N THR A 115 13.72 10.26 -16.01
CA THR A 115 14.48 9.15 -16.55
C THR A 115 14.80 9.36 -18.03
N GLY A 116 13.77 9.72 -18.80
CA GLY A 116 13.96 9.95 -20.22
C GLY A 116 14.22 11.41 -20.54
N ASP A 117 15.33 11.69 -21.21
CA ASP A 117 15.68 13.05 -21.57
C ASP A 117 15.99 13.16 -23.07
N ASP A 118 15.78 14.34 -23.62
CA ASP A 118 16.03 14.57 -25.04
C ASP A 118 17.38 13.98 -25.46
N PRO A 119 17.51 13.66 -26.76
CA PRO A 119 18.73 13.09 -27.31
C PRO A 119 19.88 14.09 -27.33
N GLY A 1 -3.35 13.09 -30.62
CA GLY A 1 -3.08 12.20 -29.50
C GLY A 1 -4.12 11.09 -29.40
N SER A 2 -3.67 9.90 -29.03
CA SER A 2 -4.56 8.75 -28.90
C SER A 2 -4.02 7.75 -27.88
N SER A 3 -4.86 7.40 -26.92
CA SER A 3 -4.46 6.46 -25.87
C SER A 3 -5.53 5.39 -25.67
N GLY A 4 -5.14 4.28 -25.06
CA GLY A 4 -6.08 3.20 -24.82
C GLY A 4 -7.30 3.66 -24.05
N SER A 5 -8.24 2.74 -23.81
CA SER A 5 -9.46 3.06 -23.09
C SER A 5 -9.37 2.61 -21.64
N SER A 6 -8.85 1.39 -21.44
CA SER A 6 -8.72 0.83 -20.09
C SER A 6 -7.33 0.23 -19.89
N GLY A 7 -6.40 1.06 -19.43
CA GLY A 7 -5.04 0.60 -19.20
C GLY A 7 -4.41 1.22 -17.98
N MET A 8 -4.95 0.88 -16.80
CA MET A 8 -4.42 1.42 -15.55
C MET A 8 -3.64 0.36 -14.79
N VAL A 9 -2.51 0.76 -14.21
CA VAL A 9 -1.67 -0.15 -13.46
C VAL A 9 -1.36 0.40 -12.06
N PRO A 10 -1.28 -0.50 -11.07
CA PRO A 10 -1.00 -0.12 -9.68
C PRO A 10 0.44 0.36 -9.50
N CYS A 11 0.59 1.58 -9.01
CA CYS A 11 1.91 2.15 -8.79
C CYS A 11 2.11 2.49 -7.31
N TRP A 12 1.24 1.96 -6.46
CA TRP A 12 1.32 2.20 -5.03
C TRP A 12 2.03 1.06 -4.32
N ASN A 13 2.47 0.07 -5.09
CA ASN A 13 3.16 -1.09 -4.54
C ASN A 13 4.68 -0.91 -4.61
N HIS A 14 5.21 -0.09 -3.71
CA HIS A 14 6.65 0.17 -3.68
C HIS A 14 7.42 -1.12 -3.40
N GLY A 15 7.35 -1.60 -2.17
CA GLY A 15 8.04 -2.81 -1.79
C GLY A 15 9.55 -2.64 -1.81
N ASN A 16 10.24 -3.33 -0.90
CA ASN A 16 11.69 -3.25 -0.81
C ASN A 16 12.14 -1.83 -0.50
N ILE A 17 11.58 -1.27 0.56
CA ILE A 17 11.93 0.10 0.98
C ILE A 17 12.28 0.15 2.46
N THR A 18 13.17 1.08 2.82
CA THR A 18 13.59 1.23 4.20
C THR A 18 12.59 2.08 4.99
N ARG A 19 12.46 1.79 6.28
CA ARG A 19 11.54 2.51 7.14
C ARG A 19 11.59 4.01 6.83
N SER A 20 12.74 4.62 7.06
CA SER A 20 12.92 6.05 6.81
C SER A 20 12.23 6.46 5.51
N LYS A 21 12.34 5.62 4.49
CA LYS A 21 11.73 5.89 3.20
C LYS A 21 10.21 5.76 3.29
N ALA A 22 9.74 4.56 3.60
CA ALA A 22 8.32 4.30 3.70
C ALA A 22 7.59 5.48 4.33
N GLU A 23 8.06 5.90 5.50
CA GLU A 23 7.45 7.03 6.20
C GLU A 23 7.72 8.34 5.47
N GLU A 24 8.99 8.61 5.18
CA GLU A 24 9.37 9.83 4.49
C GLU A 24 8.39 10.15 3.36
N LEU A 25 8.25 9.22 2.42
CA LEU A 25 7.34 9.40 1.30
C LEU A 25 6.00 9.95 1.76
N LEU A 26 5.48 9.42 2.86
CA LEU A 26 4.21 9.86 3.41
C LEU A 26 4.31 11.29 3.94
N SER A 27 5.09 11.46 5.00
CA SER A 27 5.27 12.78 5.61
C SER A 27 5.44 13.85 4.54
N ARG A 28 6.49 13.73 3.74
CA ARG A 28 6.77 14.69 2.69
C ARG A 28 5.47 15.10 1.98
N THR A 29 4.62 14.12 1.71
CA THR A 29 3.35 14.38 1.04
C THR A 29 2.47 15.33 1.85
N GLY A 30 2.11 14.91 3.06
CA GLY A 30 1.29 15.75 3.91
C GLY A 30 -0.19 15.57 3.64
N LYS A 31 -0.53 15.37 2.36
CA LYS A 31 -1.93 15.20 1.97
C LYS A 31 -2.68 14.36 2.99
N ASP A 32 -3.96 14.67 3.17
CA ASP A 32 -4.80 13.96 4.13
C ASP A 32 -5.52 12.80 3.44
N GLY A 33 -4.80 11.70 3.23
CA GLY A 33 -5.38 10.54 2.58
C GLY A 33 -4.38 9.78 1.74
N SER A 34 -3.14 9.69 2.21
CA SER A 34 -2.09 9.00 1.48
C SER A 34 -1.90 7.58 2.01
N PHE A 35 -1.33 6.72 1.18
CA PHE A 35 -1.10 5.33 1.58
C PHE A 35 -0.14 4.64 0.59
N LEU A 36 0.65 3.71 1.11
CA LEU A 36 1.61 2.99 0.29
C LEU A 36 1.75 1.54 0.75
N VAL A 37 2.51 0.75 0.00
CA VAL A 37 2.72 -0.64 0.34
C VAL A 37 4.19 -1.02 0.22
N ARG A 38 4.72 -1.69 1.24
CA ARG A 38 6.11 -2.11 1.25
C ARG A 38 6.23 -3.62 1.46
N ALA A 39 7.43 -4.15 1.28
CA ALA A 39 7.68 -5.58 1.46
C ALA A 39 8.13 -5.88 2.87
N SER A 40 7.23 -6.48 3.65
CA SER A 40 7.53 -6.82 5.04
C SER A 40 8.91 -7.46 5.16
N GLU A 41 9.40 -7.59 6.38
CA GLU A 41 10.71 -8.19 6.63
C GLU A 41 10.58 -9.66 6.98
N SER A 42 9.82 -9.96 8.04
CA SER A 42 9.62 -11.32 8.48
C SER A 42 9.48 -12.27 7.29
N ILE A 43 8.38 -12.13 6.57
CA ILE A 43 8.14 -12.97 5.40
C ILE A 43 8.03 -12.13 4.12
N SER A 44 9.04 -12.23 3.27
CA SER A 44 9.06 -11.49 2.02
C SER A 44 7.70 -11.53 1.33
N ARG A 45 7.17 -12.75 1.17
CA ARG A 45 5.88 -12.94 0.52
C ARG A 45 4.85 -11.97 1.09
N ALA A 46 4.91 -11.75 2.40
CA ALA A 46 3.99 -10.85 3.07
C ALA A 46 4.16 -9.42 2.59
N TYR A 47 3.36 -8.51 3.14
CA TYR A 47 3.43 -7.10 2.76
C TYR A 47 2.98 -6.21 3.92
N ALA A 48 3.17 -4.90 3.75
CA ALA A 48 2.79 -3.93 4.78
C ALA A 48 2.11 -2.72 4.15
N LEU A 49 0.97 -2.33 4.73
CA LEU A 49 0.23 -1.18 4.23
C LEU A 49 0.25 -0.04 5.24
N CYS A 50 0.75 1.11 4.81
CA CYS A 50 0.83 2.28 5.68
C CYS A 50 -0.10 3.39 5.19
N VAL A 51 -0.93 3.91 6.10
CA VAL A 51 -1.87 4.97 5.76
C VAL A 51 -1.56 6.24 6.54
N LEU A 52 -1.41 7.34 5.81
CA LEU A 52 -1.10 8.63 6.43
C LEU A 52 -2.39 9.36 6.81
N TYR A 53 -2.54 9.64 8.10
CA TYR A 53 -3.72 10.34 8.60
C TYR A 53 -3.39 11.15 9.84
N ARG A 54 -3.70 12.45 9.80
CA ARG A 54 -3.45 13.33 10.92
C ARG A 54 -1.97 13.29 11.32
N ASN A 55 -1.08 13.43 10.34
CA ASN A 55 0.35 13.40 10.58
C ASN A 55 0.74 12.13 11.32
N CYS A 56 0.04 11.04 11.04
CA CYS A 56 0.32 9.76 11.67
C CYS A 56 0.30 8.63 10.65
N VAL A 57 1.16 7.63 10.86
CA VAL A 57 1.23 6.49 9.95
C VAL A 57 0.66 5.24 10.60
N TYR A 58 -0.24 4.57 9.88
CA TYR A 58 -0.88 3.35 10.38
C TYR A 58 -0.41 2.13 9.61
N THR A 59 0.55 1.41 10.17
CA THR A 59 1.09 0.22 9.52
C THR A 59 0.16 -0.97 9.71
N TYR A 60 -0.06 -1.72 8.63
CA TYR A 60 -0.94 -2.88 8.66
C TYR A 60 -0.25 -4.10 8.05
N ARG A 61 -0.19 -5.18 8.81
CA ARG A 61 0.44 -6.41 8.34
C ARG A 61 -0.49 -7.16 7.39
N ILE A 62 0.10 -7.79 6.38
CA ILE A 62 -0.68 -8.55 5.41
C ILE A 62 -0.05 -9.92 5.16
N LEU A 63 -0.65 -10.95 5.75
CA LEU A 63 -0.16 -12.31 5.61
C LEU A 63 -1.09 -13.14 4.73
N PRO A 64 -0.52 -14.02 3.90
CA PRO A 64 -1.29 -14.89 3.01
C PRO A 64 -2.07 -15.95 3.76
N ASN A 65 -3.31 -16.17 3.34
CA ASN A 65 -4.17 -17.18 3.98
C ASN A 65 -3.83 -18.58 3.47
N GLU A 66 -4.55 -19.57 3.99
CA GLU A 66 -4.34 -20.96 3.59
C GLU A 66 -4.34 -21.09 2.07
N ASP A 67 -5.24 -20.36 1.42
CA ASP A 67 -5.35 -20.39 -0.03
C ASP A 67 -4.52 -19.28 -0.67
N ASP A 68 -3.41 -18.94 -0.03
CA ASP A 68 -2.52 -17.89 -0.53
C ASP A 68 -3.33 -16.66 -0.93
N LYS A 69 -4.12 -16.15 0.01
CA LYS A 69 -4.95 -14.96 -0.24
C LYS A 69 -4.46 -13.78 0.60
N PHE A 70 -4.32 -12.63 -0.03
CA PHE A 70 -3.87 -11.43 0.65
C PHE A 70 -4.99 -10.85 1.52
N THR A 71 -4.80 -10.87 2.83
CA THR A 71 -5.78 -10.36 3.77
C THR A 71 -5.11 -9.61 4.92
N VAL A 72 -5.54 -8.37 5.14
CA VAL A 72 -4.98 -7.56 6.21
C VAL A 72 -5.50 -8.00 7.57
N GLN A 73 -4.58 -8.27 8.49
CA GLN A 73 -4.95 -8.70 9.83
C GLN A 73 -5.31 -7.51 10.71
N ALA A 74 -6.05 -6.56 10.14
CA ALA A 74 -6.46 -5.37 10.88
C ALA A 74 -6.89 -5.73 12.30
N SER A 75 -7.94 -6.53 12.40
CA SER A 75 -8.46 -6.95 13.70
C SER A 75 -9.10 -5.77 14.43
N GLU A 76 -9.89 -5.00 13.70
CA GLU A 76 -10.57 -3.83 14.28
C GLU A 76 -12.03 -4.12 14.55
N GLY A 77 -12.73 -4.62 13.52
CA GLY A 77 -14.14 -4.93 13.67
C GLY A 77 -14.42 -6.42 13.52
N VAL A 78 -15.58 -6.75 12.97
CA VAL A 78 -15.96 -8.14 12.77
C VAL A 78 -16.29 -8.42 11.31
N SER A 79 -15.25 -8.65 10.51
CA SER A 79 -15.42 -8.93 9.09
C SER A 79 -14.09 -9.29 8.45
N MET A 80 -14.09 -10.39 7.68
CA MET A 80 -12.88 -10.84 7.00
C MET A 80 -13.06 -10.81 5.49
N ARG A 81 -12.01 -10.42 4.78
CA ARG A 81 -12.06 -10.35 3.32
C ARG A 81 -10.77 -10.89 2.71
N PHE A 82 -10.91 -11.71 1.67
CA PHE A 82 -9.75 -12.28 1.00
C PHE A 82 -9.67 -11.81 -0.45
N PHE A 83 -8.45 -11.68 -0.96
CA PHE A 83 -8.23 -11.23 -2.32
C PHE A 83 -6.98 -11.89 -2.92
N THR A 84 -7.17 -12.68 -3.96
CA THR A 84 -6.07 -13.36 -4.63
C THR A 84 -5.02 -12.36 -5.11
N LYS A 85 -5.48 -11.18 -5.50
CA LYS A 85 -4.58 -10.14 -5.98
C LYS A 85 -4.33 -9.08 -4.90
N LEU A 86 -3.33 -8.24 -5.13
CA LEU A 86 -2.99 -7.19 -4.18
C LEU A 86 -3.86 -5.95 -4.40
N ASP A 87 -3.97 -5.54 -5.65
CA ASP A 87 -4.77 -4.37 -6.01
C ASP A 87 -6.24 -4.60 -5.66
N GLN A 88 -6.76 -5.76 -6.03
CA GLN A 88 -8.15 -6.10 -5.75
C GLN A 88 -8.49 -5.85 -4.29
N LEU A 89 -7.48 -5.88 -3.43
CA LEU A 89 -7.68 -5.65 -2.01
C LEU A 89 -7.73 -4.16 -1.69
N ILE A 90 -6.91 -3.38 -2.39
CA ILE A 90 -6.86 -1.94 -2.19
C ILE A 90 -8.14 -1.28 -2.69
N GLU A 91 -8.41 -1.41 -3.98
CA GLU A 91 -9.60 -0.82 -4.58
C GLU A 91 -10.80 -0.95 -3.64
N PHE A 92 -10.83 -2.03 -2.88
CA PHE A 92 -11.92 -2.27 -1.94
C PHE A 92 -11.76 -1.41 -0.69
N TYR A 93 -10.53 -1.28 -0.22
CA TYR A 93 -10.24 -0.49 0.97
C TYR A 93 -10.33 1.00 0.67
N LYS A 94 -10.66 1.32 -0.58
CA LYS A 94 -10.80 2.72 -1.00
C LYS A 94 -12.14 3.29 -0.57
N LYS A 95 -13.03 2.42 -0.11
CA LYS A 95 -14.34 2.84 0.36
C LYS A 95 -14.23 3.74 1.58
N GLU A 96 -15.38 4.17 2.10
CA GLU A 96 -15.41 5.05 3.27
C GLU A 96 -16.27 4.45 4.37
N ASN A 97 -16.87 3.30 4.09
CA ASN A 97 -17.72 2.62 5.06
C ASN A 97 -16.94 1.54 5.81
N MET A 98 -16.28 0.66 5.06
CA MET A 98 -15.50 -0.41 5.65
C MET A 98 -14.08 -0.43 5.11
N GLY A 99 -13.29 0.56 5.52
CA GLY A 99 -11.91 0.64 5.05
C GLY A 99 -10.92 0.71 6.19
N LEU A 100 -10.12 1.78 6.21
CA LEU A 100 -9.12 1.97 7.26
C LEU A 100 -9.33 3.30 7.98
N VAL A 101 -8.40 3.63 8.88
CA VAL A 101 -8.48 4.87 9.63
C VAL A 101 -9.00 6.01 8.75
N THR A 102 -8.54 6.05 7.51
CA THR A 102 -8.96 7.09 6.58
C THR A 102 -9.01 6.55 5.15
N HIS A 103 -10.18 6.71 4.51
CA HIS A 103 -10.36 6.24 3.14
C HIS A 103 -9.25 6.76 2.23
N LEU A 104 -8.60 5.86 1.51
CA LEU A 104 -7.52 6.23 0.60
C LEU A 104 -7.97 7.33 -0.36
N GLN A 105 -7.06 8.22 -0.71
CA GLN A 105 -7.36 9.32 -1.63
C GLN A 105 -6.34 9.40 -2.74
N TYR A 106 -5.06 9.39 -2.36
CA TYR A 106 -3.97 9.47 -3.33
C TYR A 106 -2.94 8.37 -3.08
N PRO A 107 -2.90 7.38 -3.98
CA PRO A 107 -1.96 6.26 -3.88
C PRO A 107 -0.51 6.68 -4.14
N VAL A 108 0.20 6.99 -3.06
CA VAL A 108 1.60 7.42 -3.17
C VAL A 108 2.31 6.66 -4.28
N PRO A 109 2.43 7.30 -5.45
CA PRO A 109 3.09 6.70 -6.61
C PRO A 109 4.60 6.58 -6.42
N LEU A 110 5.20 5.60 -7.09
CA LEU A 110 6.64 5.38 -6.99
C LEU A 110 7.40 6.67 -7.23
N GLU A 111 8.53 6.82 -6.53
CA GLU A 111 9.35 8.02 -6.66
C GLU A 111 10.67 7.70 -7.35
N GLU A 112 10.77 8.08 -8.62
CA GLU A 112 11.98 7.83 -9.40
C GLU A 112 13.17 8.60 -8.83
N GLU A 113 13.95 7.94 -7.99
CA GLU A 113 15.12 8.56 -7.38
C GLU A 113 16.41 7.91 -7.87
N ASP A 114 17.37 8.73 -8.28
CA ASP A 114 18.64 8.23 -8.78
C ASP A 114 19.48 7.67 -7.63
N THR A 115 19.41 6.35 -7.44
CA THR A 115 20.16 5.68 -6.39
C THR A 115 21.65 5.95 -6.53
N GLY A 116 22.40 5.62 -5.48
CA GLY A 116 23.84 5.84 -5.51
C GLY A 116 24.21 7.30 -5.55
N ASP A 117 25.47 7.58 -5.84
CA ASP A 117 25.96 8.96 -5.92
C ASP A 117 26.02 9.44 -7.36
N ASP A 118 26.23 10.73 -7.54
CA ASP A 118 26.31 11.32 -8.88
C ASP A 118 26.78 12.77 -8.81
N PRO A 119 27.58 13.19 -9.81
CA PRO A 119 28.11 14.55 -9.89
C PRO A 119 27.03 15.58 -10.19
N GLY A 1 6.04 -10.97 -30.59
CA GLY A 1 5.56 -9.88 -29.77
C GLY A 1 4.70 -10.36 -28.62
N SER A 2 4.77 -9.66 -27.49
CA SER A 2 4.00 -10.02 -26.31
C SER A 2 2.66 -9.30 -26.31
N SER A 3 1.58 -10.05 -26.51
CA SER A 3 0.23 -9.49 -26.53
C SER A 3 -0.20 -9.06 -25.12
N GLY A 4 -1.40 -8.50 -25.04
CA GLY A 4 -1.91 -8.06 -23.74
C GLY A 4 -2.44 -6.64 -23.78
N SER A 5 -3.39 -6.35 -22.91
CA SER A 5 -3.99 -5.02 -22.85
C SER A 5 -3.53 -4.27 -21.60
N SER A 6 -2.75 -3.21 -21.81
CA SER A 6 -2.22 -2.41 -20.71
C SER A 6 -2.64 -0.95 -20.86
N GLY A 7 -3.29 -0.42 -19.83
CA GLY A 7 -3.74 0.96 -19.86
C GLY A 7 -3.10 1.79 -18.77
N MET A 8 -3.05 1.24 -17.56
CA MET A 8 -2.47 1.94 -16.42
C MET A 8 -1.75 0.97 -15.49
N VAL A 9 -0.84 1.50 -14.68
CA VAL A 9 -0.08 0.67 -13.74
C VAL A 9 -0.10 1.28 -12.35
N PRO A 10 -0.14 0.42 -11.33
CA PRO A 10 -0.16 0.85 -9.93
C PRO A 10 1.17 1.45 -9.48
N CYS A 11 1.10 2.54 -8.73
CA CYS A 11 2.30 3.21 -8.24
C CYS A 11 2.46 3.03 -6.74
N TRP A 12 1.34 2.83 -6.05
CA TRP A 12 1.36 2.63 -4.60
C TRP A 12 2.28 1.48 -4.22
N ASN A 13 2.48 0.54 -5.16
CA ASN A 13 3.33 -0.61 -4.92
C ASN A 13 4.81 -0.23 -5.04
N HIS A 14 5.44 0.06 -3.90
CA HIS A 14 6.84 0.43 -3.89
C HIS A 14 7.74 -0.80 -3.84
N GLY A 15 7.26 -1.90 -4.42
CA GLY A 15 8.03 -3.13 -4.43
C GLY A 15 8.61 -3.47 -3.06
N ASN A 16 9.91 -3.30 -2.93
CA ASN A 16 10.59 -3.59 -1.67
C ASN A 16 11.52 -2.45 -1.27
N ILE A 17 10.98 -1.51 -0.49
CA ILE A 17 11.77 -0.36 -0.04
C ILE A 17 11.98 -0.40 1.47
N THR A 18 12.96 0.36 1.94
CA THR A 18 13.27 0.41 3.37
C THR A 18 12.14 1.07 4.14
N ARG A 19 12.00 0.69 5.41
CA ARG A 19 10.95 1.24 6.27
C ARG A 19 11.02 2.76 6.28
N SER A 20 12.21 3.29 6.52
CA SER A 20 12.41 4.73 6.58
C SER A 20 11.78 5.42 5.36
N LYS A 21 11.94 4.80 4.20
CA LYS A 21 11.38 5.33 2.96
C LYS A 21 9.85 5.40 3.03
N ALA A 22 9.23 4.26 3.32
CA ALA A 22 7.79 4.19 3.43
C ALA A 22 7.23 5.35 4.21
N GLU A 23 7.69 5.51 5.46
CA GLU A 23 7.23 6.59 6.31
C GLU A 23 7.67 7.95 5.76
N GLU A 24 8.95 8.03 5.40
CA GLU A 24 9.50 9.27 4.85
C GLU A 24 8.47 9.99 3.98
N LEU A 25 8.07 9.33 2.90
CA LEU A 25 7.09 9.90 1.97
C LEU A 25 5.90 10.48 2.74
N LEU A 26 5.11 9.59 3.34
CA LEU A 26 3.95 10.01 4.10
C LEU A 26 4.23 11.29 4.88
N SER A 27 5.12 11.19 5.87
CA SER A 27 5.48 12.34 6.69
C SER A 27 5.63 13.60 5.83
N ARG A 28 6.61 13.59 4.93
CA ARG A 28 6.85 14.72 4.06
C ARG A 28 5.54 15.27 3.49
N THR A 29 4.86 14.44 2.71
CA THR A 29 3.58 14.83 2.11
C THR A 29 2.68 15.50 3.12
N GLY A 30 2.34 14.77 4.19
CA GLY A 30 1.47 15.31 5.21
C GLY A 30 0.07 15.57 4.72
N LYS A 31 -0.58 14.53 4.21
CA LYS A 31 -1.94 14.65 3.69
C LYS A 31 -2.88 13.69 4.42
N ASP A 32 -4.15 14.08 4.51
CA ASP A 32 -5.15 13.25 5.18
C ASP A 32 -5.72 12.21 4.23
N GLY A 33 -4.83 11.51 3.52
CA GLY A 33 -5.26 10.49 2.59
C GLY A 33 -4.10 9.86 1.85
N SER A 34 -2.94 9.79 2.51
CA SER A 34 -1.75 9.20 1.91
C SER A 34 -1.60 7.74 2.30
N PHE A 35 -1.33 6.89 1.31
CA PHE A 35 -1.15 5.47 1.56
C PHE A 35 -0.18 4.85 0.56
N LEU A 36 0.26 3.64 0.84
CA LEU A 36 1.20 2.94 -0.04
C LEU A 36 1.40 1.49 0.43
N VAL A 37 2.06 0.70 -0.41
CA VAL A 37 2.33 -0.70 -0.09
C VAL A 37 3.79 -1.05 -0.35
N ARG A 38 4.36 -1.86 0.54
CA ARG A 38 5.75 -2.26 0.41
C ARG A 38 5.93 -3.73 0.81
N ALA A 39 6.98 -4.35 0.29
CA ALA A 39 7.26 -5.75 0.60
C ALA A 39 7.97 -5.90 1.93
N SER A 40 7.57 -6.90 2.72
CA SER A 40 8.16 -7.13 4.02
C SER A 40 9.45 -7.93 3.89
N GLU A 41 10.58 -7.23 3.87
CA GLU A 41 11.88 -7.87 3.74
C GLU A 41 11.98 -9.08 4.67
N SER A 42 11.48 -8.92 5.89
CA SER A 42 11.53 -10.01 6.87
C SER A 42 10.87 -11.27 6.32
N ILE A 43 9.62 -11.14 5.90
CA ILE A 43 8.87 -12.27 5.35
C ILE A 43 8.40 -11.97 3.93
N SER A 44 8.89 -12.74 2.97
CA SER A 44 8.51 -12.57 1.57
C SER A 44 7.01 -12.74 1.39
N ARG A 45 6.43 -13.70 2.11
CA ARG A 45 5.01 -13.97 2.03
C ARG A 45 4.22 -13.01 2.91
N ALA A 46 4.46 -11.71 2.72
CA ALA A 46 3.76 -10.69 3.50
C ALA A 46 4.03 -9.30 2.93
N TYR A 47 3.10 -8.39 3.18
CA TYR A 47 3.24 -7.02 2.69
C TYR A 47 2.92 -6.01 3.80
N ALA A 48 3.07 -4.73 3.48
CA ALA A 48 2.81 -3.67 4.45
C ALA A 48 2.07 -2.51 3.79
N LEU A 49 0.88 -2.20 4.29
CA LEU A 49 0.08 -1.11 3.76
C LEU A 49 0.08 0.09 4.70
N CYS A 50 0.97 1.03 4.44
CA CYS A 50 1.09 2.24 5.27
C CYS A 50 0.05 3.27 4.85
N VAL A 51 -0.57 3.89 5.84
CA VAL A 51 -1.59 4.91 5.59
C VAL A 51 -1.47 6.07 6.57
N LEU A 52 -1.11 7.25 6.06
CA LEU A 52 -0.96 8.42 6.90
C LEU A 52 -2.31 8.95 7.35
N TYR A 53 -2.37 9.47 8.57
CA TYR A 53 -3.61 10.00 9.13
C TYR A 53 -3.34 10.75 10.43
N ARG A 54 -4.05 11.86 10.63
CA ARG A 54 -3.89 12.66 11.82
C ARG A 54 -2.42 12.73 12.25
N ASN A 55 -1.55 13.05 11.31
CA ASN A 55 -0.12 13.15 11.59
C ASN A 55 0.40 11.85 12.22
N CYS A 56 0.06 10.74 11.59
CA CYS A 56 0.49 9.43 12.09
C CYS A 56 0.43 8.39 10.98
N VAL A 57 1.40 7.47 10.99
CA VAL A 57 1.46 6.41 9.99
C VAL A 57 0.78 5.14 10.48
N TYR A 58 -0.19 4.65 9.71
CA TYR A 58 -0.92 3.45 10.08
C TYR A 58 -0.46 2.26 9.24
N THR A 59 0.59 1.59 9.68
CA THR A 59 1.13 0.44 8.97
C THR A 59 0.21 -0.78 9.12
N TYR A 60 -0.43 -1.17 8.03
CA TYR A 60 -1.33 -2.32 8.04
C TYR A 60 -0.65 -3.55 7.47
N ARG A 61 0.12 -4.24 8.30
CA ARG A 61 0.82 -5.45 7.87
C ARG A 61 -0.14 -6.45 7.26
N ILE A 62 0.10 -6.79 5.99
CA ILE A 62 -0.74 -7.73 5.28
C ILE A 62 -0.15 -9.14 5.32
N LEU A 63 -0.63 -9.96 6.25
CA LEU A 63 -0.16 -11.34 6.39
C LEU A 63 -1.11 -12.32 5.72
N PRO A 64 -0.55 -13.35 5.07
CA PRO A 64 -1.33 -14.38 4.39
C PRO A 64 -2.08 -15.28 5.36
N ASN A 65 -3.41 -15.26 5.29
CA ASN A 65 -4.24 -16.07 6.17
C ASN A 65 -3.94 -17.55 5.98
N GLU A 66 -4.69 -18.39 6.69
CA GLU A 66 -4.51 -19.84 6.59
C GLU A 66 -4.58 -20.30 5.14
N ASP A 67 -5.49 -19.69 4.38
CA ASP A 67 -5.66 -20.04 2.97
C ASP A 67 -4.64 -19.33 2.11
N ASP A 68 -3.61 -18.77 2.74
CA ASP A 68 -2.55 -18.07 2.03
C ASP A 68 -3.14 -16.91 1.21
N LYS A 69 -4.25 -16.37 1.68
CA LYS A 69 -4.90 -15.25 1.00
C LYS A 69 -4.46 -13.91 1.57
N PHE A 70 -4.28 -12.93 0.70
CA PHE A 70 -3.85 -11.60 1.13
C PHE A 70 -5.00 -10.85 1.80
N THR A 71 -4.99 -10.81 3.13
CA THR A 71 -6.03 -10.13 3.88
C THR A 71 -5.42 -9.22 4.94
N VAL A 72 -5.50 -7.91 4.70
CA VAL A 72 -4.96 -6.93 5.63
C VAL A 72 -5.28 -7.30 7.07
N GLN A 73 -4.33 -7.08 7.97
CA GLN A 73 -4.53 -7.40 9.38
C GLN A 73 -5.41 -6.35 10.06
N ALA A 74 -6.63 -6.18 9.55
CA ALA A 74 -7.56 -5.22 10.11
C ALA A 74 -8.90 -5.87 10.43
N SER A 75 -9.32 -5.76 11.67
CA SER A 75 -10.59 -6.34 12.11
C SER A 75 -11.75 -5.73 11.36
N GLU A 76 -12.42 -6.54 10.53
CA GLU A 76 -13.55 -6.08 9.75
C GLU A 76 -14.85 -6.73 10.23
N GLY A 77 -14.99 -6.86 11.54
CA GLY A 77 -16.18 -7.48 12.11
C GLY A 77 -16.62 -8.71 11.34
N VAL A 78 -17.84 -8.67 10.79
CA VAL A 78 -18.37 -9.78 10.03
C VAL A 78 -17.37 -10.26 8.97
N SER A 79 -17.64 -11.44 8.41
CA SER A 79 -16.76 -12.00 7.39
C SER A 79 -16.24 -10.91 6.45
N MET A 80 -15.02 -11.10 5.96
CA MET A 80 -14.41 -10.14 5.05
C MET A 80 -13.90 -10.82 3.78
N ARG A 81 -14.12 -10.19 2.64
CA ARG A 81 -13.68 -10.75 1.37
C ARG A 81 -12.18 -11.01 1.37
N PHE A 82 -11.75 -11.96 0.55
CA PHE A 82 -10.34 -12.32 0.46
C PHE A 82 -9.82 -12.12 -0.96
N PHE A 83 -8.68 -11.44 -1.08
CA PHE A 83 -8.08 -11.17 -2.37
C PHE A 83 -6.73 -11.88 -2.50
N THR A 84 -6.31 -12.11 -3.74
CA THR A 84 -5.04 -12.78 -4.01
C THR A 84 -4.00 -11.81 -4.54
N LYS A 85 -4.46 -10.74 -5.18
CA LYS A 85 -3.58 -9.73 -5.74
C LYS A 85 -3.79 -8.38 -5.05
N LEU A 86 -2.68 -7.78 -4.60
CA LEU A 86 -2.75 -6.48 -3.93
C LEU A 86 -3.71 -5.54 -4.65
N ASP A 87 -3.38 -5.21 -5.89
CA ASP A 87 -4.21 -4.31 -6.69
C ASP A 87 -5.69 -4.65 -6.50
N GLN A 88 -6.02 -5.94 -6.61
CA GLN A 88 -7.39 -6.39 -6.46
C GLN A 88 -7.90 -6.13 -5.05
N LEU A 89 -6.99 -6.16 -4.08
CA LEU A 89 -7.34 -5.92 -2.68
C LEU A 89 -7.57 -4.44 -2.42
N ILE A 90 -6.56 -3.64 -2.73
CA ILE A 90 -6.64 -2.19 -2.53
C ILE A 90 -7.90 -1.62 -3.17
N GLU A 91 -8.07 -1.87 -4.46
CA GLU A 91 -9.24 -1.38 -5.19
C GLU A 91 -10.49 -1.46 -4.31
N PHE A 92 -10.62 -2.55 -3.57
CA PHE A 92 -11.77 -2.76 -2.70
C PHE A 92 -11.67 -1.87 -1.46
N TYR A 93 -10.50 -1.83 -0.87
CA TYR A 93 -10.27 -1.02 0.33
C TYR A 93 -10.50 0.47 0.04
N LYS A 94 -10.26 0.85 -1.21
CA LYS A 94 -10.44 2.24 -1.62
C LYS A 94 -11.77 2.80 -1.10
N LYS A 95 -12.82 1.97 -1.17
CA LYS A 95 -14.13 2.37 -0.71
C LYS A 95 -14.03 3.16 0.60
N GLU A 96 -15.12 3.87 0.92
CA GLU A 96 -15.16 4.66 2.15
C GLU A 96 -16.04 4.01 3.20
N ASN A 97 -17.24 3.60 2.80
CA ASN A 97 -18.18 2.96 3.70
C ASN A 97 -17.46 1.99 4.63
N MET A 98 -16.81 0.98 4.06
CA MET A 98 -16.09 -0.01 4.83
C MET A 98 -14.66 -0.16 4.33
N GLY A 99 -13.74 0.61 4.91
CA GLY A 99 -12.35 0.54 4.49
C GLY A 99 -11.39 0.83 5.63
N LEU A 100 -10.24 1.39 5.30
CA LEU A 100 -9.22 1.71 6.31
C LEU A 100 -9.56 3.02 7.02
N VAL A 101 -8.73 3.40 7.98
CA VAL A 101 -8.94 4.63 8.73
C VAL A 101 -9.45 5.74 7.83
N THR A 102 -8.92 5.80 6.61
CA THR A 102 -9.33 6.82 5.65
C THR A 102 -9.36 6.26 4.24
N HIS A 103 -10.48 6.48 3.54
CA HIS A 103 -10.64 6.00 2.17
C HIS A 103 -9.47 6.46 1.30
N LEU A 104 -8.79 5.50 0.68
CA LEU A 104 -7.66 5.81 -0.18
C LEU A 104 -8.00 6.93 -1.16
N GLN A 105 -7.24 8.02 -1.09
CA GLN A 105 -7.47 9.17 -1.96
C GLN A 105 -6.26 9.42 -2.84
N TYR A 106 -5.13 9.71 -2.21
CA TYR A 106 -3.89 9.99 -2.93
C TYR A 106 -2.87 8.87 -2.71
N PRO A 107 -2.83 7.92 -3.66
CA PRO A 107 -1.90 6.78 -3.59
C PRO A 107 -0.45 7.21 -3.81
N VAL A 108 0.21 7.60 -2.72
CA VAL A 108 1.61 8.03 -2.80
C VAL A 108 2.37 7.23 -3.85
N PRO A 109 2.77 7.92 -4.94
CA PRO A 109 3.52 7.30 -6.03
C PRO A 109 4.93 6.93 -5.63
N LEU A 110 5.72 6.45 -6.59
CA LEU A 110 7.09 6.05 -6.35
C LEU A 110 7.99 7.27 -6.23
N GLU A 111 9.20 7.07 -5.70
CA GLU A 111 10.16 8.16 -5.54
C GLU A 111 11.55 7.61 -5.28
N GLU A 112 12.58 8.38 -5.65
CA GLU A 112 13.96 7.97 -5.46
C GLU A 112 14.76 9.09 -4.78
N GLU A 113 15.63 8.70 -3.86
CA GLU A 113 16.46 9.65 -3.14
C GLU A 113 17.66 10.09 -3.99
N ASP A 114 18.09 11.33 -3.80
CA ASP A 114 19.22 11.86 -4.55
C ASP A 114 20.11 12.72 -3.65
N THR A 115 21.34 12.95 -4.08
CA THR A 115 22.29 13.75 -3.33
C THR A 115 22.97 14.79 -4.21
N GLY A 116 23.24 15.96 -3.64
CA GLY A 116 23.89 17.02 -4.40
C GLY A 116 23.00 18.24 -4.57
N ASP A 117 23.52 19.40 -4.19
CA ASP A 117 22.77 20.64 -4.31
C ASP A 117 23.56 21.70 -5.08
N ASP A 118 24.78 21.98 -4.62
CA ASP A 118 25.63 22.95 -5.27
C ASP A 118 25.92 22.55 -6.71
N PRO A 119 26.06 23.55 -7.60
CA PRO A 119 26.34 23.32 -9.01
C PRO A 119 27.75 22.80 -9.25
N GLY A 1 15.70 -7.91 -32.07
CA GLY A 1 14.95 -9.12 -32.35
C GLY A 1 13.72 -9.25 -31.48
N SER A 2 13.92 -9.32 -30.17
CA SER A 2 12.81 -9.46 -29.23
C SER A 2 12.57 -8.14 -28.49
N SER A 3 11.52 -7.43 -28.90
CA SER A 3 11.18 -6.15 -28.27
C SER A 3 9.90 -6.28 -27.44
N GLY A 4 10.06 -6.75 -26.21
CA GLY A 4 8.91 -6.91 -25.32
C GLY A 4 9.06 -6.12 -24.03
N SER A 5 7.97 -5.50 -23.59
CA SER A 5 7.99 -4.71 -22.36
C SER A 5 7.50 -5.54 -21.18
N SER A 6 7.52 -4.93 -20.00
CA SER A 6 7.08 -5.61 -18.78
C SER A 6 5.61 -5.32 -18.49
N GLY A 7 5.01 -6.12 -17.62
CA GLY A 7 3.62 -5.92 -17.27
C GLY A 7 3.38 -4.62 -16.53
N MET A 8 2.16 -4.10 -16.62
CA MET A 8 1.81 -2.85 -15.96
C MET A 8 1.75 -3.04 -14.45
N VAL A 9 2.45 -2.17 -13.72
CA VAL A 9 2.48 -2.23 -12.27
C VAL A 9 1.95 -0.95 -11.65
N PRO A 10 1.29 -1.08 -10.49
CA PRO A 10 0.71 0.07 -9.77
C PRO A 10 1.78 0.96 -9.17
N CYS A 11 1.40 2.20 -8.85
CA CYS A 11 2.34 3.15 -8.26
C CYS A 11 2.27 3.12 -6.73
N TRP A 12 1.46 2.21 -6.21
CA TRP A 12 1.30 2.07 -4.77
C TRP A 12 2.05 0.84 -4.25
N ASN A 13 2.71 0.14 -5.15
CA ASN A 13 3.46 -1.06 -4.79
C ASN A 13 4.97 -0.81 -4.93
N HIS A 14 5.58 -0.30 -3.88
CA HIS A 14 7.01 -0.02 -3.88
C HIS A 14 7.82 -1.32 -3.82
N GLY A 15 7.72 -2.01 -2.69
CA GLY A 15 8.45 -3.26 -2.53
C GLY A 15 9.20 -3.32 -1.21
N ASN A 16 10.47 -3.71 -1.27
CA ASN A 16 11.29 -3.82 -0.07
C ASN A 16 12.02 -2.50 0.21
N ILE A 17 11.48 -1.70 1.12
CA ILE A 17 12.08 -0.43 1.47
C ILE A 17 12.33 -0.34 2.97
N THR A 18 13.11 0.66 3.38
CA THR A 18 13.42 0.86 4.79
C THR A 18 12.37 1.74 5.45
N ARG A 19 12.06 1.43 6.71
CA ARG A 19 11.07 2.19 7.47
C ARG A 19 11.12 3.66 7.10
N SER A 20 12.29 4.28 7.24
CA SER A 20 12.47 5.68 6.92
C SER A 20 11.71 6.06 5.65
N LYS A 21 12.03 5.36 4.56
CA LYS A 21 11.38 5.62 3.28
C LYS A 21 9.87 5.65 3.43
N ALA A 22 9.28 4.50 3.74
CA ALA A 22 7.84 4.40 3.93
C ALA A 22 7.28 5.67 4.57
N GLU A 23 8.08 6.29 5.43
CA GLU A 23 7.65 7.50 6.12
C GLU A 23 7.88 8.73 5.23
N GLU A 24 9.14 9.02 4.95
CA GLU A 24 9.49 10.17 4.12
C GLU A 24 8.52 10.30 2.94
N LEU A 25 8.07 9.17 2.43
CA LEU A 25 7.14 9.16 1.31
C LEU A 25 5.78 9.73 1.72
N LEU A 26 5.33 9.37 2.92
CA LEU A 26 4.05 9.86 3.42
C LEU A 26 4.16 11.31 3.88
N SER A 27 5.24 11.62 4.60
CA SER A 27 5.45 12.96 5.10
C SER A 27 5.57 13.96 3.95
N ARG A 28 6.57 13.77 3.10
CA ARG A 28 6.78 14.65 1.96
C ARG A 28 5.46 15.05 1.31
N THR A 29 4.52 14.11 1.30
CA THR A 29 3.21 14.36 0.71
C THR A 29 2.42 15.37 1.53
N GLY A 30 2.24 15.08 2.81
CA GLY A 30 1.51 15.99 3.68
C GLY A 30 0.04 16.07 3.32
N LYS A 31 -0.48 14.99 2.75
CA LYS A 31 -1.90 14.94 2.36
C LYS A 31 -2.67 13.96 3.24
N ASP A 32 -3.74 14.44 3.84
CA ASP A 32 -4.56 13.60 4.71
C ASP A 32 -5.35 12.58 3.89
N GLY A 33 -4.70 11.46 3.59
CA GLY A 33 -5.35 10.42 2.81
C GLY A 33 -4.37 9.66 1.92
N SER A 34 -3.16 9.47 2.41
CA SER A 34 -2.13 8.76 1.65
C SER A 34 -2.08 7.29 2.05
N PHE A 35 -1.52 6.47 1.16
CA PHE A 35 -1.41 5.04 1.41
C PHE A 35 -0.44 4.38 0.43
N LEU A 36 0.23 3.34 0.89
CA LEU A 36 1.19 2.63 0.06
C LEU A 36 1.43 1.21 0.59
N VAL A 37 2.04 0.37 -0.24
CA VAL A 37 2.33 -1.00 0.14
C VAL A 37 3.83 -1.28 0.10
N ARG A 38 4.31 -2.09 1.05
CA ARG A 38 5.71 -2.44 1.12
C ARG A 38 5.90 -3.90 1.54
N ALA A 39 6.78 -4.60 0.85
CA ALA A 39 7.05 -6.00 1.15
C ALA A 39 7.67 -6.15 2.53
N SER A 40 6.86 -6.57 3.50
CA SER A 40 7.34 -6.75 4.86
C SER A 40 8.77 -7.27 4.88
N GLU A 41 9.50 -6.93 5.94
CA GLU A 41 10.89 -7.35 6.07
C GLU A 41 10.97 -8.80 6.56
N SER A 42 10.19 -9.11 7.59
CA SER A 42 10.18 -10.46 8.15
C SER A 42 9.92 -11.50 7.08
N ILE A 43 8.70 -11.50 6.55
CA ILE A 43 8.32 -12.44 5.51
C ILE A 43 7.92 -11.73 4.23
N SER A 44 8.74 -11.88 3.19
CA SER A 44 8.47 -11.24 1.89
C SER A 44 7.04 -11.51 1.45
N ARG A 45 6.62 -12.76 1.53
CA ARG A 45 5.28 -13.15 1.12
C ARG A 45 4.24 -12.18 1.68
N ALA A 46 4.46 -11.72 2.90
CA ALA A 46 3.55 -10.79 3.55
C ALA A 46 3.77 -9.36 3.04
N TYR A 47 2.85 -8.47 3.36
CA TYR A 47 2.94 -7.08 2.93
C TYR A 47 2.64 -6.14 4.10
N ALA A 48 2.67 -4.84 3.81
CA ALA A 48 2.41 -3.82 4.82
C ALA A 48 1.78 -2.59 4.21
N LEU A 49 0.47 -2.42 4.43
CA LEU A 49 -0.25 -1.27 3.89
C LEU A 49 -0.21 -0.10 4.87
N CYS A 50 0.53 0.94 4.49
CA CYS A 50 0.66 2.13 5.33
C CYS A 50 -0.41 3.16 4.99
N VAL A 51 -0.65 4.08 5.91
CA VAL A 51 -1.65 5.13 5.69
C VAL A 51 -1.35 6.35 6.56
N LEU A 52 -1.36 7.52 5.92
CA LEU A 52 -1.08 8.77 6.63
C LEU A 52 -2.37 9.38 7.18
N TYR A 53 -2.32 9.86 8.42
CA TYR A 53 -3.48 10.46 9.05
C TYR A 53 -3.09 11.16 10.35
N ARG A 54 -3.41 12.45 10.44
CA ARG A 54 -3.10 13.24 11.62
C ARG A 54 -1.59 13.25 11.87
N ASN A 55 -0.82 13.54 10.83
CA ASN A 55 0.63 13.59 10.94
C ASN A 55 1.17 12.31 11.57
N CYS A 56 0.56 11.18 11.22
CA CYS A 56 0.98 9.89 11.75
C CYS A 56 0.91 8.81 10.67
N VAL A 57 1.78 7.81 10.79
CA VAL A 57 1.82 6.72 9.82
C VAL A 57 1.26 5.44 10.44
N TYR A 58 0.18 4.93 9.85
CA TYR A 58 -0.46 3.70 10.32
C TYR A 58 -0.08 2.52 9.45
N THR A 59 0.79 1.66 9.97
CA THR A 59 1.23 0.48 9.25
C THR A 59 0.30 -0.70 9.47
N TYR A 60 -0.05 -1.39 8.39
CA TYR A 60 -0.94 -2.54 8.48
C TYR A 60 -0.31 -3.77 7.84
N ARG A 61 0.10 -4.72 8.67
CA ARG A 61 0.72 -5.95 8.20
C ARG A 61 -0.32 -6.87 7.57
N ILE A 62 0.01 -7.41 6.40
CA ILE A 62 -0.89 -8.31 5.69
C ILE A 62 -0.28 -9.69 5.54
N LEU A 63 -0.68 -10.61 6.41
CA LEU A 63 -0.18 -11.98 6.37
C LEU A 63 -0.94 -12.82 5.34
N PRO A 64 -0.22 -13.72 4.66
CA PRO A 64 -0.80 -14.59 3.65
C PRO A 64 -1.72 -15.66 4.25
N ASN A 65 -2.72 -16.08 3.49
CA ASN A 65 -3.67 -17.08 3.95
C ASN A 65 -3.35 -18.45 3.36
N GLU A 66 -4.15 -19.45 3.71
CA GLU A 66 -3.95 -20.80 3.21
C GLU A 66 -3.82 -20.81 1.69
N ASP A 67 -4.72 -20.08 1.03
CA ASP A 67 -4.71 -20.00 -0.44
C ASP A 67 -3.89 -18.80 -0.91
N ASP A 68 -2.84 -18.48 -0.16
CA ASP A 68 -1.97 -17.35 -0.50
C ASP A 68 -2.80 -16.09 -0.72
N LYS A 69 -3.88 -15.96 0.03
CA LYS A 69 -4.76 -14.79 -0.08
C LYS A 69 -4.23 -13.64 0.77
N PHE A 70 -4.43 -12.42 0.28
CA PHE A 70 -3.97 -11.22 0.99
C PHE A 70 -5.13 -10.55 1.73
N THR A 71 -5.15 -10.71 3.05
CA THR A 71 -6.20 -10.13 3.88
C THR A 71 -5.61 -9.34 5.04
N VAL A 72 -5.79 -8.02 5.00
CA VAL A 72 -5.28 -7.15 6.05
C VAL A 72 -5.83 -7.55 7.41
N GLN A 73 -4.93 -7.80 8.36
CA GLN A 73 -5.32 -8.18 9.71
C GLN A 73 -5.49 -6.96 10.61
N ALA A 74 -6.66 -6.35 10.57
CA ALA A 74 -6.94 -5.17 11.38
C ALA A 74 -7.70 -5.54 12.65
N SER A 75 -8.76 -6.32 12.48
CA SER A 75 -9.59 -6.76 13.62
C SER A 75 -10.18 -8.13 13.37
N GLU A 76 -10.25 -8.94 14.42
CA GLU A 76 -10.79 -10.29 14.32
C GLU A 76 -12.26 -10.31 14.73
N GLY A 77 -13.05 -11.12 14.03
CA GLY A 77 -14.47 -11.23 14.34
C GLY A 77 -15.34 -10.68 13.24
N VAL A 78 -14.97 -9.52 12.71
CA VAL A 78 -15.73 -8.88 11.64
C VAL A 78 -15.49 -9.57 10.31
N SER A 79 -16.54 -10.17 9.76
CA SER A 79 -16.44 -10.88 8.49
C SER A 79 -15.58 -10.09 7.50
N MET A 80 -14.30 -10.41 7.44
CA MET A 80 -13.38 -9.74 6.54
C MET A 80 -13.41 -10.37 5.14
N ARG A 81 -13.07 -9.58 4.13
CA ARG A 81 -13.06 -10.07 2.76
C ARG A 81 -11.69 -10.58 2.37
N PHE A 82 -11.62 -11.33 1.27
CA PHE A 82 -10.36 -11.88 0.79
C PHE A 82 -10.17 -11.57 -0.70
N PHE A 83 -8.91 -11.58 -1.14
CA PHE A 83 -8.59 -11.31 -2.52
C PHE A 83 -7.27 -11.97 -2.92
N THR A 84 -7.28 -12.63 -4.08
CA THR A 84 -6.08 -13.31 -4.57
C THR A 84 -5.01 -12.31 -4.99
N LYS A 85 -5.44 -11.25 -5.66
CA LYS A 85 -4.51 -10.21 -6.12
C LYS A 85 -4.51 -9.02 -5.17
N LEU A 86 -3.32 -8.50 -4.89
CA LEU A 86 -3.18 -7.36 -3.99
C LEU A 86 -3.97 -6.16 -4.51
N ASP A 87 -3.98 -5.98 -5.82
CA ASP A 87 -4.70 -4.87 -6.44
C ASP A 87 -6.19 -5.01 -6.22
N GLN A 88 -6.70 -6.23 -6.35
CA GLN A 88 -8.12 -6.49 -6.17
C GLN A 88 -8.54 -6.25 -4.72
N LEU A 89 -7.55 -6.07 -3.85
CA LEU A 89 -7.81 -5.82 -2.44
C LEU A 89 -7.79 -4.33 -2.14
N ILE A 90 -6.98 -3.58 -2.89
CA ILE A 90 -6.87 -2.15 -2.70
C ILE A 90 -8.15 -1.44 -3.14
N GLU A 91 -8.53 -1.63 -4.40
CA GLU A 91 -9.73 -1.01 -4.94
C GLU A 91 -10.92 -1.22 -3.99
N PHE A 92 -11.00 -2.39 -3.39
CA PHE A 92 -12.08 -2.71 -2.46
C PHE A 92 -11.91 -1.96 -1.14
N TYR A 93 -10.66 -1.66 -0.80
CA TYR A 93 -10.37 -0.95 0.44
C TYR A 93 -10.39 0.57 0.21
N LYS A 94 -10.27 0.97 -1.05
CA LYS A 94 -10.27 2.39 -1.39
C LYS A 94 -11.59 3.03 -1.00
N LYS A 95 -12.57 2.20 -0.62
CA LYS A 95 -13.88 2.70 -0.22
C LYS A 95 -13.95 2.86 1.30
N GLU A 96 -14.89 3.68 1.75
CA GLU A 96 -15.07 3.92 3.19
C GLU A 96 -15.13 2.60 3.95
N ASN A 97 -15.51 1.54 3.26
CA ASN A 97 -15.61 0.22 3.88
C ASN A 97 -14.26 -0.49 3.87
N MET A 98 -13.44 -0.20 4.88
CA MET A 98 -12.12 -0.82 5.00
C MET A 98 -11.54 -0.59 6.38
N GLY A 99 -11.34 -1.67 7.13
CA GLY A 99 -10.80 -1.57 8.47
C GLY A 99 -9.45 -0.86 8.48
N LEU A 100 -9.48 0.47 8.52
CA LEU A 100 -8.25 1.25 8.54
C LEU A 100 -8.47 2.60 9.22
N VAL A 101 -7.41 3.39 9.32
CA VAL A 101 -7.49 4.70 9.94
C VAL A 101 -8.28 5.67 9.07
N THR A 102 -8.14 5.53 7.76
CA THR A 102 -8.83 6.39 6.81
C THR A 102 -8.93 5.74 5.44
N HIS A 103 -9.98 6.07 4.70
CA HIS A 103 -10.18 5.53 3.37
C HIS A 103 -9.21 6.14 2.36
N LEU A 104 -8.42 5.30 1.72
CA LEU A 104 -7.44 5.77 0.73
C LEU A 104 -8.00 6.94 -0.07
N GLN A 105 -7.12 7.84 -0.47
CA GLN A 105 -7.52 9.01 -1.25
C GLN A 105 -6.63 9.17 -2.48
N TYR A 106 -5.33 9.24 -2.25
CA TYR A 106 -4.36 9.40 -3.33
C TYR A 106 -3.21 8.41 -3.19
N PRO A 107 -3.07 7.54 -4.21
CA PRO A 107 -2.01 6.52 -4.24
C PRO A 107 -0.62 7.14 -4.42
N VAL A 108 0.02 7.47 -3.31
CA VAL A 108 1.36 8.05 -3.34
C VAL A 108 2.24 7.36 -4.37
N PRO A 109 2.75 8.14 -5.34
CA PRO A 109 3.62 7.62 -6.40
C PRO A 109 4.98 7.20 -5.88
N LEU A 110 5.75 6.53 -6.73
CA LEU A 110 7.08 6.07 -6.36
C LEU A 110 8.04 7.25 -6.19
N GLU A 111 9.24 6.97 -5.69
CA GLU A 111 10.24 8.00 -5.49
C GLU A 111 11.39 7.85 -6.48
N GLU A 112 11.29 8.57 -7.60
CA GLU A 112 12.31 8.52 -8.63
C GLU A 112 12.58 9.90 -9.21
N GLU A 113 13.72 10.49 -8.86
CA GLU A 113 14.08 11.81 -9.34
C GLU A 113 15.03 11.71 -10.54
N ASP A 114 15.13 12.80 -11.30
CA ASP A 114 16.00 12.84 -12.47
C ASP A 114 16.98 14.00 -12.38
N THR A 115 18.14 13.85 -13.01
CA THR A 115 19.15 14.90 -13.01
C THR A 115 18.57 16.23 -13.44
N GLY A 116 17.82 16.22 -14.55
CA GLY A 116 17.22 17.44 -15.05
C GLY A 116 16.31 17.19 -16.23
N ASP A 117 16.83 16.52 -17.26
CA ASP A 117 16.05 16.22 -18.45
C ASP A 117 16.58 14.96 -19.13
N ASP A 118 15.72 14.32 -19.92
CA ASP A 118 16.10 13.10 -20.63
C ASP A 118 15.06 12.75 -21.70
N PRO A 119 15.52 12.58 -22.94
CA PRO A 119 14.65 12.23 -24.07
C PRO A 119 14.10 10.81 -23.96
N GLY A 1 -9.03 13.55 -18.47
CA GLY A 1 -7.88 13.63 -19.36
C GLY A 1 -7.32 12.27 -19.70
N SER A 2 -8.07 11.51 -20.50
CA SER A 2 -7.65 10.17 -20.90
C SER A 2 -6.30 10.22 -21.60
N SER A 3 -5.38 9.36 -21.16
CA SER A 3 -4.04 9.30 -21.74
C SER A 3 -4.03 8.44 -22.99
N GLY A 4 -4.58 7.23 -22.88
CA GLY A 4 -4.63 6.32 -24.01
C GLY A 4 -3.96 5.00 -23.72
N SER A 5 -4.21 4.46 -22.53
CA SER A 5 -3.63 3.19 -22.12
C SER A 5 -4.72 2.20 -21.72
N SER A 6 -4.63 0.98 -22.25
CA SER A 6 -5.60 -0.06 -21.96
C SER A 6 -5.63 -0.37 -20.47
N GLY A 7 -6.53 0.30 -19.76
CA GLY A 7 -6.65 0.08 -18.32
C GLY A 7 -5.61 0.84 -17.53
N MET A 8 -5.49 0.53 -16.24
CA MET A 8 -4.53 1.20 -15.37
C MET A 8 -3.53 0.20 -14.82
N VAL A 9 -2.48 0.71 -14.18
CA VAL A 9 -1.45 -0.14 -13.59
C VAL A 9 -1.17 0.25 -12.15
N PRO A 10 -1.05 -0.76 -11.27
CA PRO A 10 -0.78 -0.56 -9.85
C PRO A 10 0.63 -0.02 -9.59
N CYS A 11 0.73 1.29 -9.41
CA CYS A 11 2.02 1.92 -9.16
C CYS A 11 2.13 2.37 -7.70
N TRP A 12 1.65 1.52 -6.80
CA TRP A 12 1.70 1.82 -5.37
C TRP A 12 2.45 0.75 -4.61
N ASN A 13 3.24 -0.04 -5.33
CA ASN A 13 4.02 -1.12 -4.72
C ASN A 13 5.51 -0.82 -4.81
N HIS A 14 6.04 -0.14 -3.80
CA HIS A 14 7.46 0.20 -3.77
C HIS A 14 8.32 -1.05 -3.61
N GLY A 15 8.01 -1.84 -2.58
CA GLY A 15 8.76 -3.06 -2.33
C GLY A 15 9.60 -2.97 -1.07
N ASN A 16 10.76 -3.61 -1.08
CA ASN A 16 11.66 -3.60 0.06
C ASN A 16 12.29 -2.23 0.25
N ILE A 17 11.63 -1.39 1.05
CA ILE A 17 12.13 -0.05 1.32
C ILE A 17 12.33 0.18 2.81
N THR A 18 13.36 0.95 3.16
CA THR A 18 13.65 1.24 4.55
C THR A 18 12.51 2.02 5.20
N ARG A 19 12.27 1.75 6.48
CA ARG A 19 11.21 2.42 7.22
C ARG A 19 11.21 3.91 6.93
N SER A 20 12.35 4.56 7.15
CA SER A 20 12.47 5.99 6.91
C SER A 20 11.77 6.39 5.61
N LYS A 21 11.91 5.56 4.59
CA LYS A 21 11.30 5.82 3.29
C LYS A 21 9.77 5.81 3.41
N ALA A 22 9.25 4.75 4.00
CA ALA A 22 7.81 4.60 4.18
C ALA A 22 7.19 5.90 4.69
N GLU A 23 7.62 6.33 5.87
CA GLU A 23 7.11 7.55 6.48
C GLU A 23 7.52 8.77 5.67
N GLU A 24 8.81 8.84 5.34
CA GLU A 24 9.33 9.97 4.58
C GLU A 24 8.35 10.40 3.50
N LEU A 25 8.05 9.50 2.57
CA LEU A 25 7.10 9.79 1.49
C LEU A 25 5.84 10.44 2.03
N LEU A 26 5.21 9.79 3.01
CA LEU A 26 3.99 10.29 3.62
C LEU A 26 4.18 11.72 4.12
N SER A 27 5.16 11.90 5.00
CA SER A 27 5.45 13.21 5.56
C SER A 27 5.56 14.27 4.46
N ARG A 28 6.41 14.00 3.47
CA ARG A 28 6.59 14.92 2.36
C ARG A 28 5.25 15.29 1.72
N THR A 29 4.61 14.30 1.12
CA THR A 29 3.32 14.53 0.46
C THR A 29 2.48 15.51 1.25
N GLY A 30 2.39 15.32 2.57
CA GLY A 30 1.61 16.22 3.40
C GLY A 30 0.17 16.34 2.93
N LYS A 31 -0.42 15.21 2.58
CA LYS A 31 -1.81 15.20 2.12
C LYS A 31 -2.69 14.36 3.03
N ASP A 32 -4.00 14.56 2.93
CA ASP A 32 -4.95 13.82 3.75
C ASP A 32 -5.57 12.66 2.98
N GLY A 33 -4.98 11.48 3.13
CA GLY A 33 -5.49 10.31 2.43
C GLY A 33 -4.41 9.62 1.61
N SER A 34 -3.19 9.63 2.12
CA SER A 34 -2.06 9.01 1.43
C SER A 34 -1.84 7.59 1.95
N PHE A 35 -1.41 6.69 1.06
CA PHE A 35 -1.16 5.31 1.43
C PHE A 35 -0.20 4.65 0.44
N LEU A 36 0.36 3.51 0.84
CA LEU A 36 1.30 2.79 -0.01
C LEU A 36 1.45 1.35 0.45
N VAL A 37 1.95 0.49 -0.43
CA VAL A 37 2.13 -0.92 -0.11
C VAL A 37 3.60 -1.32 -0.27
N ARG A 38 4.25 -1.61 0.86
CA ARG A 38 5.65 -2.00 0.85
C ARG A 38 5.80 -3.46 1.27
N ALA A 39 6.98 -4.02 1.02
CA ALA A 39 7.26 -5.41 1.37
C ALA A 39 6.93 -5.69 2.83
N SER A 40 7.20 -6.91 3.27
CA SER A 40 6.92 -7.31 4.65
C SER A 40 8.21 -7.44 5.44
N GLU A 41 8.09 -7.88 6.69
CA GLU A 41 9.26 -8.05 7.55
C GLU A 41 9.49 -9.53 7.86
N SER A 42 10.63 -10.05 7.41
CA SER A 42 10.97 -11.45 7.64
C SER A 42 9.95 -12.37 6.99
N ILE A 43 9.31 -11.88 5.92
CA ILE A 43 8.32 -12.66 5.20
C ILE A 43 8.34 -12.33 3.71
N SER A 44 8.00 -13.33 2.89
CA SER A 44 7.99 -13.15 1.44
C SER A 44 6.56 -13.10 0.92
N ARG A 45 5.68 -13.89 1.53
CA ARG A 45 4.27 -13.94 1.14
C ARG A 45 3.44 -12.95 1.95
N ALA A 46 4.06 -11.84 2.34
CA ALA A 46 3.38 -10.83 3.13
C ALA A 46 3.66 -9.44 2.59
N TYR A 47 3.03 -8.43 3.18
CA TYR A 47 3.22 -7.04 2.76
C TYR A 47 2.93 -6.08 3.91
N ALA A 48 3.01 -4.79 3.62
CA ALA A 48 2.76 -3.76 4.62
C ALA A 48 2.14 -2.52 3.99
N LEU A 49 0.90 -2.22 4.39
CA LEU A 49 0.19 -1.06 3.86
C LEU A 49 0.33 0.14 4.80
N CYS A 50 1.15 1.11 4.40
CA CYS A 50 1.37 2.29 5.21
C CYS A 50 0.39 3.40 4.83
N VAL A 51 -0.24 4.01 5.83
CA VAL A 51 -1.21 5.07 5.60
C VAL A 51 -0.91 6.28 6.48
N LEU A 52 -1.23 7.47 5.98
CA LEU A 52 -1.01 8.70 6.73
C LEU A 52 -2.33 9.32 7.18
N TYR A 53 -2.36 9.79 8.42
CA TYR A 53 -3.56 10.40 8.97
C TYR A 53 -3.26 11.09 10.30
N ARG A 54 -3.77 12.31 10.45
CA ARG A 54 -3.56 13.08 11.66
C ARG A 54 -2.08 13.12 12.04
N ASN A 55 -1.23 13.34 11.04
CA ASN A 55 0.21 13.41 11.26
C ASN A 55 0.72 12.12 11.89
N CYS A 56 0.14 11.00 11.46
CA CYS A 56 0.53 9.68 11.99
C CYS A 56 0.68 8.67 10.86
N VAL A 57 1.43 7.61 11.12
CA VAL A 57 1.64 6.57 10.13
C VAL A 57 1.10 5.22 10.61
N TYR A 58 0.08 4.72 9.92
CA TYR A 58 -0.52 3.44 10.28
C TYR A 58 0.00 2.31 9.40
N THR A 59 1.16 1.79 9.75
CA THR A 59 1.78 0.70 8.99
C THR A 59 1.08 -0.62 9.26
N TYR A 60 0.36 -1.11 8.26
CA TYR A 60 -0.37 -2.37 8.39
C TYR A 60 0.52 -3.54 8.00
N ARG A 61 0.03 -4.76 8.27
CA ARG A 61 0.78 -5.96 7.93
C ARG A 61 -0.12 -6.97 7.22
N ILE A 62 0.11 -7.14 5.92
CA ILE A 62 -0.67 -8.08 5.13
C ILE A 62 0.02 -9.43 5.01
N LEU A 63 -0.38 -10.38 5.86
CA LEU A 63 0.20 -11.70 5.85
C LEU A 63 -0.58 -12.64 4.93
N PRO A 64 0.07 -13.75 4.55
CA PRO A 64 -0.55 -14.76 3.66
C PRO A 64 -1.68 -15.51 4.35
N ASN A 65 -2.59 -16.06 3.56
CA ASN A 65 -3.72 -16.81 4.09
C ASN A 65 -3.67 -18.27 3.65
N GLU A 66 -4.69 -19.04 4.01
CA GLU A 66 -4.75 -20.45 3.65
C GLU A 66 -4.53 -20.63 2.15
N ASP A 67 -5.40 -20.02 1.36
CA ASP A 67 -5.30 -20.12 -0.10
C ASP A 67 -4.30 -19.11 -0.65
N ASP A 68 -3.19 -18.94 0.07
CA ASP A 68 -2.15 -18.00 -0.34
C ASP A 68 -2.76 -16.67 -0.78
N LYS A 69 -3.93 -16.37 -0.26
CA LYS A 69 -4.62 -15.12 -0.60
C LYS A 69 -3.97 -13.94 0.10
N PHE A 70 -4.56 -12.76 -0.08
CA PHE A 70 -4.04 -11.54 0.54
C PHE A 70 -5.13 -10.83 1.33
N THR A 71 -4.82 -10.49 2.59
CA THR A 71 -5.76 -9.81 3.44
C THR A 71 -5.05 -9.13 4.61
N VAL A 72 -5.57 -7.97 5.01
CA VAL A 72 -4.98 -7.23 6.13
C VAL A 72 -5.44 -7.79 7.47
N GLN A 73 -4.52 -8.49 8.14
CA GLN A 73 -4.83 -9.08 9.44
C GLN A 73 -4.84 -8.02 10.54
N ALA A 74 -5.56 -6.93 10.29
CA ALA A 74 -5.66 -5.83 11.25
C ALA A 74 -6.11 -6.34 12.61
N SER A 75 -7.13 -7.21 12.61
CA SER A 75 -7.66 -7.76 13.85
C SER A 75 -8.50 -9.00 13.57
N GLU A 76 -8.53 -9.93 14.52
CA GLU A 76 -9.30 -11.15 14.37
C GLU A 76 -10.60 -11.08 15.17
N GLY A 77 -11.72 -11.06 14.45
CA GLY A 77 -13.02 -10.99 15.09
C GLY A 77 -14.14 -10.74 14.11
N VAL A 78 -14.00 -9.69 13.31
CA VAL A 78 -15.02 -9.35 12.32
C VAL A 78 -14.81 -10.12 11.02
N SER A 79 -15.78 -10.04 10.12
CA SER A 79 -15.70 -10.73 8.84
C SER A 79 -14.28 -10.66 8.27
N MET A 80 -13.94 -11.62 7.42
CA MET A 80 -12.61 -11.66 6.81
C MET A 80 -12.72 -11.78 5.30
N ARG A 81 -12.20 -10.77 4.60
CA ARG A 81 -12.23 -10.76 3.14
C ARG A 81 -10.87 -11.09 2.56
N PHE A 82 -10.79 -12.19 1.82
CA PHE A 82 -9.54 -12.62 1.20
C PHE A 82 -9.50 -12.24 -0.28
N PHE A 83 -8.50 -11.46 -0.65
CA PHE A 83 -8.34 -11.03 -2.04
C PHE A 83 -7.11 -11.67 -2.68
N THR A 84 -7.32 -12.34 -3.79
CA THR A 84 -6.22 -13.01 -4.51
C THR A 84 -5.26 -11.98 -5.11
N LYS A 85 -5.82 -10.99 -5.79
CA LYS A 85 -5.02 -9.94 -6.41
C LYS A 85 -4.74 -8.81 -5.43
N LEU A 86 -3.46 -8.51 -5.23
CA LEU A 86 -3.06 -7.45 -4.32
C LEU A 86 -3.81 -6.16 -4.64
N ASP A 87 -3.77 -5.74 -5.90
CA ASP A 87 -4.45 -4.53 -6.33
C ASP A 87 -5.90 -4.51 -5.86
N GLN A 88 -6.61 -5.61 -6.10
CA GLN A 88 -8.00 -5.71 -5.70
C GLN A 88 -8.19 -5.31 -4.25
N LEU A 89 -7.44 -5.97 -3.36
CA LEU A 89 -7.52 -5.67 -1.93
C LEU A 89 -7.54 -4.17 -1.68
N ILE A 90 -6.57 -3.47 -2.26
CA ILE A 90 -6.47 -2.02 -2.11
C ILE A 90 -7.79 -1.34 -2.48
N GLU A 91 -8.21 -1.51 -3.73
CA GLU A 91 -9.46 -0.92 -4.20
C GLU A 91 -10.59 -1.17 -3.22
N PHE A 92 -10.67 -2.40 -2.71
CA PHE A 92 -11.71 -2.77 -1.76
C PHE A 92 -11.69 -1.85 -0.55
N TYR A 93 -10.50 -1.49 -0.11
CA TYR A 93 -10.35 -0.61 1.04
C TYR A 93 -10.42 0.86 0.63
N LYS A 94 -11.34 1.16 -0.29
CA LYS A 94 -11.51 2.53 -0.76
C LYS A 94 -12.70 3.20 -0.09
N LYS A 95 -13.76 2.41 0.15
CA LYS A 95 -14.96 2.93 0.79
C LYS A 95 -14.64 3.43 2.21
N GLU A 96 -15.55 4.24 2.75
CA GLU A 96 -15.38 4.78 4.10
C GLU A 96 -16.18 3.97 5.12
N ASN A 97 -16.78 2.87 4.66
CA ASN A 97 -17.58 2.02 5.53
C ASN A 97 -16.69 1.26 6.50
N MET A 98 -16.07 1.99 7.42
CA MET A 98 -15.19 1.38 8.42
C MET A 98 -14.14 0.49 7.75
N GLY A 99 -13.39 1.09 6.82
CA GLY A 99 -12.36 0.34 6.11
C GLY A 99 -11.01 0.45 6.78
N LEU A 100 -10.35 1.60 6.58
CA LEU A 100 -9.04 1.83 7.18
C LEU A 100 -8.99 3.17 7.89
N VAL A 101 -7.90 3.41 8.61
CA VAL A 101 -7.74 4.66 9.35
C VAL A 101 -8.29 5.85 8.56
N THR A 102 -8.29 5.71 7.23
CA THR A 102 -8.78 6.77 6.36
C THR A 102 -9.00 6.25 4.94
N HIS A 103 -10.15 6.61 4.36
CA HIS A 103 -10.48 6.18 3.01
C HIS A 103 -9.38 6.58 2.03
N LEU A 104 -8.79 5.59 1.36
CA LEU A 104 -7.73 5.84 0.40
C LEU A 104 -8.17 6.85 -0.65
N GLN A 105 -7.30 7.81 -0.95
CA GLN A 105 -7.60 8.83 -1.94
C GLN A 105 -6.43 9.03 -2.90
N TYR A 106 -5.24 9.23 -2.33
CA TYR A 106 -4.04 9.44 -3.14
C TYR A 106 -3.01 8.34 -2.87
N PRO A 107 -2.95 7.35 -3.77
CA PRO A 107 -2.01 6.22 -3.65
C PRO A 107 -0.57 6.65 -3.88
N VAL A 108 0.09 7.08 -2.81
CA VAL A 108 1.47 7.52 -2.89
C VAL A 108 2.25 6.68 -3.90
N PRO A 109 2.41 7.21 -5.12
CA PRO A 109 3.13 6.53 -6.20
C PRO A 109 4.63 6.47 -5.93
N LEU A 110 5.31 5.56 -6.63
CA LEU A 110 6.75 5.39 -6.47
C LEU A 110 7.47 6.73 -6.58
N GLU A 111 8.74 6.75 -6.21
CA GLU A 111 9.54 7.97 -6.28
C GLU A 111 10.95 7.67 -6.79
N GLU A 112 11.43 8.52 -7.70
CA GLU A 112 12.76 8.34 -8.27
C GLU A 112 13.61 9.59 -8.05
N GLU A 113 14.63 9.46 -7.21
CA GLU A 113 15.52 10.58 -6.91
C GLU A 113 16.44 10.88 -8.09
N ASP A 114 16.93 12.11 -8.16
CA ASP A 114 17.81 12.53 -9.23
C ASP A 114 19.11 13.13 -8.69
N THR A 115 20.03 13.44 -9.58
CA THR A 115 21.31 14.02 -9.18
C THR A 115 21.52 15.39 -9.82
N GLY A 116 22.17 16.29 -9.09
CA GLY A 116 22.42 17.62 -9.60
C GLY A 116 22.88 18.58 -8.52
N ASP A 117 23.67 19.57 -8.91
CA ASP A 117 24.19 20.56 -7.97
C ASP A 117 23.35 21.84 -8.01
N ASP A 118 23.70 22.79 -7.15
CA ASP A 118 22.99 24.06 -7.09
C ASP A 118 23.72 25.06 -6.19
N PRO A 119 23.60 26.35 -6.54
CA PRO A 119 24.25 27.43 -5.78
C PRO A 119 23.63 27.62 -4.39
N GLY A 1 5.25 8.24 -32.04
CA GLY A 1 5.46 7.16 -31.10
C GLY A 1 4.39 6.10 -31.19
N SER A 2 4.81 4.83 -31.22
CA SER A 2 3.88 3.72 -31.32
C SER A 2 3.85 2.94 -30.01
N SER A 3 2.89 2.02 -29.90
CA SER A 3 2.74 1.20 -28.71
C SER A 3 2.23 -0.19 -29.05
N GLY A 4 2.34 -1.11 -28.11
CA GLY A 4 1.88 -2.47 -28.33
C GLY A 4 2.49 -3.46 -27.37
N SER A 5 2.18 -3.31 -26.09
CA SER A 5 2.71 -4.20 -25.06
C SER A 5 1.91 -4.08 -23.76
N SER A 6 1.95 -5.12 -22.95
CA SER A 6 1.22 -5.13 -21.68
C SER A 6 2.17 -5.42 -20.52
N GLY A 7 1.69 -5.18 -19.30
CA GLY A 7 2.51 -5.41 -18.12
C GLY A 7 2.68 -4.17 -17.28
N MET A 8 1.56 -3.66 -16.75
CA MET A 8 1.60 -2.46 -15.92
C MET A 8 1.75 -2.84 -14.45
N VAL A 9 2.52 -2.03 -13.72
CA VAL A 9 2.75 -2.27 -12.30
C VAL A 9 2.13 -1.17 -11.45
N PRO A 10 1.75 -1.52 -10.20
CA PRO A 10 1.14 -0.58 -9.26
C PRO A 10 2.14 0.47 -8.77
N CYS A 11 1.71 1.72 -8.74
CA CYS A 11 2.56 2.82 -8.29
C CYS A 11 2.46 3.00 -6.78
N TRP A 12 1.25 2.80 -6.25
CA TRP A 12 1.02 2.94 -4.82
C TRP A 12 1.82 1.93 -4.03
N ASN A 13 2.42 0.97 -4.73
CA ASN A 13 3.22 -0.07 -4.09
C ASN A 13 4.68 0.06 -4.48
N HIS A 14 5.54 0.31 -3.48
CA HIS A 14 6.97 0.45 -3.73
C HIS A 14 7.69 -0.89 -3.57
N GLY A 15 7.38 -1.60 -2.49
CA GLY A 15 8.01 -2.88 -2.24
C GLY A 15 9.52 -2.78 -2.10
N ASN A 16 10.08 -3.57 -1.20
CA ASN A 16 11.52 -3.57 -0.97
C ASN A 16 11.99 -2.18 -0.52
N ILE A 17 11.32 -1.62 0.48
CA ILE A 17 11.68 -0.31 0.99
C ILE A 17 11.78 -0.32 2.51
N THR A 18 12.69 0.49 3.05
CA THR A 18 12.89 0.57 4.48
C THR A 18 11.86 1.50 5.14
N ARG A 19 11.64 1.31 6.43
CA ARG A 19 10.68 2.12 7.16
C ARG A 19 10.82 3.60 6.79
N SER A 20 12.03 4.13 6.95
CA SER A 20 12.30 5.53 6.64
C SER A 20 11.79 5.88 5.24
N LYS A 21 12.32 5.20 4.23
CA LYS A 21 11.92 5.45 2.85
C LYS A 21 10.40 5.50 2.72
N ALA A 22 9.71 4.65 3.48
CA ALA A 22 8.26 4.60 3.47
C ALA A 22 7.66 5.86 4.07
N GLU A 23 8.29 6.36 5.14
CA GLU A 23 7.81 7.56 5.80
C GLU A 23 8.21 8.82 5.03
N GLU A 24 9.52 9.02 4.87
CA GLU A 24 10.03 10.17 4.14
C GLU A 24 9.13 10.51 2.95
N LEU A 25 8.62 9.48 2.30
CA LEU A 25 7.74 9.67 1.14
C LEU A 25 6.43 10.30 1.55
N LEU A 26 5.84 9.78 2.63
CA LEU A 26 4.57 10.29 3.13
C LEU A 26 4.73 11.70 3.69
N SER A 27 5.57 11.82 4.72
CA SER A 27 5.82 13.11 5.36
C SER A 27 5.89 14.23 4.31
N ARG A 28 6.53 13.93 3.18
CA ARG A 28 6.66 14.91 2.10
C ARG A 28 5.30 15.27 1.53
N THR A 29 4.56 14.26 1.08
CA THR A 29 3.24 14.48 0.51
C THR A 29 2.33 15.24 1.47
N GLY A 30 2.22 14.75 2.69
CA GLY A 30 1.39 15.41 3.68
C GLY A 30 -0.04 15.60 3.21
N LYS A 31 -0.70 14.49 2.87
CA LYS A 31 -2.08 14.53 2.40
C LYS A 31 -2.94 13.54 3.17
N ASP A 32 -3.48 13.98 4.31
CA ASP A 32 -4.32 13.12 5.13
C ASP A 32 -5.15 12.18 4.27
N GLY A 33 -4.65 10.97 4.08
CA GLY A 33 -5.36 9.99 3.27
C GLY A 33 -4.42 9.16 2.41
N SER A 34 -3.18 9.62 2.27
CA SER A 34 -2.20 8.93 1.45
C SER A 34 -2.05 7.47 1.91
N PHE A 35 -1.47 6.65 1.04
CA PHE A 35 -1.29 5.23 1.35
C PHE A 35 -0.31 4.60 0.37
N LEU A 36 0.48 3.65 0.85
CA LEU A 36 1.46 2.96 0.02
C LEU A 36 1.68 1.53 0.50
N VAL A 37 2.33 0.72 -0.32
CA VAL A 37 2.61 -0.67 0.02
C VAL A 37 4.10 -0.98 -0.06
N ARG A 38 4.55 -1.90 0.77
CA ARG A 38 5.96 -2.29 0.79
C ARG A 38 6.12 -3.76 1.15
N ALA A 39 7.30 -4.31 0.88
CA ALA A 39 7.58 -5.70 1.18
C ALA A 39 8.10 -5.87 2.60
N SER A 40 7.29 -6.50 3.46
CA SER A 40 7.67 -6.72 4.85
C SER A 40 8.97 -7.51 4.94
N GLU A 41 9.71 -7.29 6.02
CA GLU A 41 10.98 -7.98 6.23
C GLU A 41 10.78 -9.21 7.10
N SER A 42 10.26 -9.01 8.31
CA SER A 42 10.02 -10.10 9.24
C SER A 42 9.60 -11.36 8.50
N ILE A 43 8.44 -11.31 7.84
CA ILE A 43 7.93 -12.44 7.09
C ILE A 43 8.12 -12.24 5.59
N SER A 44 8.40 -13.33 4.88
CA SER A 44 8.60 -13.28 3.44
C SER A 44 7.28 -13.06 2.71
N ARG A 45 6.38 -14.05 2.80
CA ARG A 45 5.09 -13.97 2.16
C ARG A 45 4.17 -13.01 2.91
N ALA A 46 4.48 -11.72 2.84
CA ALA A 46 3.68 -10.70 3.50
C ALA A 46 3.93 -9.32 2.91
N TYR A 47 3.25 -8.32 3.44
CA TYR A 47 3.40 -6.95 2.96
C TYR A 47 3.04 -5.95 4.05
N ALA A 48 3.17 -4.66 3.74
CA ALA A 48 2.86 -3.60 4.69
C ALA A 48 2.17 -2.43 4.00
N LEU A 49 0.90 -2.23 4.33
CA LEU A 49 0.12 -1.14 3.74
C LEU A 49 0.09 0.08 4.66
N CYS A 50 1.02 1.00 4.45
CA CYS A 50 1.10 2.21 5.26
C CYS A 50 0.02 3.20 4.87
N VAL A 51 -0.49 3.94 5.85
CA VAL A 51 -1.54 4.93 5.60
C VAL A 51 -1.31 6.18 6.45
N LEU A 52 -1.16 7.32 5.78
CA LEU A 52 -0.95 8.59 6.46
C LEU A 52 -2.26 9.15 7.00
N TYR A 53 -2.27 9.51 8.27
CA TYR A 53 -3.47 10.06 8.91
C TYR A 53 -3.09 10.89 10.13
N ARG A 54 -3.49 12.16 10.12
CA ARG A 54 -3.21 13.06 11.22
C ARG A 54 -1.73 13.03 11.59
N ASN A 55 -0.87 13.09 10.58
CA ASN A 55 0.58 13.05 10.79
C ASN A 55 1.00 11.74 11.44
N CYS A 56 0.36 10.65 11.04
CA CYS A 56 0.67 9.33 11.58
C CYS A 56 0.70 8.28 10.48
N VAL A 57 1.61 7.32 10.60
CA VAL A 57 1.73 6.25 9.62
C VAL A 57 1.22 4.94 10.17
N TYR A 58 -0.02 4.59 9.81
CA TYR A 58 -0.63 3.36 10.27
C TYR A 58 -0.15 2.16 9.46
N THR A 59 0.93 1.53 9.92
CA THR A 59 1.49 0.39 9.22
C THR A 59 0.61 -0.85 9.40
N TYR A 60 0.08 -1.34 8.29
CA TYR A 60 -0.78 -2.52 8.30
C TYR A 60 -0.07 -3.73 7.70
N ARG A 61 0.08 -4.78 8.50
CA ARG A 61 0.73 -5.99 8.04
C ARG A 61 -0.25 -6.92 7.34
N ILE A 62 0.00 -7.21 6.07
CA ILE A 62 -0.87 -8.09 5.30
C ILE A 62 -0.36 -9.52 5.31
N LEU A 63 -1.03 -10.37 6.09
CA LEU A 63 -0.65 -11.77 6.19
C LEU A 63 -1.51 -12.64 5.28
N PRO A 64 -0.86 -13.56 4.55
CA PRO A 64 -1.55 -14.46 3.62
C PRO A 64 -2.38 -15.51 4.36
N ASN A 65 -3.49 -15.92 3.74
CA ASN A 65 -4.37 -16.91 4.33
C ASN A 65 -4.05 -18.31 3.80
N GLU A 66 -4.86 -19.29 4.20
CA GLU A 66 -4.66 -20.67 3.77
C GLU A 66 -4.61 -20.77 2.25
N ASP A 67 -5.19 -19.78 1.59
CA ASP A 67 -5.22 -19.75 0.12
C ASP A 67 -4.18 -18.78 -0.42
N ASP A 68 -3.14 -18.54 0.37
CA ASP A 68 -2.07 -17.63 -0.04
C ASP A 68 -2.64 -16.33 -0.61
N LYS A 69 -3.77 -15.90 -0.05
CA LYS A 69 -4.41 -14.67 -0.49
C LYS A 69 -3.76 -13.45 0.14
N PHE A 70 -4.34 -12.28 -0.12
CA PHE A 70 -3.81 -11.03 0.42
C PHE A 70 -4.86 -10.31 1.26
N THR A 71 -4.72 -10.39 2.58
CA THR A 71 -5.65 -9.75 3.49
C THR A 71 -4.92 -9.03 4.61
N VAL A 72 -5.47 -7.90 5.04
CA VAL A 72 -4.86 -7.12 6.12
C VAL A 72 -5.09 -7.78 7.47
N GLN A 73 -6.07 -8.68 7.54
CA GLN A 73 -6.38 -9.39 8.77
C GLN A 73 -6.68 -8.41 9.90
N ALA A 74 -7.16 -7.22 9.52
CA ALA A 74 -7.49 -6.19 10.51
C ALA A 74 -8.40 -6.75 11.59
N SER A 75 -8.56 -5.99 12.68
CA SER A 75 -9.40 -6.41 13.80
C SER A 75 -10.85 -5.99 13.57
N GLU A 76 -11.06 -4.69 13.34
CA GLU A 76 -12.40 -4.17 13.11
C GLU A 76 -13.18 -5.05 12.15
N GLY A 77 -14.46 -5.25 12.44
CA GLY A 77 -15.30 -6.07 11.59
C GLY A 77 -14.93 -7.54 11.67
N VAL A 78 -15.94 -8.39 11.88
CA VAL A 78 -15.72 -9.82 11.99
C VAL A 78 -15.58 -10.45 10.61
N SER A 79 -16.44 -10.03 9.68
CA SER A 79 -16.41 -10.57 8.33
C SER A 79 -14.98 -10.71 7.83
N MET A 80 -14.68 -11.85 7.22
CA MET A 80 -13.34 -12.11 6.69
C MET A 80 -13.38 -12.26 5.18
N ARG A 81 -12.44 -11.62 4.50
CA ARG A 81 -12.36 -11.69 3.04
C ARG A 81 -10.94 -11.99 2.58
N PHE A 82 -10.80 -12.41 1.33
CA PHE A 82 -9.49 -12.73 0.77
C PHE A 82 -9.45 -12.42 -0.72
N PHE A 83 -8.40 -11.73 -1.15
CA PHE A 83 -8.23 -11.36 -2.55
C PHE A 83 -7.02 -12.05 -3.15
N THR A 84 -7.00 -12.16 -4.47
CA THR A 84 -5.89 -12.80 -5.18
C THR A 84 -4.81 -11.79 -5.52
N LYS A 85 -5.20 -10.72 -6.20
CA LYS A 85 -4.25 -9.68 -6.59
C LYS A 85 -4.22 -8.56 -5.56
N LEU A 86 -3.01 -8.12 -5.20
CA LEU A 86 -2.83 -7.06 -4.22
C LEU A 86 -3.69 -5.84 -4.57
N ASP A 87 -3.62 -5.43 -5.83
CA ASP A 87 -4.40 -4.28 -6.30
C ASP A 87 -5.88 -4.47 -6.01
N GLN A 88 -6.43 -5.57 -6.47
CA GLN A 88 -7.85 -5.87 -6.26
C GLN A 88 -8.27 -5.52 -4.84
N LEU A 89 -7.37 -5.74 -3.89
CA LEU A 89 -7.65 -5.44 -2.49
C LEU A 89 -7.68 -3.93 -2.26
N ILE A 90 -6.69 -3.23 -2.81
CA ILE A 90 -6.61 -1.78 -2.66
C ILE A 90 -7.93 -1.12 -3.01
N GLU A 91 -8.59 -1.62 -4.06
CA GLU A 91 -9.87 -1.07 -4.49
C GLU A 91 -10.96 -1.33 -3.45
N PHE A 92 -10.92 -2.52 -2.84
CA PHE A 92 -11.90 -2.87 -1.82
C PHE A 92 -11.78 -1.98 -0.59
N TYR A 93 -10.54 -1.63 -0.26
CA TYR A 93 -10.29 -0.77 0.90
C TYR A 93 -10.32 0.70 0.51
N LYS A 94 -11.21 1.04 -0.42
CA LYS A 94 -11.36 2.42 -0.87
C LYS A 94 -12.44 3.15 -0.08
N LYS A 95 -13.47 2.41 0.33
CA LYS A 95 -14.56 2.99 1.09
C LYS A 95 -14.04 3.68 2.35
N GLU A 96 -14.94 4.36 3.06
CA GLU A 96 -14.57 5.06 4.29
C GLU A 96 -15.35 4.52 5.48
N ASN A 97 -16.60 4.14 5.24
CA ASN A 97 -17.46 3.61 6.29
C ASN A 97 -16.92 2.28 6.81
N MET A 98 -16.50 1.42 5.89
CA MET A 98 -15.96 0.11 6.25
C MET A 98 -14.58 -0.10 5.64
N GLY A 99 -13.55 0.31 6.38
CA GLY A 99 -12.18 0.16 5.90
C GLY A 99 -11.16 0.34 7.00
N LEU A 100 -10.11 1.11 6.69
CA LEU A 100 -9.05 1.36 7.67
C LEU A 100 -9.22 2.74 8.31
N VAL A 101 -8.28 3.10 9.18
CA VAL A 101 -8.33 4.39 9.86
C VAL A 101 -8.90 5.47 8.95
N THR A 102 -8.41 5.53 7.72
CA THR A 102 -8.88 6.51 6.74
C THR A 102 -8.99 5.90 5.36
N HIS A 103 -9.95 6.39 4.58
CA HIS A 103 -10.17 5.90 3.22
C HIS A 103 -9.04 6.35 2.30
N LEU A 104 -8.67 5.49 1.36
CA LEU A 104 -7.59 5.80 0.41
C LEU A 104 -7.98 6.98 -0.48
N GLN A 105 -7.32 8.11 -0.28
CA GLN A 105 -7.60 9.31 -1.07
C GLN A 105 -6.78 9.31 -2.36
N TYR A 106 -5.47 9.45 -2.22
CA TYR A 106 -4.58 9.46 -3.38
C TYR A 106 -3.46 8.44 -3.23
N PRO A 107 -3.37 7.52 -4.19
CA PRO A 107 -2.35 6.47 -4.19
C PRO A 107 -0.95 7.01 -4.46
N VAL A 108 -0.32 7.53 -3.40
CA VAL A 108 1.03 8.09 -3.52
C VAL A 108 1.87 7.30 -4.51
N PRO A 109 2.38 7.98 -5.53
CA PRO A 109 3.23 7.36 -6.56
C PRO A 109 4.59 6.94 -6.03
N LEU A 110 5.44 6.44 -6.92
CA LEU A 110 6.78 6.00 -6.53
C LEU A 110 7.76 7.16 -6.56
N GLU A 111 9.01 6.89 -6.17
CA GLU A 111 10.04 7.92 -6.15
C GLU A 111 11.12 7.62 -7.18
N GLU A 112 10.69 7.29 -8.39
CA GLU A 112 11.62 6.98 -9.48
C GLU A 112 11.53 8.02 -10.59
N GLU A 113 12.65 8.28 -11.24
CA GLU A 113 12.70 9.25 -12.33
C GLU A 113 12.99 8.56 -13.66
N ASP A 114 12.58 9.20 -14.75
CA ASP A 114 12.80 8.65 -16.09
C ASP A 114 14.09 9.20 -16.69
N THR A 115 15.03 8.30 -16.98
CA THR A 115 16.31 8.68 -17.55
C THR A 115 16.15 9.11 -19.01
N GLY A 116 15.42 8.31 -19.78
CA GLY A 116 15.20 8.62 -21.18
C GLY A 116 14.25 7.66 -21.85
N ASP A 117 14.60 7.22 -23.06
CA ASP A 117 13.77 6.28 -23.81
C ASP A 117 14.56 5.03 -24.16
N ASP A 118 14.34 3.97 -23.39
CA ASP A 118 15.03 2.70 -23.62
C ASP A 118 14.94 2.29 -25.09
N PRO A 119 16.03 1.69 -25.60
CA PRO A 119 16.11 1.25 -26.99
C PRO A 119 15.19 0.06 -27.27
N GLY A 1 4.19 0.94 -31.15
CA GLY A 1 3.64 -0.05 -30.26
C GLY A 1 2.12 0.00 -30.19
N SER A 2 1.59 -0.02 -28.97
CA SER A 2 0.15 0.02 -28.77
C SER A 2 -0.24 1.14 -27.82
N SER A 3 -1.27 1.91 -28.18
CA SER A 3 -1.72 3.02 -27.35
C SER A 3 -3.25 3.08 -27.34
N GLY A 4 -3.80 3.72 -26.31
CA GLY A 4 -5.24 3.83 -26.19
C GLY A 4 -5.87 2.62 -25.53
N SER A 5 -5.78 2.56 -24.21
CA SER A 5 -6.34 1.44 -23.46
C SER A 5 -6.69 1.87 -22.04
N SER A 6 -7.96 1.69 -21.67
CA SER A 6 -8.43 2.06 -20.34
C SER A 6 -7.77 1.20 -19.27
N GLY A 7 -7.73 1.71 -18.05
CA GLY A 7 -7.13 0.97 -16.96
C GLY A 7 -5.66 1.31 -16.78
N MET A 8 -5.35 2.13 -15.79
CA MET A 8 -3.98 2.53 -15.51
C MET A 8 -3.30 1.54 -14.56
N VAL A 9 -2.03 1.29 -14.78
CA VAL A 9 -1.27 0.36 -13.95
C VAL A 9 -1.06 0.93 -12.55
N PRO A 10 -1.23 0.06 -11.53
CA PRO A 10 -1.07 0.45 -10.13
C PRO A 10 0.39 0.75 -9.77
N CYS A 11 0.61 1.93 -9.21
CA CYS A 11 1.96 2.35 -8.83
C CYS A 11 1.98 2.84 -7.38
N TRP A 12 1.27 2.14 -6.51
CA TRP A 12 1.20 2.51 -5.09
C TRP A 12 1.98 1.51 -4.24
N ASN A 13 2.57 0.51 -4.89
CA ASN A 13 3.34 -0.51 -4.19
C ASN A 13 4.81 -0.43 -4.55
N HIS A 14 5.62 0.04 -3.61
CA HIS A 14 7.06 0.16 -3.83
C HIS A 14 7.75 -1.19 -3.73
N GLY A 15 7.66 -1.81 -2.56
CA GLY A 15 8.29 -3.11 -2.36
C GLY A 15 9.78 -3.01 -2.14
N ASN A 16 10.33 -3.91 -1.33
CA ASN A 16 11.75 -3.92 -1.05
C ASN A 16 12.24 -2.52 -0.72
N ILE A 17 11.60 -1.89 0.26
CA ILE A 17 11.97 -0.54 0.67
C ILE A 17 12.15 -0.46 2.18
N THR A 18 13.02 0.45 2.63
CA THR A 18 13.26 0.62 4.06
C THR A 18 12.06 1.25 4.75
N ARG A 19 12.03 1.15 6.08
CA ARG A 19 10.93 1.70 6.87
C ARG A 19 10.93 3.23 6.79
N SER A 20 12.05 3.84 7.15
CA SER A 20 12.18 5.29 7.13
C SER A 20 11.67 5.86 5.80
N LYS A 21 11.82 5.08 4.73
CA LYS A 21 11.39 5.49 3.41
C LYS A 21 9.87 5.54 3.33
N ALA A 22 9.22 4.48 3.78
CA ALA A 22 7.77 4.40 3.76
C ALA A 22 7.15 5.55 4.55
N GLU A 23 7.94 6.16 5.43
CA GLU A 23 7.47 7.28 6.24
C GLU A 23 7.80 8.61 5.58
N GLU A 24 9.08 8.84 5.34
CA GLU A 24 9.53 10.08 4.72
C GLU A 24 8.69 10.41 3.49
N LEU A 25 8.29 9.38 2.75
CA LEU A 25 7.48 9.55 1.55
C LEU A 25 6.14 10.19 1.90
N LEU A 26 5.55 9.76 3.01
CA LEU A 26 4.26 10.29 3.44
C LEU A 26 4.44 11.64 4.12
N SER A 27 5.35 11.71 5.08
CA SER A 27 5.62 12.94 5.81
C SER A 27 5.71 14.12 4.85
N ARG A 28 6.61 14.02 3.87
CA ARG A 28 6.80 15.09 2.90
C ARG A 28 5.50 15.40 2.17
N THR A 29 4.79 14.36 1.76
CA THR A 29 3.52 14.52 1.06
C THR A 29 2.59 15.47 1.81
N GLY A 30 2.48 15.27 3.12
CA GLY A 30 1.62 16.12 3.93
C GLY A 30 0.21 16.19 3.39
N LYS A 31 -0.42 15.03 3.22
CA LYS A 31 -1.78 14.97 2.70
C LYS A 31 -2.63 13.99 3.51
N ASP A 32 -3.94 14.21 3.52
CA ASP A 32 -4.85 13.34 4.24
C ASP A 32 -5.49 12.31 3.31
N GLY A 33 -5.09 11.05 3.47
CA GLY A 33 -5.62 9.99 2.64
C GLY A 33 -4.56 9.31 1.80
N SER A 34 -3.30 9.49 2.19
CA SER A 34 -2.18 8.90 1.47
C SER A 34 -1.89 7.50 1.98
N PHE A 35 -1.38 6.65 1.09
CA PHE A 35 -1.05 5.27 1.45
C PHE A 35 -0.02 4.69 0.49
N LEU A 36 0.56 3.55 0.87
CA LEU A 36 1.56 2.89 0.04
C LEU A 36 1.80 1.46 0.52
N VAL A 37 2.24 0.60 -0.40
CA VAL A 37 2.51 -0.79 -0.08
C VAL A 37 3.99 -1.11 -0.21
N ARG A 38 4.49 -1.97 0.67
CA ARG A 38 5.90 -2.35 0.65
C ARG A 38 6.06 -3.82 1.01
N ALA A 39 7.29 -4.32 0.92
CA ALA A 39 7.59 -5.71 1.24
C ALA A 39 8.14 -5.85 2.65
N SER A 40 7.38 -6.53 3.51
CA SER A 40 7.79 -6.72 4.90
C SER A 40 9.19 -7.33 4.97
N GLU A 41 9.96 -6.90 5.97
CA GLU A 41 11.32 -7.40 6.15
C GLU A 41 11.31 -8.81 6.75
N SER A 42 10.73 -8.94 7.94
CA SER A 42 10.67 -10.23 8.62
C SER A 42 10.20 -11.32 7.66
N ILE A 43 9.04 -11.12 7.06
CA ILE A 43 8.49 -12.09 6.12
C ILE A 43 8.27 -11.46 4.75
N SER A 44 9.28 -11.53 3.89
CA SER A 44 9.21 -10.96 2.55
C SER A 44 7.91 -11.38 1.87
N ARG A 45 7.46 -12.60 2.14
CA ARG A 45 6.24 -13.13 1.55
C ARG A 45 5.05 -12.22 1.88
N ALA A 46 5.03 -11.68 3.10
CA ALA A 46 3.96 -10.81 3.52
C ALA A 46 4.13 -9.41 2.95
N TYR A 47 3.13 -8.55 3.18
CA TYR A 47 3.18 -7.18 2.68
C TYR A 47 2.91 -6.18 3.80
N ALA A 48 3.07 -4.91 3.50
CA ALA A 48 2.85 -3.85 4.48
C ALA A 48 2.18 -2.63 3.84
N LEU A 49 1.03 -2.23 4.38
CA LEU A 49 0.30 -1.08 3.86
C LEU A 49 0.32 0.07 4.86
N CYS A 50 0.97 1.17 4.47
CA CYS A 50 1.06 2.34 5.34
C CYS A 50 -0.02 3.36 4.98
N VAL A 51 -0.51 4.07 5.99
CA VAL A 51 -1.55 5.08 5.78
C VAL A 51 -1.29 6.30 6.64
N LEU A 52 -1.33 7.48 6.02
CA LEU A 52 -1.10 8.73 6.72
C LEU A 52 -2.42 9.32 7.22
N TYR A 53 -2.51 9.54 8.53
CA TYR A 53 -3.71 10.10 9.14
C TYR A 53 -3.39 10.83 10.43
N ARG A 54 -3.61 12.14 10.44
CA ARG A 54 -3.33 12.96 11.61
C ARG A 54 -1.86 12.90 11.98
N ASN A 55 -1.00 13.14 10.99
CA ASN A 55 0.44 13.12 11.22
C ASN A 55 0.87 11.82 11.91
N CYS A 56 0.28 10.71 11.49
CA CYS A 56 0.58 9.40 12.07
C CYS A 56 0.42 8.29 11.04
N VAL A 57 1.48 7.52 10.84
CA VAL A 57 1.46 6.42 9.88
C VAL A 57 0.83 5.17 10.49
N TYR A 58 -0.03 4.51 9.72
CA TYR A 58 -0.71 3.31 10.18
C TYR A 58 -0.30 2.11 9.34
N THR A 59 0.72 1.38 9.80
CA THR A 59 1.21 0.20 9.09
C THR A 59 0.24 -0.97 9.24
N TYR A 60 -0.12 -1.59 8.12
CA TYR A 60 -1.03 -2.71 8.14
C TYR A 60 -0.44 -3.90 7.38
N ARG A 61 0.36 -4.70 8.08
CA ARG A 61 0.99 -5.87 7.47
C ARG A 61 -0.06 -6.88 7.01
N ILE A 62 0.09 -7.38 5.80
CA ILE A 62 -0.85 -8.35 5.23
C ILE A 62 -0.24 -9.75 5.23
N LEU A 63 -0.77 -10.62 6.09
CA LEU A 63 -0.29 -11.99 6.18
C LEU A 63 -1.14 -12.93 5.32
N PRO A 64 -0.48 -13.91 4.70
CA PRO A 64 -1.15 -14.89 3.84
C PRO A 64 -2.02 -15.85 4.64
N ASN A 65 -3.07 -16.37 3.99
CA ASN A 65 -3.98 -17.30 4.65
C ASN A 65 -3.91 -18.67 4.00
N GLU A 66 -4.71 -19.61 4.51
CA GLU A 66 -4.73 -20.96 3.97
C GLU A 66 -4.84 -20.95 2.45
N ASP A 67 -5.52 -19.94 1.92
CA ASP A 67 -5.69 -19.81 0.48
C ASP A 67 -4.61 -18.91 -0.12
N ASP A 68 -3.46 -18.86 0.53
CA ASP A 68 -2.34 -18.04 0.06
C ASP A 68 -2.85 -16.72 -0.50
N LYS A 69 -3.97 -16.24 0.04
CA LYS A 69 -4.56 -14.98 -0.40
C LYS A 69 -4.03 -13.81 0.42
N PHE A 70 -4.12 -12.61 -0.15
CA PHE A 70 -3.65 -11.41 0.53
C PHE A 70 -4.80 -10.73 1.29
N THR A 71 -4.70 -10.74 2.61
CA THR A 71 -5.72 -10.12 3.46
C THR A 71 -5.09 -9.22 4.51
N VAL A 72 -5.66 -8.04 4.68
CA VAL A 72 -5.16 -7.07 5.67
C VAL A 72 -5.60 -7.46 7.08
N GLN A 73 -4.79 -7.10 8.06
CA GLN A 73 -5.09 -7.40 9.45
C GLN A 73 -5.31 -6.12 10.25
N ALA A 74 -6.45 -5.47 10.00
CA ALA A 74 -6.79 -4.24 10.70
C ALA A 74 -7.38 -4.52 12.07
N SER A 75 -8.54 -5.16 12.09
CA SER A 75 -9.21 -5.48 13.34
C SER A 75 -8.72 -6.82 13.88
N GLU A 76 -9.28 -7.25 15.02
CA GLU A 76 -8.90 -8.50 15.64
C GLU A 76 -9.67 -9.67 15.02
N GLY A 77 -9.58 -9.79 13.70
CA GLY A 77 -10.28 -10.86 13.00
C GLY A 77 -11.78 -10.65 12.95
N VAL A 78 -12.25 -10.11 11.84
CA VAL A 78 -13.68 -9.85 11.66
C VAL A 78 -14.05 -9.77 10.19
N SER A 79 -14.94 -10.65 9.76
CA SER A 79 -15.38 -10.68 8.37
C SER A 79 -14.21 -10.43 7.43
N MET A 80 -13.03 -10.86 7.84
CA MET A 80 -11.82 -10.69 7.03
C MET A 80 -12.06 -11.15 5.60
N ARG A 81 -12.27 -10.19 4.70
CA ARG A 81 -12.51 -10.50 3.29
C ARG A 81 -11.22 -10.90 2.60
N PHE A 82 -11.13 -12.16 2.21
CA PHE A 82 -9.94 -12.68 1.52
C PHE A 82 -9.97 -12.31 0.05
N PHE A 83 -8.91 -11.63 -0.41
CA PHE A 83 -8.81 -11.21 -1.79
C PHE A 83 -7.70 -11.98 -2.51
N THR A 84 -7.89 -12.21 -3.81
CA THR A 84 -6.91 -12.93 -4.60
C THR A 84 -5.80 -12.01 -5.09
N LYS A 85 -6.18 -10.95 -5.80
CA LYS A 85 -5.21 -9.99 -6.32
C LYS A 85 -4.95 -8.89 -5.30
N LEU A 86 -3.73 -8.36 -5.30
CA LEU A 86 -3.36 -7.29 -4.38
C LEU A 86 -4.15 -6.02 -4.67
N ASP A 87 -4.12 -5.59 -5.93
CA ASP A 87 -4.84 -4.39 -6.34
C ASP A 87 -6.32 -4.48 -5.96
N GLN A 88 -6.96 -5.57 -6.37
CA GLN A 88 -8.37 -5.77 -6.08
C GLN A 88 -8.68 -5.46 -4.62
N LEU A 89 -7.79 -5.91 -3.73
CA LEU A 89 -7.96 -5.68 -2.31
C LEU A 89 -7.91 -4.20 -1.98
N ILE A 90 -6.90 -3.52 -2.51
CA ILE A 90 -6.74 -2.09 -2.26
C ILE A 90 -7.92 -1.30 -2.82
N GLU A 91 -8.41 -1.71 -3.98
CA GLU A 91 -9.55 -1.05 -4.61
C GLU A 91 -10.79 -1.17 -3.74
N PHE A 92 -10.93 -2.31 -3.07
CA PHE A 92 -12.08 -2.55 -2.20
C PHE A 92 -12.03 -1.66 -0.96
N TYR A 93 -10.82 -1.28 -0.57
CA TYR A 93 -10.63 -0.43 0.60
C TYR A 93 -10.74 1.04 0.24
N LYS A 94 -10.90 1.31 -1.06
CA LYS A 94 -11.03 2.69 -1.55
C LYS A 94 -12.28 3.34 -0.98
N LYS A 95 -13.32 2.55 -0.78
CA LYS A 95 -14.59 3.05 -0.25
C LYS A 95 -14.34 3.87 1.02
N GLU A 96 -15.28 4.78 1.32
CA GLU A 96 -15.17 5.62 2.50
C GLU A 96 -15.11 4.77 3.77
N ASN A 97 -14.23 5.15 4.69
CA ASN A 97 -14.08 4.44 5.96
C ASN A 97 -14.28 2.93 5.75
N MET A 98 -13.91 2.45 4.56
CA MET A 98 -14.04 1.04 4.24
C MET A 98 -12.85 0.25 4.77
N GLY A 99 -12.80 0.07 6.08
CA GLY A 99 -11.70 -0.67 6.69
C GLY A 99 -10.64 0.24 7.26
N LEU A 100 -9.53 0.38 6.53
CA LEU A 100 -8.43 1.22 6.97
C LEU A 100 -8.94 2.47 7.67
N VAL A 101 -8.13 3.00 8.59
CA VAL A 101 -8.50 4.19 9.34
C VAL A 101 -9.06 5.27 8.41
N THR A 102 -8.38 5.49 7.29
CA THR A 102 -8.81 6.49 6.32
C THR A 102 -8.96 5.88 4.94
N HIS A 103 -10.05 6.23 4.26
CA HIS A 103 -10.31 5.73 2.92
C HIS A 103 -9.27 6.24 1.93
N LEU A 104 -8.53 5.32 1.32
CA LEU A 104 -7.50 5.68 0.35
C LEU A 104 -7.96 6.84 -0.53
N GLN A 105 -7.07 7.80 -0.75
CA GLN A 105 -7.39 8.96 -1.58
C GLN A 105 -6.35 9.14 -2.68
N TYR A 106 -5.10 9.31 -2.27
CA TYR A 106 -4.01 9.50 -3.24
C TYR A 106 -3.00 8.36 -3.15
N PRO A 107 -2.89 7.58 -4.24
CA PRO A 107 -1.98 6.44 -4.31
C PRO A 107 -0.51 6.88 -4.36
N VAL A 108 0.06 7.12 -3.18
CA VAL A 108 1.46 7.55 -3.10
C VAL A 108 2.31 6.88 -4.17
N PRO A 109 2.54 7.61 -5.27
CA PRO A 109 3.35 7.11 -6.39
C PRO A 109 4.82 6.98 -6.03
N LEU A 110 5.54 6.15 -6.78
CA LEU A 110 6.97 5.93 -6.54
C LEU A 110 7.73 7.25 -6.61
N GLU A 111 8.99 7.22 -6.20
CA GLU A 111 9.83 8.41 -6.22
C GLU A 111 10.65 8.47 -7.49
N GLU A 112 10.10 9.11 -8.53
CA GLU A 112 10.78 9.24 -9.81
C GLU A 112 11.12 10.70 -10.09
N GLU A 113 12.33 10.92 -10.60
CA GLU A 113 12.78 12.27 -10.92
C GLU A 113 12.55 12.59 -12.40
N ASP A 114 11.47 13.33 -12.67
CA ASP A 114 11.14 13.70 -14.04
C ASP A 114 12.21 14.60 -14.64
N THR A 115 12.07 14.91 -15.92
CA THR A 115 13.03 15.77 -16.62
C THR A 115 12.34 16.99 -17.21
N GLY A 116 11.02 16.96 -17.26
CA GLY A 116 10.27 18.07 -17.82
C GLY A 116 8.82 17.71 -18.09
N ASP A 117 8.35 18.07 -19.28
CA ASP A 117 6.97 17.79 -19.67
C ASP A 117 6.82 16.33 -20.10
N ASP A 118 6.05 15.57 -19.32
CA ASP A 118 5.82 14.17 -19.62
C ASP A 118 4.38 13.77 -19.32
N PRO A 119 3.85 12.81 -20.10
CA PRO A 119 2.48 12.33 -19.93
C PRO A 119 2.30 11.52 -18.65
N GLY A 1 14.33 -1.97 -7.58
CA GLY A 1 13.72 -2.48 -6.37
C GLY A 1 13.36 -3.94 -6.47
N SER A 2 12.56 -4.29 -7.47
CA SER A 2 12.15 -5.68 -7.67
C SER A 2 11.90 -5.97 -9.16
N SER A 3 12.11 -7.22 -9.55
CA SER A 3 11.92 -7.62 -10.93
C SER A 3 10.46 -7.98 -11.20
N GLY A 4 9.91 -7.45 -12.30
CA GLY A 4 8.53 -7.73 -12.64
C GLY A 4 8.23 -7.44 -14.10
N SER A 5 7.02 -7.78 -14.53
CA SER A 5 6.61 -7.57 -15.92
C SER A 5 6.26 -6.10 -16.16
N SER A 6 6.35 -5.68 -17.41
CA SER A 6 6.04 -4.30 -17.77
C SER A 6 4.66 -4.20 -18.41
N GLY A 7 3.67 -3.79 -17.62
CA GLY A 7 2.32 -3.66 -18.12
C GLY A 7 1.36 -3.14 -17.08
N MET A 8 0.86 -1.92 -17.30
CA MET A 8 -0.07 -1.31 -16.36
C MET A 8 0.33 -1.59 -14.92
N VAL A 9 1.59 -1.28 -14.60
CA VAL A 9 2.09 -1.51 -13.24
C VAL A 9 1.55 -0.47 -12.27
N PRO A 10 1.26 -0.90 -11.04
CA PRO A 10 0.73 -0.03 -9.99
C PRO A 10 1.77 0.98 -9.49
N CYS A 11 1.29 2.09 -8.94
CA CYS A 11 2.17 3.13 -8.43
C CYS A 11 2.29 3.05 -6.90
N TRP A 12 1.18 2.74 -6.25
CA TRP A 12 1.15 2.64 -4.80
C TRP A 12 2.03 1.49 -4.32
N ASN A 13 2.19 0.48 -5.17
CA ASN A 13 3.00 -0.68 -4.84
C ASN A 13 4.48 -0.40 -5.09
N HIS A 14 5.15 0.16 -4.09
CA HIS A 14 6.57 0.48 -4.22
C HIS A 14 7.40 -0.79 -4.36
N GLY A 15 7.42 -1.61 -3.32
CA GLY A 15 8.18 -2.85 -3.34
C GLY A 15 9.00 -3.05 -2.09
N ASN A 16 10.30 -3.28 -2.26
CA ASN A 16 11.20 -3.50 -1.12
C ASN A 16 11.85 -2.19 -0.69
N ILE A 17 11.16 -1.45 0.18
CA ILE A 17 11.68 -0.19 0.67
C ILE A 17 11.86 -0.22 2.18
N THR A 18 12.74 0.65 2.70
CA THR A 18 13.00 0.72 4.12
C THR A 18 12.07 1.71 4.81
N ARG A 19 11.81 1.47 6.09
CA ARG A 19 10.93 2.34 6.86
C ARG A 19 11.15 3.81 6.49
N SER A 20 12.36 4.30 6.74
CA SER A 20 12.69 5.68 6.44
C SER A 20 12.01 6.13 5.15
N LYS A 21 12.10 5.31 4.11
CA LYS A 21 11.48 5.62 2.82
C LYS A 21 9.97 5.76 2.96
N ALA A 22 9.31 4.68 3.39
CA ALA A 22 7.87 4.68 3.57
C ALA A 22 7.41 5.95 4.27
N GLU A 23 7.84 6.13 5.51
CA GLU A 23 7.47 7.30 6.29
C GLU A 23 7.85 8.58 5.56
N GLU A 24 9.13 8.72 5.23
CA GLU A 24 9.61 9.90 4.53
C GLU A 24 8.65 10.32 3.43
N LEU A 25 8.32 9.38 2.55
CA LEU A 25 7.40 9.65 1.45
C LEU A 25 6.09 10.24 1.96
N LEU A 26 5.38 9.47 2.78
CA LEU A 26 4.11 9.93 3.34
C LEU A 26 4.23 11.34 3.90
N SER A 27 5.24 11.55 4.74
CA SER A 27 5.46 12.86 5.34
C SER A 27 5.61 13.94 4.27
N ARG A 28 6.53 13.71 3.34
CA ARG A 28 6.77 14.65 2.26
C ARG A 28 5.46 15.21 1.72
N THR A 29 4.59 14.32 1.24
CA THR A 29 3.30 14.73 0.69
C THR A 29 2.52 15.58 1.69
N GLY A 30 2.45 15.10 2.93
CA GLY A 30 1.73 15.84 3.96
C GLY A 30 0.29 16.09 3.58
N LYS A 31 -0.52 15.05 3.59
CA LYS A 31 -1.94 15.17 3.25
C LYS A 31 -2.79 14.24 4.11
N ASP A 32 -4.10 14.46 4.08
CA ASP A 32 -5.03 13.64 4.86
C ASP A 32 -5.69 12.59 3.98
N GLY A 33 -4.88 11.79 3.29
CA GLY A 33 -5.41 10.76 2.42
C GLY A 33 -4.33 10.07 1.61
N SER A 34 -3.13 9.97 2.19
CA SER A 34 -2.01 9.33 1.52
C SER A 34 -1.81 7.92 2.03
N PHE A 35 -1.35 7.03 1.15
CA PHE A 35 -1.12 5.64 1.51
C PHE A 35 -0.08 5.00 0.59
N LEU A 36 0.51 3.90 1.04
CA LEU A 36 1.51 3.20 0.25
C LEU A 36 1.67 1.76 0.73
N VAL A 37 2.47 0.98 0.00
CA VAL A 37 2.70 -0.41 0.35
C VAL A 37 4.18 -0.75 0.30
N ARG A 38 4.71 -1.26 1.42
CA ARG A 38 6.11 -1.63 1.49
C ARG A 38 6.28 -3.08 1.89
N ALA A 39 7.37 -3.70 1.44
CA ALA A 39 7.64 -5.10 1.75
C ALA A 39 7.85 -5.30 3.24
N SER A 40 6.83 -5.81 3.92
CA SER A 40 6.91 -6.04 5.36
C SER A 40 8.30 -6.55 5.75
N GLU A 41 8.80 -7.52 4.99
CA GLU A 41 10.11 -8.08 5.26
C GLU A 41 10.07 -9.02 6.46
N SER A 42 9.00 -9.80 6.55
CA SER A 42 8.82 -10.74 7.65
C SER A 42 8.52 -12.14 7.14
N ILE A 43 7.60 -12.22 6.17
CA ILE A 43 7.21 -13.49 5.59
C ILE A 43 7.28 -13.45 4.06
N SER A 44 7.48 -14.61 3.46
CA SER A 44 7.57 -14.70 2.00
C SER A 44 6.41 -13.98 1.34
N ARG A 45 5.19 -14.46 1.59
CA ARG A 45 3.99 -13.85 1.02
C ARG A 45 3.38 -12.85 1.99
N ALA A 46 4.18 -11.91 2.46
CA ALA A 46 3.72 -10.89 3.38
C ALA A 46 3.91 -9.49 2.81
N TYR A 47 3.33 -8.50 3.47
CA TYR A 47 3.43 -7.11 3.02
C TYR A 47 3.01 -6.15 4.13
N ALA A 48 3.09 -4.85 3.84
CA ALA A 48 2.71 -3.83 4.81
C ALA A 48 2.11 -2.62 4.11
N LEU A 49 0.93 -2.20 4.56
CA LEU A 49 0.26 -1.04 3.98
C LEU A 49 0.27 0.14 4.94
N CYS A 50 1.06 1.15 4.62
CA CYS A 50 1.17 2.34 5.46
C CYS A 50 0.19 3.41 5.00
N VAL A 51 -0.35 4.17 5.95
CA VAL A 51 -1.30 5.22 5.64
C VAL A 51 -1.11 6.42 6.56
N LEU A 52 -1.10 7.61 5.98
CA LEU A 52 -0.92 8.84 6.75
C LEU A 52 -2.22 9.61 6.87
N TYR A 53 -2.71 9.75 8.09
CA TYR A 53 -3.96 10.46 8.34
C TYR A 53 -3.75 11.61 9.33
N ARG A 54 -3.44 11.25 10.58
CA ARG A 54 -3.21 12.24 11.62
C ARG A 54 -1.80 12.11 12.19
N ASN A 55 -0.84 12.74 11.53
CA ASN A 55 0.55 12.70 11.99
C ASN A 55 0.90 11.33 12.55
N CYS A 56 0.32 10.29 11.95
CA CYS A 56 0.57 8.92 12.38
C CYS A 56 0.51 7.95 11.20
N VAL A 57 1.59 7.21 11.01
CA VAL A 57 1.67 6.24 9.92
C VAL A 57 1.05 4.91 10.31
N TYR A 58 -0.19 4.68 9.87
CA TYR A 58 -0.90 3.44 10.18
C TYR A 58 -0.32 2.27 9.39
N THR A 59 0.76 1.70 9.92
CA THR A 59 1.42 0.57 9.26
C THR A 59 0.62 -0.73 9.48
N TYR A 60 0.00 -1.20 8.41
CA TYR A 60 -0.79 -2.43 8.48
C TYR A 60 0.05 -3.64 8.13
N ARG A 61 -0.49 -4.83 8.40
CA ARG A 61 0.21 -6.08 8.10
C ARG A 61 -0.63 -6.99 7.21
N ILE A 62 0.00 -7.58 6.21
CA ILE A 62 -0.68 -8.47 5.29
C ILE A 62 -0.04 -9.86 5.27
N LEU A 63 -0.62 -10.78 6.03
CA LEU A 63 -0.11 -12.15 6.11
C LEU A 63 -0.84 -13.06 5.12
N PRO A 64 -0.12 -14.06 4.60
CA PRO A 64 -0.69 -15.03 3.65
C PRO A 64 -1.70 -15.96 4.31
N ASN A 65 -2.97 -15.80 3.94
CA ASN A 65 -4.03 -16.63 4.50
C ASN A 65 -3.83 -18.09 4.12
N GLU A 66 -4.64 -18.97 4.70
CA GLU A 66 -4.55 -20.40 4.43
C GLU A 66 -4.24 -20.65 2.96
N ASP A 67 -5.09 -20.12 2.08
CA ASP A 67 -4.90 -20.28 0.64
C ASP A 67 -3.94 -19.24 0.10
N ASP A 68 -2.91 -18.93 0.87
CA ASP A 68 -1.91 -17.95 0.46
C ASP A 68 -2.58 -16.72 -0.14
N LYS A 69 -3.69 -16.29 0.46
CA LYS A 69 -4.43 -15.13 -0.02
C LYS A 69 -3.96 -13.86 0.69
N PHE A 70 -4.01 -12.74 -0.01
CA PHE A 70 -3.60 -11.47 0.55
C PHE A 70 -4.72 -10.84 1.36
N THR A 71 -4.49 -10.68 2.67
CA THR A 71 -5.48 -10.10 3.56
C THR A 71 -4.82 -9.25 4.64
N VAL A 72 -5.49 -8.16 5.02
CA VAL A 72 -4.96 -7.27 6.05
C VAL A 72 -5.60 -7.56 7.40
N GLN A 73 -4.76 -7.75 8.42
CA GLN A 73 -5.23 -8.04 9.76
C GLN A 73 -5.46 -6.75 10.55
N ALA A 74 -6.70 -6.28 10.55
CA ALA A 74 -7.05 -5.06 11.27
C ALA A 74 -7.87 -5.37 12.52
N SER A 75 -9.05 -5.97 12.33
CA SER A 75 -9.92 -6.30 13.43
C SER A 75 -10.79 -7.52 13.10
N GLU A 76 -10.93 -8.42 14.05
CA GLU A 76 -11.73 -9.63 13.85
C GLU A 76 -13.21 -9.30 13.87
N GLY A 77 -13.62 -8.45 14.81
CA GLY A 77 -15.02 -8.07 14.92
C GLY A 77 -15.64 -7.77 13.56
N VAL A 78 -14.91 -7.06 12.71
CA VAL A 78 -15.39 -6.72 11.39
C VAL A 78 -15.09 -7.81 10.38
N SER A 79 -16.12 -8.31 9.70
CA SER A 79 -15.96 -9.36 8.71
C SER A 79 -14.63 -9.20 7.97
N MET A 80 -14.02 -10.33 7.64
CA MET A 80 -12.74 -10.32 6.92
C MET A 80 -12.90 -10.88 5.51
N ARG A 81 -12.00 -10.50 4.62
CA ARG A 81 -12.04 -10.96 3.24
C ARG A 81 -10.65 -11.33 2.74
N PHE A 82 -10.58 -12.34 1.87
CA PHE A 82 -9.31 -12.79 1.32
C PHE A 82 -9.25 -12.53 -0.18
N PHE A 83 -8.31 -11.68 -0.59
CA PHE A 83 -8.14 -11.33 -2.00
C PHE A 83 -7.04 -12.19 -2.63
N THR A 84 -6.97 -12.15 -3.96
CA THR A 84 -5.96 -12.90 -4.68
C THR A 84 -4.82 -12.01 -5.15
N LYS A 85 -5.16 -10.86 -5.72
CA LYS A 85 -4.16 -9.91 -6.21
C LYS A 85 -4.00 -8.76 -5.22
N LEU A 86 -2.75 -8.47 -4.88
CA LEU A 86 -2.45 -7.38 -3.94
C LEU A 86 -3.26 -6.14 -4.28
N ASP A 87 -3.36 -5.84 -5.56
CA ASP A 87 -4.11 -4.67 -6.02
C ASP A 87 -5.59 -4.80 -5.64
N GLN A 88 -6.22 -5.88 -6.08
CA GLN A 88 -7.63 -6.12 -5.79
C GLN A 88 -7.96 -5.70 -4.37
N LEU A 89 -7.04 -5.93 -3.45
CA LEU A 89 -7.23 -5.57 -2.04
C LEU A 89 -7.27 -4.06 -1.87
N ILE A 90 -6.21 -3.40 -2.30
CA ILE A 90 -6.12 -1.94 -2.19
C ILE A 90 -7.41 -1.28 -2.66
N GLU A 91 -7.78 -1.54 -3.91
CA GLU A 91 -9.00 -0.96 -4.47
C GLU A 91 -10.20 -1.27 -3.59
N PHE A 92 -10.23 -2.46 -3.03
CA PHE A 92 -11.33 -2.87 -2.16
C PHE A 92 -11.38 -2.03 -0.90
N TYR A 93 -10.20 -1.64 -0.41
CA TYR A 93 -10.10 -0.83 0.80
C TYR A 93 -10.12 0.65 0.46
N LYS A 94 -10.99 1.03 -0.47
CA LYS A 94 -11.11 2.42 -0.89
C LYS A 94 -12.45 3.01 -0.46
N LYS A 95 -13.42 2.13 -0.20
CA LYS A 95 -14.74 2.56 0.22
C LYS A 95 -14.72 3.04 1.66
N GLU A 96 -15.10 4.30 1.88
CA GLU A 96 -15.12 4.87 3.21
C GLU A 96 -16.11 4.14 4.11
N ASN A 97 -16.99 3.35 3.50
CA ASN A 97 -17.98 2.59 4.24
C ASN A 97 -17.33 1.58 5.16
N MET A 98 -16.87 2.05 6.31
CA MET A 98 -16.22 1.18 7.28
C MET A 98 -14.94 0.57 6.72
N GLY A 99 -14.05 1.44 6.23
CA GLY A 99 -12.81 0.96 5.65
C GLY A 99 -11.60 1.34 6.51
N LEU A 100 -10.42 1.30 5.90
CA LEU A 100 -9.19 1.63 6.61
C LEU A 100 -9.30 3.00 7.29
N VAL A 101 -8.31 3.32 8.12
CA VAL A 101 -8.29 4.59 8.83
C VAL A 101 -8.90 5.70 7.98
N THR A 102 -8.42 5.82 6.74
CA THR A 102 -8.91 6.84 5.82
C THR A 102 -9.08 6.28 4.41
N HIS A 103 -10.18 6.65 3.77
CA HIS A 103 -10.47 6.19 2.41
C HIS A 103 -9.36 6.58 1.45
N LEU A 104 -8.58 5.61 1.01
CA LEU A 104 -7.48 5.86 0.09
C LEU A 104 -7.83 6.97 -0.90
N GLN A 105 -7.23 8.15 -0.69
CA GLN A 105 -7.50 9.29 -1.56
C GLN A 105 -6.49 9.33 -2.71
N TYR A 106 -5.24 9.65 -2.39
CA TYR A 106 -4.19 9.73 -3.39
C TYR A 106 -3.13 8.65 -3.16
N PRO A 107 -2.97 7.76 -4.14
CA PRO A 107 -2.00 6.67 -4.07
C PRO A 107 -0.56 7.17 -4.17
N VAL A 108 0.06 7.40 -3.01
CA VAL A 108 1.44 7.88 -2.96
C VAL A 108 2.28 7.24 -4.06
N PRO A 109 2.49 7.97 -5.16
CA PRO A 109 3.28 7.50 -6.30
C PRO A 109 4.76 7.39 -5.97
N LEU A 110 5.43 6.45 -6.61
CA LEU A 110 6.87 6.25 -6.38
C LEU A 110 7.60 7.59 -6.34
N GLU A 111 8.84 7.56 -5.86
CA GLU A 111 9.65 8.76 -5.75
C GLU A 111 10.73 8.79 -6.83
N GLU A 112 10.32 9.13 -8.06
CA GLU A 112 11.26 9.20 -9.17
C GLU A 112 11.30 10.60 -9.76
N GLU A 113 12.40 10.92 -10.44
CA GLU A 113 12.56 12.24 -11.05
C GLU A 113 12.16 12.21 -12.52
N ASP A 114 10.89 12.52 -12.78
CA ASP A 114 10.37 12.54 -14.14
C ASP A 114 10.92 13.73 -14.93
N THR A 115 12.14 13.59 -15.43
CA THR A 115 12.77 14.66 -16.20
C THR A 115 12.86 15.94 -15.38
N GLY A 116 13.15 15.80 -14.09
CA GLY A 116 13.27 16.96 -13.22
C GLY A 116 14.71 17.36 -12.97
N ASP A 117 14.95 18.66 -12.85
CA ASP A 117 16.30 19.18 -12.61
C ASP A 117 17.25 18.72 -13.70
N ASP A 118 16.82 18.83 -14.96
CA ASP A 118 17.65 18.43 -16.09
C ASP A 118 18.21 19.65 -16.81
N PRO A 119 19.54 19.80 -16.79
CA PRO A 119 20.22 20.92 -17.43
C PRO A 119 20.17 20.82 -18.95
N GLY A 1 9.95 -7.52 -32.67
CA GLY A 1 9.85 -6.56 -31.58
C GLY A 1 9.31 -7.19 -30.31
N SER A 2 8.93 -6.36 -29.35
CA SER A 2 8.41 -6.84 -28.08
C SER A 2 7.03 -6.24 -27.80
N SER A 3 5.99 -6.94 -28.23
CA SER A 3 4.62 -6.49 -28.03
C SER A 3 4.15 -6.79 -26.61
N GLY A 4 4.03 -5.74 -25.80
CA GLY A 4 3.59 -5.91 -24.43
C GLY A 4 2.09 -5.75 -24.28
N SER A 5 1.68 -4.87 -23.37
CA SER A 5 0.26 -4.63 -23.12
C SER A 5 -0.38 -5.82 -22.42
N SER A 6 0.35 -6.40 -21.47
CA SER A 6 -0.15 -7.55 -20.73
C SER A 6 -0.89 -7.11 -19.47
N GLY A 7 -0.32 -6.14 -18.76
CA GLY A 7 -0.94 -5.63 -17.55
C GLY A 7 -0.33 -4.33 -17.09
N MET A 8 -0.96 -3.71 -16.09
CA MET A 8 -0.48 -2.44 -15.56
C MET A 8 -0.12 -2.57 -14.08
N VAL A 9 1.14 -2.29 -13.74
CA VAL A 9 1.60 -2.38 -12.37
C VAL A 9 1.15 -1.18 -11.55
N PRO A 10 0.83 -1.42 -10.27
CA PRO A 10 0.36 -0.36 -9.36
C PRO A 10 1.48 0.61 -9.00
N CYS A 11 1.09 1.79 -8.55
CA CYS A 11 2.06 2.83 -8.16
C CYS A 11 2.18 2.92 -6.65
N TRP A 12 1.14 2.45 -5.95
CA TRP A 12 1.12 2.50 -4.50
C TRP A 12 1.89 1.32 -3.91
N ASN A 13 2.34 0.42 -4.78
CA ASN A 13 3.09 -0.76 -4.34
C ASN A 13 4.57 -0.61 -4.66
N HIS A 14 5.26 0.20 -3.86
CA HIS A 14 6.69 0.42 -4.05
C HIS A 14 7.44 -0.90 -4.13
N GLY A 15 7.39 -1.67 -3.06
CA GLY A 15 8.08 -2.95 -3.02
C GLY A 15 9.08 -3.05 -1.88
N ASN A 16 10.23 -3.65 -2.17
CA ASN A 16 11.28 -3.80 -1.16
C ASN A 16 12.01 -2.48 -0.92
N ILE A 17 11.50 -1.70 0.03
CA ILE A 17 12.11 -0.41 0.34
C ILE A 17 12.38 -0.29 1.85
N THR A 18 13.32 0.57 2.21
CA THR A 18 13.67 0.78 3.60
C THR A 18 12.58 1.55 4.33
N ARG A 19 12.57 1.45 5.65
CA ARG A 19 11.58 2.14 6.48
C ARG A 19 11.61 3.64 6.22
N SER A 20 12.74 4.27 6.54
CA SER A 20 12.91 5.70 6.36
C SER A 20 12.21 6.16 5.07
N LYS A 21 12.43 5.41 4.00
CA LYS A 21 11.83 5.74 2.71
C LYS A 21 10.31 5.75 2.80
N ALA A 22 9.75 4.72 3.41
CA ALA A 22 8.30 4.61 3.57
C ALA A 22 7.73 5.88 4.21
N GLU A 23 8.13 6.14 5.45
CA GLU A 23 7.65 7.32 6.17
C GLU A 23 7.97 8.60 5.40
N GLU A 24 9.19 8.66 4.85
CA GLU A 24 9.61 9.83 4.09
C GLU A 24 8.54 10.25 3.10
N LEU A 25 8.12 9.32 2.24
CA LEU A 25 7.10 9.59 1.25
C LEU A 25 5.85 10.20 1.88
N LEU A 26 5.23 9.44 2.78
CA LEU A 26 4.03 9.90 3.46
C LEU A 26 4.18 11.35 3.91
N SER A 27 5.13 11.60 4.79
CA SER A 27 5.38 12.95 5.29
C SER A 27 5.53 13.94 4.14
N ARG A 28 6.55 13.73 3.31
CA ARG A 28 6.81 14.60 2.18
C ARG A 28 5.51 15.09 1.56
N THR A 29 4.73 14.17 1.01
CA THR A 29 3.45 14.51 0.39
C THR A 29 2.68 15.50 1.24
N GLY A 30 2.38 15.11 2.47
CA GLY A 30 1.63 15.98 3.37
C GLY A 30 0.20 16.18 2.94
N LYS A 31 -0.55 15.07 2.87
CA LYS A 31 -1.95 15.13 2.45
C LYS A 31 -2.79 14.15 3.28
N ASP A 32 -4.06 14.51 3.48
CA ASP A 32 -4.97 13.67 4.24
C ASP A 32 -5.58 12.59 3.37
N GLY A 33 -5.08 11.36 3.51
CA GLY A 33 -5.59 10.26 2.71
C GLY A 33 -4.50 9.56 1.92
N SER A 34 -3.26 9.71 2.36
CA SER A 34 -2.12 9.09 1.69
C SER A 34 -1.89 7.68 2.20
N PHE A 35 -1.53 6.78 1.29
CA PHE A 35 -1.27 5.38 1.64
C PHE A 35 -0.30 4.74 0.66
N LEU A 36 0.36 3.67 1.11
CA LEU A 36 1.32 2.96 0.27
C LEU A 36 1.56 1.56 0.81
N VAL A 37 2.29 0.75 0.03
CA VAL A 37 2.60 -0.62 0.42
C VAL A 37 4.09 -0.91 0.23
N ARG A 38 4.60 -1.82 1.05
CA ARG A 38 6.01 -2.21 0.97
C ARG A 38 6.21 -3.64 1.43
N ALA A 39 6.85 -4.44 0.58
CA ALA A 39 7.10 -5.85 0.89
C ALA A 39 7.59 -6.00 2.33
N SER A 40 7.43 -7.20 2.86
CA SER A 40 7.85 -7.50 4.24
C SER A 40 9.03 -8.46 4.25
N GLU A 41 9.92 -8.28 5.23
CA GLU A 41 11.09 -9.13 5.36
C GLU A 41 10.93 -10.11 6.52
N SER A 42 10.62 -9.58 7.69
CA SER A 42 10.45 -10.41 8.88
C SER A 42 9.57 -11.62 8.57
N ILE A 43 8.49 -11.39 7.84
CA ILE A 43 7.58 -12.46 7.47
C ILE A 43 7.64 -12.76 5.98
N SER A 44 7.44 -14.01 5.62
CA SER A 44 7.48 -14.43 4.21
C SER A 44 6.10 -14.29 3.57
N ARG A 45 6.07 -13.75 2.36
CA ARG A 45 4.82 -13.56 1.64
C ARG A 45 3.89 -12.62 2.39
N ALA A 46 4.44 -11.50 2.84
CA ALA A 46 3.65 -10.51 3.58
C ALA A 46 3.84 -9.11 2.99
N TYR A 47 3.17 -8.14 3.59
CA TYR A 47 3.26 -6.75 3.12
C TYR A 47 2.98 -5.78 4.26
N ALA A 48 3.20 -4.50 3.99
CA ALA A 48 2.97 -3.46 4.99
C ALA A 48 2.21 -2.27 4.39
N LEU A 49 0.92 -2.20 4.67
CA LEU A 49 0.09 -1.11 4.17
C LEU A 49 0.10 0.08 5.11
N CYS A 50 0.95 1.06 4.80
CA CYS A 50 1.07 2.26 5.62
C CYS A 50 0.04 3.30 5.21
N VAL A 51 -0.39 4.12 6.17
CA VAL A 51 -1.37 5.16 5.90
C VAL A 51 -1.07 6.41 6.71
N LEU A 52 -1.29 7.58 6.10
CA LEU A 52 -1.04 8.85 6.76
C LEU A 52 -2.36 9.56 7.07
N TYR A 53 -2.58 9.83 8.36
CA TYR A 53 -3.79 10.50 8.79
C TYR A 53 -3.55 11.27 10.10
N ARG A 54 -3.90 12.55 10.10
CA ARG A 54 -3.72 13.40 11.27
C ARG A 54 -2.29 13.32 11.78
N ASN A 55 -1.33 13.37 10.86
CA ASN A 55 0.08 13.31 11.20
C ASN A 55 0.40 12.04 11.98
N CYS A 56 0.02 10.89 11.40
CA CYS A 56 0.27 9.61 12.04
C CYS A 56 0.36 8.50 11.00
N VAL A 57 1.34 7.61 11.17
CA VAL A 57 1.54 6.51 10.23
C VAL A 57 0.92 5.23 10.77
N TYR A 58 -0.02 4.67 10.01
CA TYR A 58 -0.70 3.45 10.40
C TYR A 58 -0.21 2.26 9.59
N THR A 59 0.76 1.52 10.14
CA THR A 59 1.31 0.35 9.46
C THR A 59 0.42 -0.87 9.64
N TYR A 60 -0.05 -1.42 8.53
CA TYR A 60 -0.91 -2.60 8.58
C TYR A 60 -0.24 -3.78 7.88
N ARG A 61 0.19 -4.76 8.68
CA ARG A 61 0.85 -5.95 8.15
C ARG A 61 -0.17 -6.87 7.46
N ILE A 62 0.11 -7.21 6.21
CA ILE A 62 -0.78 -8.08 5.44
C ILE A 62 -0.25 -9.51 5.42
N LEU A 63 -0.80 -10.35 6.29
CA LEU A 63 -0.38 -11.74 6.38
C LEU A 63 -1.12 -12.59 5.33
N PRO A 64 -0.39 -13.55 4.73
CA PRO A 64 -0.96 -14.44 3.72
C PRO A 64 -1.96 -15.43 4.31
N ASN A 65 -2.74 -16.05 3.44
CA ASN A 65 -3.75 -17.02 3.87
C ASN A 65 -3.42 -18.42 3.33
N GLU A 66 -4.27 -19.39 3.68
CA GLU A 66 -4.08 -20.76 3.23
C GLU A 66 -3.96 -20.82 1.71
N ASP A 67 -4.82 -20.07 1.02
CA ASP A 67 -4.82 -20.05 -0.44
C ASP A 67 -3.88 -18.95 -0.95
N ASP A 68 -2.98 -18.50 -0.10
CA ASP A 68 -2.03 -17.45 -0.47
C ASP A 68 -2.75 -16.17 -0.82
N LYS A 69 -3.91 -15.95 -0.21
CA LYS A 69 -4.70 -14.74 -0.45
C LYS A 69 -4.21 -13.58 0.41
N PHE A 70 -4.22 -12.39 -0.16
CA PHE A 70 -3.77 -11.20 0.55
C PHE A 70 -4.90 -10.64 1.44
N THR A 71 -4.62 -10.56 2.74
CA THR A 71 -5.60 -10.06 3.70
C THR A 71 -4.93 -9.26 4.81
N VAL A 72 -5.29 -7.98 4.91
CA VAL A 72 -4.72 -7.11 5.93
C VAL A 72 -5.21 -7.50 7.32
N GLN A 73 -4.32 -8.12 8.10
CA GLN A 73 -4.67 -8.55 9.44
C GLN A 73 -4.80 -7.35 10.38
N ALA A 74 -5.96 -6.71 10.36
CA ALA A 74 -6.20 -5.55 11.21
C ALA A 74 -7.01 -5.93 12.44
N SER A 75 -8.11 -6.66 12.23
CA SER A 75 -8.96 -7.08 13.32
C SER A 75 -9.93 -8.18 12.87
N GLU A 76 -10.19 -9.13 13.76
CA GLU A 76 -11.09 -10.23 13.45
C GLU A 76 -12.55 -9.79 13.50
N GLY A 77 -13.22 -9.84 12.35
CA GLY A 77 -14.62 -9.44 12.29
C GLY A 77 -15.52 -10.53 11.74
N VAL A 78 -16.77 -10.52 12.17
CA VAL A 78 -17.73 -11.52 11.71
C VAL A 78 -17.58 -11.78 10.22
N SER A 79 -17.43 -10.73 9.44
CA SER A 79 -17.27 -10.84 8.00
C SER A 79 -15.80 -11.00 7.62
N MET A 80 -15.53 -11.92 6.70
CA MET A 80 -14.17 -12.16 6.25
C MET A 80 -14.07 -12.02 4.73
N ARG A 81 -12.99 -11.37 4.27
CA ARG A 81 -12.77 -11.17 2.85
C ARG A 81 -11.34 -11.49 2.47
N PHE A 82 -11.12 -11.81 1.19
CA PHE A 82 -9.79 -12.14 0.70
C PHE A 82 -9.65 -11.81 -0.78
N PHE A 83 -8.48 -11.34 -1.17
CA PHE A 83 -8.22 -10.98 -2.57
C PHE A 83 -6.91 -11.60 -3.06
N THR A 84 -6.98 -12.26 -4.21
CA THR A 84 -5.80 -12.90 -4.78
C THR A 84 -4.82 -11.85 -5.33
N LYS A 85 -5.36 -10.74 -5.81
CA LYS A 85 -4.53 -9.66 -6.35
C LYS A 85 -4.36 -8.55 -5.33
N LEU A 86 -3.11 -8.26 -4.97
CA LEU A 86 -2.80 -7.22 -4.00
C LEU A 86 -3.62 -5.95 -4.29
N ASP A 87 -3.81 -5.66 -5.57
CA ASP A 87 -4.57 -4.50 -5.99
C ASP A 87 -6.04 -4.64 -5.61
N GLN A 88 -6.66 -5.73 -6.07
CA GLN A 88 -8.06 -5.98 -5.78
C GLN A 88 -8.40 -5.65 -4.33
N LEU A 89 -7.52 -6.04 -3.42
CA LEU A 89 -7.72 -5.79 -2.00
C LEU A 89 -7.79 -4.29 -1.72
N ILE A 90 -6.80 -3.55 -2.22
CA ILE A 90 -6.75 -2.11 -2.03
C ILE A 90 -7.93 -1.43 -2.71
N GLU A 91 -7.98 -1.53 -4.04
CA GLU A 91 -9.05 -0.92 -4.82
C GLU A 91 -10.36 -0.96 -4.04
N PHE A 92 -10.57 -2.02 -3.27
CA PHE A 92 -11.78 -2.18 -2.49
C PHE A 92 -11.80 -1.21 -1.31
N TYR A 93 -10.72 -1.21 -0.53
CA TYR A 93 -10.61 -0.34 0.62
C TYR A 93 -10.83 1.12 0.23
N LYS A 94 -10.22 1.53 -0.87
CA LYS A 94 -10.36 2.89 -1.36
C LYS A 94 -11.76 3.43 -1.10
N LYS A 95 -12.74 2.54 -1.14
CA LYS A 95 -14.14 2.92 -0.91
C LYS A 95 -14.28 3.62 0.43
N GLU A 96 -15.18 4.61 0.49
CA GLU A 96 -15.42 5.36 1.71
C GLU A 96 -15.42 4.44 2.92
N ASN A 97 -15.71 3.15 2.69
CA ASN A 97 -15.74 2.17 3.76
C ASN A 97 -14.71 2.51 4.85
N MET A 98 -15.15 3.27 5.85
CA MET A 98 -14.27 3.66 6.95
C MET A 98 -13.25 2.56 7.25
N GLY A 99 -13.74 1.44 7.75
CA GLY A 99 -12.85 0.33 8.09
C GLY A 99 -11.53 0.79 8.64
N LEU A 100 -10.54 0.95 7.77
CA LEU A 100 -9.22 1.38 8.19
C LEU A 100 -9.26 2.80 8.74
N VAL A 101 -8.09 3.34 9.09
CA VAL A 101 -7.99 4.69 9.63
C VAL A 101 -8.81 5.67 8.79
N THR A 102 -8.76 5.50 7.47
CA THR A 102 -9.49 6.37 6.56
C THR A 102 -9.48 5.82 5.14
N HIS A 103 -10.57 6.04 4.42
CA HIS A 103 -10.68 5.57 3.04
C HIS A 103 -9.55 6.10 2.18
N LEU A 104 -8.85 5.20 1.49
CA LEU A 104 -7.73 5.57 0.63
C LEU A 104 -8.18 6.57 -0.44
N GLN A 105 -7.36 7.57 -0.69
CA GLN A 105 -7.67 8.58 -1.70
C GLN A 105 -6.46 8.84 -2.60
N TYR A 106 -5.37 9.30 -2.01
CA TYR A 106 -4.15 9.59 -2.75
C TYR A 106 -3.09 8.52 -2.52
N PRO A 107 -3.03 7.56 -3.45
CA PRO A 107 -2.07 6.45 -3.36
C PRO A 107 -0.65 6.90 -3.61
N VAL A 108 0.03 7.33 -2.54
CA VAL A 108 1.40 7.80 -2.64
C VAL A 108 2.19 6.98 -3.66
N PRO A 109 2.32 7.52 -4.87
CA PRO A 109 3.05 6.85 -5.96
C PRO A 109 4.55 6.80 -5.70
N LEU A 110 5.29 6.16 -6.61
CA LEU A 110 6.74 6.04 -6.48
C LEU A 110 7.40 7.40 -6.63
N GLU A 111 8.69 7.47 -6.28
CA GLU A 111 9.44 8.71 -6.38
C GLU A 111 10.94 8.45 -6.21
N GLU A 112 11.69 8.62 -7.30
CA GLU A 112 13.13 8.41 -7.27
C GLU A 112 13.79 9.29 -6.22
N GLU A 113 15.06 9.01 -5.94
CA GLU A 113 15.81 9.78 -4.96
C GLU A 113 16.62 10.89 -5.62
N ASP A 114 16.08 12.10 -5.60
CA ASP A 114 16.75 13.25 -6.21
C ASP A 114 17.09 14.30 -5.16
N THR A 115 17.88 15.29 -5.55
CA THR A 115 18.28 16.36 -4.64
C THR A 115 18.29 17.71 -5.34
N GLY A 116 17.56 18.67 -4.77
CA GLY A 116 17.50 20.00 -5.36
C GLY A 116 16.17 20.68 -5.10
N ASP A 117 16.17 22.01 -5.22
CA ASP A 117 14.95 22.79 -4.99
C ASP A 117 14.00 22.66 -6.18
N ASP A 118 14.47 23.04 -7.36
CA ASP A 118 13.66 22.97 -8.56
C ASP A 118 14.17 21.88 -9.50
N PRO A 119 13.24 21.18 -10.16
CA PRO A 119 13.58 20.11 -11.10
C PRO A 119 14.24 20.63 -12.37
#